data_4BKT
#
_entry.id   4BKT
#
_cell.length_a   93.180
_cell.length_b   93.180
_cell.length_c   364.500
_cell.angle_alpha   90.00
_cell.angle_beta   90.00
_cell.angle_gamma   90.00
#
_symmetry.space_group_name_H-M   'P 41 2 2'
#
loop_
_entity.id
_entity.type
_entity.pdbx_description
1 polymer 'TRANSCRIPTION ELONGATION FACTOR B POLYPEPTIDE 2'
2 polymer 'TRANSCRIPTION ELONGATION FACTOR B POLYPEPTIDE 1'
3 polymer 'VON HIPPEL-LINDAU DISEASE TUMOR SUPPRESSOR'
4 non-polymer (2S,4R)-N-methyl-1-[2-(3-methyl-1,2-oxazol-5-yl)ethanoyl]-4-oxidanyl-pyrrolidine-2-carboxamide
5 non-polymer 'GLUTAMIC ACID'
6 non-polymer ARGININE
7 water water
#
loop_
_entity_poly.entity_id
_entity_poly.type
_entity_poly.pdbx_seq_one_letter_code
_entity_poly.pdbx_strand_id
1 'polypeptide(L)'
;MDVFLMIRRHKTTIFTDAKESSTVFELKRIVEGILKRPPDEQRLYKDDQLLDDGKTLGECGFTSQTARPQAPATVGLAFR
ADDTFEAL(CAS)IEPFSSPPELPDVMK
;
A,D,G,J
2 'polypeptide(L)'
;MMYVKLISSDGHEFIVKREHALTSGTIKAMLSGPGQFAENETNEVNFREIPSHVLSKVCMYFTYKVRYTNSSTEIPEFPI
APEIALELLMAANFLDC
;
B,E,H,K
3 'polypeptide(L)'
;GSMEAGRPRPVLRSVNSREPSQVIF(CAS)NRSPRVVLPVWLNFDGEPQPYPTLPPGTGRRIHSYRGHLWLFRDAGTHDG
LLVNQTELFVPSLNVDGQPIFANITLPVYTLKERCLQVVRSLVKPENYRRLDIVRSLYEDLEDHPNVQKDLERLTQERIA
HQRMGD
;
C,F,I,L
#
# COMPACT_ATOMS: atom_id res chain seq x y z
N MET A 1 -15.00 8.42 -38.29
CA MET A 1 -14.96 8.69 -36.86
C MET A 1 -15.60 10.04 -36.57
N ASP A 2 -16.54 10.05 -35.65
CA ASP A 2 -17.25 11.25 -35.24
C ASP A 2 -16.48 12.05 -34.22
N VAL A 3 -16.54 13.35 -34.36
CA VAL A 3 -15.88 14.28 -33.47
C VAL A 3 -16.98 15.19 -32.93
N PHE A 4 -16.92 15.49 -31.63
CA PHE A 4 -17.97 16.27 -30.95
C PHE A 4 -17.46 17.60 -30.55
N LEU A 5 -18.15 18.64 -31.01
CA LEU A 5 -17.72 20.02 -30.87
C LEU A 5 -18.69 21.01 -30.22
N MET A 6 -18.12 22.15 -29.83
CA MET A 6 -18.76 23.34 -29.31
C MET A 6 -18.20 24.49 -30.17
N ILE A 7 -19.02 25.06 -31.05
CA ILE A 7 -18.65 26.20 -31.88
C ILE A 7 -19.09 27.43 -31.07
N ARG A 8 -18.12 28.26 -30.65
CA ARG A 8 -18.39 29.38 -29.77
C ARG A 8 -17.98 30.74 -30.27
N ARG A 9 -18.91 31.69 -30.15
CA ARG A 9 -18.71 33.09 -30.46
C ARG A 9 -19.48 33.90 -29.44
N HIS A 10 -18.83 34.84 -28.75
CA HIS A 10 -19.45 35.72 -27.77
C HIS A 10 -20.25 34.89 -26.76
N LYS A 11 -21.60 35.03 -26.74
CA LYS A 11 -22.48 34.26 -25.85
C LYS A 11 -23.28 33.19 -26.61
N THR A 12 -22.75 32.73 -27.77
CA THR A 12 -23.37 31.69 -28.58
C THR A 12 -22.51 30.44 -28.53
N THR A 13 -23.14 29.26 -28.30
CA THR A 13 -22.50 27.93 -28.32
C THR A 13 -23.32 26.97 -29.17
N ILE A 14 -22.72 26.41 -30.23
CA ILE A 14 -23.39 25.38 -31.06
C ILE A 14 -22.79 24.03 -30.69
N PHE A 15 -23.65 23.07 -30.27
CA PHE A 15 -23.24 21.70 -30.00
C PHE A 15 -23.52 20.92 -31.28
N THR A 16 -22.47 20.39 -31.93
CA THR A 16 -22.63 19.58 -33.13
C THR A 16 -21.52 18.54 -33.24
N ASP A 17 -21.72 17.57 -34.13
CA ASP A 17 -20.74 16.53 -34.40
C ASP A 17 -20.44 16.59 -35.87
N ALA A 18 -19.27 16.09 -36.23
CA ALA A 18 -18.80 16.03 -37.61
C ALA A 18 -17.84 14.88 -37.73
N LYS A 19 -17.47 14.53 -38.95
CA LYS A 19 -16.52 13.44 -39.20
C LYS A 19 -15.11 14.00 -39.10
N GLU A 20 -14.15 13.18 -38.63
CA GLU A 20 -12.75 13.57 -38.51
C GLU A 20 -12.20 13.98 -39.90
N SER A 21 -12.70 13.30 -40.95
CA SER A 21 -12.34 13.50 -42.36
C SER A 21 -13.01 14.73 -42.99
N SER A 22 -14.04 15.31 -42.35
CA SER A 22 -14.72 16.47 -42.90
C SER A 22 -13.82 17.73 -42.81
N THR A 23 -14.05 18.73 -43.66
CA THR A 23 -13.19 19.91 -43.65
C THR A 23 -13.70 21.04 -42.81
N VAL A 24 -12.82 22.06 -42.61
CA VAL A 24 -13.10 23.31 -41.91
C VAL A 24 -14.21 24.05 -42.66
N PHE A 25 -14.14 24.02 -44.01
CA PHE A 25 -15.16 24.62 -44.87
C PHE A 25 -16.52 23.99 -44.65
N GLU A 26 -16.59 22.64 -44.62
CA GLU A 26 -17.82 21.90 -44.36
C GLU A 26 -18.45 22.28 -43.00
N LEU A 27 -17.62 22.56 -41.97
CA LEU A 27 -18.07 23.03 -40.66
C LEU A 27 -18.68 24.42 -40.80
N LYS A 28 -18.08 25.30 -41.64
CA LYS A 28 -18.58 26.64 -41.93
C LYS A 28 -19.97 26.57 -42.59
N ARG A 29 -20.20 25.55 -43.44
CA ARG A 29 -21.53 25.32 -44.06
C ARG A 29 -22.57 24.90 -43.02
N ILE A 30 -22.14 24.19 -41.95
CA ILE A 30 -23.00 23.82 -40.84
C ILE A 30 -23.39 25.09 -40.10
N VAL A 31 -22.41 25.96 -39.75
CA VAL A 31 -22.64 27.24 -39.07
C VAL A 31 -23.59 28.12 -39.89
N GLU A 32 -23.44 28.09 -41.22
CA GLU A 32 -24.27 28.85 -42.15
C GLU A 32 -25.76 28.50 -42.01
N GLY A 33 -26.07 27.20 -42.00
CA GLY A 33 -27.43 26.68 -41.84
C GLY A 33 -28.09 27.09 -40.54
N ILE A 34 -27.30 27.25 -39.48
CA ILE A 34 -27.77 27.64 -38.15
C ILE A 34 -27.81 29.17 -37.96
N LEU A 35 -26.65 29.85 -38.11
CA LEU A 35 -26.52 31.29 -37.87
C LEU A 35 -26.82 32.24 -39.02
N LYS A 36 -27.06 31.67 -40.21
CA LYS A 36 -27.40 32.38 -41.46
C LYS A 36 -26.34 33.38 -41.94
N ARG A 37 -25.06 32.99 -41.80
CA ARG A 37 -23.91 33.79 -42.24
C ARG A 37 -23.05 32.92 -43.17
N PRO A 38 -22.75 33.40 -44.40
CA PRO A 38 -21.97 32.57 -45.35
C PRO A 38 -20.54 32.26 -44.88
N PRO A 39 -19.93 31.15 -45.37
CA PRO A 39 -18.55 30.80 -44.96
C PRO A 39 -17.49 31.91 -45.13
N ASP A 40 -17.62 32.77 -46.17
CA ASP A 40 -16.69 33.88 -46.40
C ASP A 40 -16.79 34.98 -45.32
N GLU A 41 -17.89 34.98 -44.54
CA GLU A 41 -18.10 35.93 -43.44
C GLU A 41 -17.76 35.27 -42.10
N GLN A 42 -17.07 34.12 -42.16
CA GLN A 42 -16.69 33.34 -40.99
C GLN A 42 -15.22 33.01 -40.92
N ARG A 43 -14.69 32.97 -39.69
CA ARG A 43 -13.33 32.55 -39.38
C ARG A 43 -13.39 31.52 -38.25
N LEU A 44 -12.83 30.33 -38.46
CA LEU A 44 -12.79 29.28 -37.43
C LEU A 44 -11.42 29.18 -36.81
N TYR A 45 -11.38 28.92 -35.49
CA TYR A 45 -10.13 28.86 -34.70
C TYR A 45 -10.05 27.62 -33.81
N LYS A 46 -8.82 27.18 -33.52
CA LYS A 46 -8.52 26.16 -32.53
C LYS A 46 -7.62 26.96 -31.59
N ASP A 47 -8.16 27.35 -30.42
CA ASP A 47 -7.52 28.27 -29.48
C ASP A 47 -7.35 29.61 -30.23
N ASP A 48 -6.14 30.13 -30.35
CA ASP A 48 -5.88 31.39 -31.07
C ASP A 48 -5.51 31.18 -32.54
N GLN A 49 -5.33 29.94 -32.96
CA GLN A 49 -4.95 29.61 -34.32
C GLN A 49 -6.10 29.59 -35.33
N LEU A 50 -6.01 30.41 -36.36
CA LEU A 50 -6.96 30.44 -37.47
C LEU A 50 -6.80 29.14 -38.28
N LEU A 51 -7.94 28.48 -38.55
CA LEU A 51 -8.01 27.23 -39.29
C LEU A 51 -8.22 27.44 -40.77
N ASP A 52 -7.42 26.74 -41.60
CA ASP A 52 -7.54 26.78 -43.06
C ASP A 52 -8.67 25.90 -43.58
N ASP A 53 -9.48 26.43 -44.51
CA ASP A 53 -10.66 25.82 -45.13
C ASP A 53 -10.56 24.39 -45.65
N GLY A 54 -9.50 24.09 -46.39
CA GLY A 54 -9.29 22.77 -47.00
C GLY A 54 -8.74 21.72 -46.05
N LYS A 55 -8.47 22.11 -44.80
CA LYS A 55 -7.93 21.19 -43.83
C LYS A 55 -9.04 20.37 -43.16
N THR A 56 -8.79 19.07 -42.92
CA THR A 56 -9.76 18.21 -42.24
C THR A 56 -9.72 18.53 -40.74
N LEU A 57 -10.79 18.18 -40.02
CA LEU A 57 -10.90 18.39 -38.59
C LEU A 57 -9.85 17.64 -37.80
N GLY A 58 -9.51 16.42 -38.28
CA GLY A 58 -8.46 15.58 -37.75
C GLY A 58 -7.11 16.26 -37.82
N GLU A 59 -6.79 16.86 -39.00
CA GLU A 59 -5.55 17.64 -39.26
C GLU A 59 -5.48 18.89 -38.39
N CYS A 60 -6.62 19.44 -38.00
CA CYS A 60 -6.76 20.61 -37.14
C CYS A 60 -6.70 20.22 -35.66
N GLY A 61 -6.57 18.93 -35.36
CA GLY A 61 -6.46 18.44 -34.01
C GLY A 61 -7.74 17.97 -33.34
N PHE A 62 -8.86 17.88 -34.09
CA PHE A 62 -10.13 17.39 -33.55
C PHE A 62 -10.19 15.91 -33.86
N THR A 63 -9.88 15.11 -32.85
CA THR A 63 -9.84 13.65 -32.96
C THR A 63 -10.89 13.06 -32.03
N SER A 64 -11.14 11.76 -32.18
CA SER A 64 -12.10 11.06 -31.34
C SER A 64 -11.61 11.04 -29.90
N GLN A 65 -10.30 11.05 -29.72
CA GLN A 65 -9.65 11.04 -28.42
C GLN A 65 -9.88 12.34 -27.66
N THR A 66 -9.97 13.47 -28.36
CA THR A 66 -10.07 14.80 -27.75
C THR A 66 -11.36 15.54 -27.95
N ALA A 67 -12.21 15.07 -28.84
CA ALA A 67 -13.46 15.76 -29.15
C ALA A 67 -14.62 14.75 -28.89
N ARG A 68 -14.83 14.49 -27.59
CA ARG A 68 -15.75 13.47 -27.04
C ARG A 68 -17.16 13.96 -26.76
N PRO A 69 -18.20 13.10 -26.81
CA PRO A 69 -19.58 13.57 -26.48
C PRO A 69 -19.73 14.28 -25.13
N GLN A 70 -19.15 13.69 -24.07
CA GLN A 70 -19.19 14.23 -22.70
C GLN A 70 -18.17 15.32 -22.39
N ALA A 71 -17.26 15.60 -23.34
CA ALA A 71 -16.21 16.62 -23.22
C ALA A 71 -15.87 17.08 -24.62
N PRO A 72 -16.76 17.89 -25.26
CA PRO A 72 -16.50 18.29 -26.65
C PRO A 72 -15.40 19.32 -26.81
N ALA A 73 -14.75 19.33 -27.98
CA ALA A 73 -13.69 20.31 -28.29
C ALA A 73 -14.30 21.63 -28.73
N THR A 74 -13.63 22.73 -28.37
CA THR A 74 -14.07 24.08 -28.68
C THR A 74 -13.50 24.58 -30.00
N VAL A 75 -14.38 25.11 -30.85
CA VAL A 75 -14.02 25.75 -32.10
C VAL A 75 -14.48 27.20 -31.92
N GLY A 76 -13.55 28.14 -32.06
CA GLY A 76 -13.83 29.56 -31.97
C GLY A 76 -14.39 30.05 -33.30
N LEU A 77 -15.31 31.00 -33.25
CA LEU A 77 -15.95 31.56 -34.45
C LEU A 77 -15.94 33.08 -34.38
N ALA A 78 -15.54 33.72 -35.49
CA ALA A 78 -15.49 35.17 -35.69
C ALA A 78 -16.23 35.50 -36.99
N PHE A 79 -17.03 36.56 -36.96
CA PHE A 79 -17.81 37.05 -38.10
C PHE A 79 -17.21 38.34 -38.67
N ARG A 80 -17.36 38.55 -39.98
CA ARG A 80 -16.92 39.82 -40.54
C ARG A 80 -18.09 40.79 -40.70
N ALA A 81 -17.98 41.98 -40.08
CA ALA A 81 -19.01 43.02 -40.17
C ALA A 81 -19.27 43.43 -41.65
N ASP A 82 -18.22 43.87 -42.39
CA ASP A 82 -18.34 44.28 -43.80
C ASP A 82 -17.54 43.46 -44.87
N ASP A 83 -16.18 43.54 -45.10
CA ASP A 83 -15.06 44.35 -44.57
C ASP A 83 -14.74 44.17 -43.09
N THR A 84 -13.43 44.01 -42.77
CA THR A 84 -12.89 43.82 -41.41
C THR A 84 -13.55 42.74 -40.53
N PHE A 85 -12.77 41.71 -40.22
CA PHE A 85 -13.21 40.67 -39.30
C PHE A 85 -13.05 41.17 -37.88
N GLU A 86 -14.02 40.84 -37.03
CA GLU A 86 -13.99 41.17 -35.60
C GLU A 86 -12.93 40.26 -34.96
N ALA A 87 -12.38 40.66 -33.81
CA ALA A 87 -11.40 39.83 -33.13
C ALA A 87 -12.11 38.59 -32.55
N LEU A 88 -11.41 37.45 -32.46
CA LEU A 88 -12.02 36.29 -31.82
C LEU A 88 -12.29 36.66 -30.34
N ILE A 90 -14.73 34.97 -27.02
CA ILE A 90 -15.63 33.97 -26.45
C ILE A 90 -15.94 34.39 -25.01
N GLU A 91 -17.22 34.60 -24.72
CA GLU A 91 -17.63 34.94 -23.36
C GLU A 91 -17.53 33.67 -22.49
N PRO A 92 -16.80 33.72 -21.36
CA PRO A 92 -16.70 32.50 -20.53
C PRO A 92 -18.04 32.16 -19.87
N PHE A 93 -18.21 30.89 -19.47
CA PHE A 93 -19.42 30.51 -18.77
C PHE A 93 -19.36 31.09 -17.33
N SER A 94 -20.51 31.09 -16.63
CA SER A 94 -20.61 31.60 -15.28
C SER A 94 -19.68 30.81 -14.33
N SER A 95 -19.33 31.43 -13.22
CA SER A 95 -18.47 30.82 -12.21
C SER A 95 -19.32 30.02 -11.22
N PRO A 96 -18.94 28.74 -10.97
CA PRO A 96 -19.67 27.96 -9.96
C PRO A 96 -19.51 28.59 -8.60
N PRO A 97 -20.47 28.47 -7.66
CA PRO A 97 -20.28 29.06 -6.33
C PRO A 97 -19.22 28.30 -5.53
N GLU A 98 -18.81 28.85 -4.38
CA GLU A 98 -17.87 28.19 -3.48
C GLU A 98 -18.50 26.87 -3.01
N LEU A 99 -17.71 25.78 -3.00
CA LEU A 99 -18.19 24.47 -2.52
C LEU A 99 -18.77 24.63 -1.10
N PRO A 100 -20.00 24.12 -0.83
CA PRO A 100 -20.55 24.25 0.53
C PRO A 100 -19.67 23.52 1.55
N ASP A 101 -19.67 24.02 2.81
CA ASP A 101 -18.89 23.45 3.93
C ASP A 101 -18.89 21.93 3.90
N VAL A 102 -20.06 21.32 3.69
CA VAL A 102 -20.19 19.87 3.56
C VAL A 102 -20.12 19.42 2.09
N MET A 103 -18.88 19.17 1.61
CA MET A 103 -18.50 18.71 0.27
C MET A 103 -16.98 18.81 0.21
N LYS A 104 -16.41 19.55 1.19
CA LYS A 104 -14.99 19.81 1.35
C LYS A 104 -14.53 19.47 2.78
N MET B 2 -33.13 19.70 -37.77
CA MET B 2 -33.03 21.09 -37.32
C MET B 2 -32.55 21.31 -35.86
N TYR B 3 -32.49 22.59 -35.44
CA TYR B 3 -31.94 23.01 -34.16
C TYR B 3 -32.88 23.80 -33.23
N VAL B 4 -32.57 23.76 -31.93
CA VAL B 4 -33.29 24.53 -30.92
C VAL B 4 -32.28 25.32 -30.11
N LYS B 5 -32.75 26.44 -29.51
CA LYS B 5 -31.94 27.32 -28.70
C LYS B 5 -32.33 27.25 -27.22
N LEU B 6 -31.36 26.96 -26.36
CA LEU B 6 -31.56 26.89 -24.92
C LEU B 6 -30.76 28.04 -24.31
N ILE B 7 -31.46 28.98 -23.65
CA ILE B 7 -30.84 30.19 -23.09
C ILE B 7 -30.70 30.11 -21.59
N SER B 8 -29.48 30.35 -21.09
CA SER B 8 -29.19 30.28 -19.66
C SER B 8 -29.67 31.55 -18.95
N SER B 9 -29.73 31.50 -17.58
CA SER B 9 -30.14 32.63 -16.74
C SER B 9 -29.27 33.87 -16.98
N ASP B 10 -28.00 33.64 -17.34
CA ASP B 10 -27.00 34.67 -17.60
C ASP B 10 -26.81 35.02 -19.10
N GLY B 11 -27.78 34.65 -19.94
CA GLY B 11 -27.80 35.00 -21.35
C GLY B 11 -27.02 34.18 -22.38
N HIS B 12 -26.32 33.09 -21.97
CA HIS B 12 -25.62 32.25 -22.94
C HIS B 12 -26.63 31.46 -23.75
N GLU B 13 -26.45 31.41 -25.05
CA GLU B 13 -27.34 30.70 -25.95
C GLU B 13 -26.71 29.42 -26.45
N PHE B 14 -27.33 28.28 -26.16
CA PHE B 14 -26.86 26.96 -26.53
C PHE B 14 -27.74 26.42 -27.64
N ILE B 15 -27.14 26.15 -28.79
CA ILE B 15 -27.85 25.64 -29.94
C ILE B 15 -27.53 24.15 -30.06
N VAL B 16 -28.56 23.32 -29.90
CA VAL B 16 -28.46 21.86 -29.94
C VAL B 16 -29.46 21.29 -30.95
N LYS B 17 -29.19 20.06 -31.44
CA LYS B 17 -30.10 19.36 -32.35
C LYS B 17 -31.45 19.15 -31.62
N ARG B 18 -32.56 19.38 -32.34
CA ARG B 18 -33.91 19.22 -31.80
C ARG B 18 -34.09 17.83 -31.13
N GLU B 19 -33.64 16.75 -31.81
CA GLU B 19 -33.69 15.37 -31.30
C GLU B 19 -32.97 15.21 -29.98
N HIS B 20 -31.80 15.86 -29.82
CA HIS B 20 -31.02 15.80 -28.57
C HIS B 20 -31.76 16.46 -27.41
N ALA B 21 -32.44 17.61 -27.66
CA ALA B 21 -33.16 18.36 -26.64
C ALA B 21 -34.45 17.65 -26.22
N LEU B 22 -35.07 16.91 -27.17
CA LEU B 22 -36.30 16.14 -26.94
C LEU B 22 -36.12 14.97 -25.96
N THR B 23 -34.86 14.70 -25.55
CA THR B 23 -34.45 13.71 -24.54
C THR B 23 -35.10 14.13 -23.19
N SER B 24 -35.19 15.44 -22.95
CA SER B 24 -35.83 16.04 -21.77
C SER B 24 -37.33 16.20 -22.06
N GLY B 25 -38.15 15.57 -21.22
CA GLY B 25 -39.60 15.64 -21.34
C GLY B 25 -40.11 17.04 -21.06
N THR B 26 -39.44 17.73 -20.09
CA THR B 26 -39.72 19.10 -19.70
C THR B 26 -39.46 20.03 -20.88
N ILE B 27 -38.30 19.87 -21.59
CA ILE B 27 -37.96 20.68 -22.76
C ILE B 27 -38.97 20.46 -23.89
N LYS B 28 -39.28 19.17 -24.16
CA LYS B 28 -40.27 18.74 -25.16
C LYS B 28 -41.60 19.51 -24.94
N ALA B 29 -42.02 19.66 -23.65
CA ALA B 29 -43.23 20.38 -23.24
C ALA B 29 -43.08 21.90 -23.38
N MET B 30 -41.88 22.43 -23.09
CA MET B 30 -41.58 23.87 -23.19
C MET B 30 -41.56 24.37 -24.62
N LEU B 31 -41.14 23.53 -25.59
CA LEU B 31 -41.11 23.95 -27.00
C LEU B 31 -42.47 23.98 -27.64
N SER B 32 -43.38 23.05 -27.25
CA SER B 32 -44.76 22.96 -27.77
C SER B 32 -45.66 24.03 -27.15
N THR B 42 -40.90 29.71 -31.71
CA THR B 42 -40.94 28.84 -30.52
C THR B 42 -39.95 27.67 -30.65
N ASN B 43 -38.70 28.02 -31.01
CA ASN B 43 -37.56 27.12 -31.13
C ASN B 43 -36.52 27.59 -30.11
N GLU B 44 -36.97 28.44 -29.17
CA GLU B 44 -36.14 28.97 -28.10
C GLU B 44 -36.79 28.71 -26.74
N VAL B 45 -36.00 28.27 -25.77
CA VAL B 45 -36.41 28.05 -24.38
C VAL B 45 -35.48 28.89 -23.47
N ASN B 46 -36.07 29.70 -22.59
CA ASN B 46 -35.32 30.49 -21.61
C ASN B 46 -35.34 29.79 -20.26
N PHE B 47 -34.18 29.65 -19.62
CA PHE B 47 -34.09 29.03 -18.30
C PHE B 47 -33.63 30.06 -17.29
N ARG B 48 -34.59 30.79 -16.69
CA ARG B 48 -34.33 31.87 -15.74
C ARG B 48 -33.55 31.44 -14.47
N GLU B 49 -33.46 30.13 -14.24
CA GLU B 49 -32.88 29.56 -13.03
C GLU B 49 -31.65 28.68 -13.29
N ILE B 50 -31.30 28.42 -14.55
CA ILE B 50 -30.15 27.57 -14.88
C ILE B 50 -29.01 28.40 -15.42
N PRO B 51 -27.88 28.52 -14.69
CA PRO B 51 -26.75 29.30 -15.22
C PRO B 51 -25.98 28.50 -16.28
N SER B 52 -25.20 29.19 -17.12
CA SER B 52 -24.45 28.63 -18.24
C SER B 52 -23.47 27.51 -17.87
N HIS B 53 -22.82 27.57 -16.68
CA HIS B 53 -21.90 26.51 -16.28
C HIS B 53 -22.63 25.18 -15.98
N VAL B 54 -23.97 25.27 -15.81
CA VAL B 54 -24.83 24.11 -15.59
C VAL B 54 -25.41 23.65 -16.95
N LEU B 55 -26.06 24.57 -17.68
CA LEU B 55 -26.71 24.31 -18.99
C LEU B 55 -25.77 23.74 -20.05
N SER B 56 -24.50 24.14 -20.04
CA SER B 56 -23.48 23.61 -20.96
C SER B 56 -23.31 22.11 -20.68
N LYS B 57 -23.29 21.72 -19.39
CA LYS B 57 -23.16 20.32 -18.97
C LYS B 57 -24.40 19.48 -19.31
N VAL B 58 -25.59 20.08 -19.25
CA VAL B 58 -26.87 19.45 -19.62
C VAL B 58 -26.80 19.07 -21.13
N CYS B 59 -26.35 20.01 -21.97
CA CYS B 59 -26.14 19.84 -23.41
C CYS B 59 -25.12 18.73 -23.74
N MET B 60 -24.05 18.61 -22.93
CA MET B 60 -23.05 17.54 -23.07
C MET B 60 -23.72 16.22 -22.71
N TYR B 61 -24.60 16.21 -21.70
CA TYR B 61 -25.34 15.01 -21.32
C TYR B 61 -26.20 14.51 -22.49
N PHE B 62 -26.97 15.43 -23.16
CA PHE B 62 -27.80 15.07 -24.33
C PHE B 62 -26.96 14.36 -25.39
N THR B 63 -25.79 14.89 -25.75
CA THR B 63 -24.89 14.28 -26.75
C THR B 63 -24.39 12.90 -26.26
N TYR B 64 -23.93 12.83 -25.00
CA TYR B 64 -23.48 11.61 -24.33
C TYR B 64 -24.57 10.52 -24.38
N LYS B 65 -25.81 10.89 -23.98
CA LYS B 65 -26.97 9.98 -23.95
C LYS B 65 -27.27 9.42 -25.33
N VAL B 66 -27.39 10.30 -26.34
CA VAL B 66 -27.70 9.91 -27.72
C VAL B 66 -26.55 9.03 -28.29
N ARG B 67 -25.30 9.36 -27.98
CA ARG B 67 -24.15 8.57 -28.46
C ARG B 67 -24.12 7.16 -27.86
N TYR B 68 -24.28 7.05 -26.53
CA TYR B 68 -24.13 5.77 -25.82
C TYR B 68 -25.34 4.89 -25.54
N THR B 69 -26.57 5.39 -25.75
CA THR B 69 -27.79 4.60 -25.55
C THR B 69 -27.86 3.48 -26.59
N ASN B 70 -28.04 2.22 -26.14
CA ASN B 70 -28.10 0.97 -26.94
C ASN B 70 -26.81 0.79 -27.78
N SER B 71 -25.64 0.94 -27.13
CA SER B 71 -24.35 0.88 -27.80
C SER B 71 -23.55 -0.43 -27.85
N SER B 72 -23.68 -1.34 -26.85
CA SER B 72 -22.99 -2.66 -26.78
C SER B 72 -21.46 -2.64 -26.52
N THR B 73 -20.78 -1.54 -26.90
CA THR B 73 -19.33 -1.33 -26.74
C THR B 73 -19.00 -0.95 -25.28
N GLU B 74 -18.07 0.01 -25.08
CA GLU B 74 -17.72 0.46 -23.74
C GLU B 74 -18.20 1.90 -23.56
N ILE B 75 -18.99 2.13 -22.50
CA ILE B 75 -19.55 3.43 -22.14
C ILE B 75 -18.63 4.06 -21.08
N PRO B 76 -18.14 5.30 -21.32
CA PRO B 76 -17.32 5.95 -20.29
C PRO B 76 -18.21 6.64 -19.24
N GLU B 77 -17.61 7.03 -18.11
CA GLU B 77 -18.30 7.74 -17.04
C GLU B 77 -18.68 9.12 -17.52
N PHE B 78 -19.89 9.60 -17.14
CA PHE B 78 -20.23 10.97 -17.45
C PHE B 78 -19.62 11.80 -16.31
N PRO B 79 -18.66 12.71 -16.61
CA PRO B 79 -17.99 13.45 -15.54
C PRO B 79 -18.74 14.67 -15.01
N ILE B 80 -18.69 14.86 -13.70
CA ILE B 80 -19.31 15.99 -13.01
C ILE B 80 -18.33 16.50 -11.96
N ALA B 81 -17.84 17.74 -12.14
CA ALA B 81 -16.94 18.38 -11.20
C ALA B 81 -17.71 18.62 -9.90
N PRO B 82 -17.08 18.39 -8.71
CA PRO B 82 -17.79 18.60 -7.44
C PRO B 82 -18.48 19.96 -7.30
N GLU B 83 -17.89 21.02 -7.85
CA GLU B 83 -18.38 22.41 -7.78
C GLU B 83 -19.70 22.66 -8.53
N ILE B 84 -20.01 21.77 -9.49
CA ILE B 84 -21.18 21.85 -10.37
C ILE B 84 -22.30 20.91 -9.94
N ALA B 85 -21.96 19.86 -9.18
CA ALA B 85 -22.86 18.80 -8.73
C ALA B 85 -24.20 19.25 -8.18
N LEU B 86 -24.22 20.13 -7.16
CA LEU B 86 -25.47 20.58 -6.55
C LEU B 86 -26.43 21.23 -7.53
N GLU B 87 -25.94 22.19 -8.29
CA GLU B 87 -26.74 22.92 -9.25
C GLU B 87 -27.19 22.06 -10.42
N LEU B 88 -26.31 21.13 -10.87
CA LEU B 88 -26.63 20.21 -11.96
C LEU B 88 -27.72 19.25 -11.48
N LEU B 89 -27.63 18.80 -10.22
CA LEU B 89 -28.65 17.94 -9.64
C LEU B 89 -30.04 18.61 -9.67
N MET B 90 -30.12 19.90 -9.27
CA MET B 90 -31.36 20.69 -9.24
C MET B 90 -31.97 20.87 -10.62
N ALA B 91 -31.13 21.12 -11.64
CA ALA B 91 -31.58 21.24 -13.04
C ALA B 91 -32.06 19.90 -13.57
N ALA B 92 -31.33 18.79 -13.28
CA ALA B 92 -31.66 17.41 -13.72
C ALA B 92 -32.99 16.98 -13.12
N ASN B 93 -33.22 17.34 -11.85
CA ASN B 93 -34.45 17.06 -11.14
C ASN B 93 -35.64 17.80 -11.79
N PHE B 94 -35.45 19.07 -12.21
CA PHE B 94 -36.49 19.88 -12.85
C PHE B 94 -36.81 19.42 -14.28
N LEU B 95 -35.75 19.12 -15.04
CA LEU B 95 -35.86 18.71 -16.44
C LEU B 95 -36.24 17.24 -16.63
N ASP B 96 -36.11 16.44 -15.54
CA ASP B 96 -36.31 14.98 -15.53
C ASP B 96 -35.35 14.33 -16.56
N CYS B 97 -34.06 14.73 -16.48
CA CYS B 97 -32.91 14.36 -17.33
C CYS B 97 -32.33 13.00 -16.83
N VAL C 11 -38.62 -16.14 -5.34
CA VAL C 11 -39.04 -16.24 -6.74
C VAL C 11 -37.84 -16.08 -7.72
N LEU C 12 -37.12 -14.94 -7.66
CA LEU C 12 -35.90 -14.68 -8.44
C LEU C 12 -34.78 -15.34 -7.63
N ARG C 13 -34.38 -16.52 -8.07
CA ARG C 13 -33.37 -17.37 -7.43
C ARG C 13 -32.69 -18.24 -8.47
N SER C 14 -31.54 -18.85 -8.10
CA SER C 14 -30.80 -19.74 -8.98
C SER C 14 -31.47 -21.10 -9.07
N VAL C 15 -31.32 -21.75 -10.21
CA VAL C 15 -31.82 -23.11 -10.41
C VAL C 15 -30.68 -24.05 -9.96
N ASN C 16 -30.99 -25.03 -9.11
CA ASN C 16 -29.96 -25.97 -8.67
C ASN C 16 -29.77 -27.11 -9.72
N SER C 17 -29.12 -26.77 -10.85
CA SER C 17 -28.92 -27.69 -11.98
C SER C 17 -27.77 -28.66 -11.77
N ARG C 18 -26.76 -28.25 -10.95
CA ARG C 18 -25.55 -29.03 -10.66
C ARG C 18 -24.73 -29.27 -11.96
N GLU C 19 -25.00 -28.44 -13.01
CA GLU C 19 -24.38 -28.46 -14.33
C GLU C 19 -23.31 -27.39 -14.44
N PRO C 20 -22.01 -27.75 -14.32
CA PRO C 20 -20.95 -26.73 -14.38
C PRO C 20 -20.95 -25.86 -15.62
N SER C 21 -20.70 -24.58 -15.40
CA SER C 21 -20.62 -23.59 -16.44
C SER C 21 -19.45 -22.67 -16.10
N GLN C 22 -18.37 -22.74 -16.89
CA GLN C 22 -17.20 -21.87 -16.74
C GLN C 22 -17.58 -20.47 -17.29
N VAL C 23 -17.34 -19.42 -16.48
CA VAL C 23 -17.68 -18.04 -16.80
C VAL C 23 -16.46 -17.12 -16.63
N ILE C 24 -16.34 -16.08 -17.48
CA ILE C 24 -15.32 -15.03 -17.35
C ILE C 24 -16.05 -13.72 -17.05
N PHE C 25 -15.82 -13.17 -15.85
CA PHE C 25 -16.42 -11.89 -15.48
C PHE C 25 -15.47 -10.83 -16.02
N ASN C 27 -14.79 -6.93 -16.27
CA ASN C 27 -15.14 -5.60 -15.79
C ASN C 27 -14.61 -4.54 -16.79
N ARG C 28 -15.51 -4.03 -17.66
CA ARG C 28 -15.26 -3.01 -18.66
C ARG C 28 -15.90 -1.70 -18.18
N SER C 29 -15.72 -1.41 -16.89
CA SER C 29 -16.27 -0.26 -16.20
C SER C 29 -15.15 0.40 -15.37
N PRO C 30 -15.27 1.70 -15.02
CA PRO C 30 -14.22 2.33 -14.20
C PRO C 30 -14.44 2.07 -12.69
N ARG C 31 -15.46 1.27 -12.37
CA ARG C 31 -15.85 0.93 -11.01
C ARG C 31 -15.26 -0.36 -10.50
N VAL C 32 -15.14 -0.47 -9.17
CA VAL C 32 -14.77 -1.71 -8.50
C VAL C 32 -16.10 -2.46 -8.46
N VAL C 33 -16.12 -3.66 -9.08
CA VAL C 33 -17.34 -4.45 -9.23
C VAL C 33 -17.53 -5.49 -8.18
N LEU C 34 -18.74 -5.54 -7.61
CA LEU C 34 -19.17 -6.57 -6.68
C LEU C 34 -20.10 -7.54 -7.40
N PRO C 35 -19.64 -8.77 -7.66
CA PRO C 35 -20.51 -9.79 -8.26
C PRO C 35 -21.42 -10.35 -7.19
N VAL C 36 -22.72 -10.48 -7.49
CA VAL C 36 -23.71 -10.96 -6.54
C VAL C 36 -24.43 -12.19 -7.10
N TRP C 37 -24.33 -13.32 -6.38
CA TRP C 37 -25.01 -14.54 -6.76
C TRP C 37 -26.34 -14.65 -6.02
N LEU C 38 -27.44 -14.97 -6.71
CA LEU C 38 -28.71 -15.15 -6.01
C LEU C 38 -28.82 -16.62 -5.72
N ASN C 39 -28.64 -16.99 -4.45
CA ASN C 39 -28.66 -18.40 -4.03
C ASN C 39 -30.01 -19.12 -4.26
N PHE C 40 -30.07 -20.39 -3.85
CA PHE C 40 -31.27 -21.21 -4.02
C PHE C 40 -32.51 -20.71 -3.26
N ASP C 41 -32.31 -19.86 -2.25
CA ASP C 41 -33.38 -19.23 -1.45
C ASP C 41 -33.69 -17.82 -1.94
N GLY C 42 -32.98 -17.35 -2.96
CA GLY C 42 -33.17 -16.00 -3.49
C GLY C 42 -32.38 -14.96 -2.72
N GLU C 43 -31.47 -15.39 -1.81
CA GLU C 43 -30.64 -14.49 -1.02
C GLU C 43 -29.41 -14.00 -1.79
N PRO C 44 -29.17 -12.68 -1.83
CA PRO C 44 -27.98 -12.19 -2.52
C PRO C 44 -26.70 -12.59 -1.78
N GLN C 45 -25.80 -13.28 -2.50
CA GLN C 45 -24.53 -13.71 -1.96
C GLN C 45 -23.37 -12.94 -2.64
N PRO C 46 -22.69 -12.06 -1.91
CA PRO C 46 -21.56 -11.32 -2.50
C PRO C 46 -20.35 -12.21 -2.75
N TYR C 47 -19.62 -11.94 -3.86
CA TYR C 47 -18.42 -12.68 -4.25
C TYR C 47 -17.23 -11.71 -4.32
N PRO C 48 -15.93 -12.19 -4.34
CA PRO C 48 -14.79 -11.24 -4.37
C PRO C 48 -14.94 -10.14 -5.41
N THR C 49 -14.52 -8.93 -5.06
CA THR C 49 -14.61 -7.76 -5.94
C THR C 49 -13.64 -7.82 -7.11
N LEU C 50 -14.03 -7.16 -8.21
CA LEU C 50 -13.21 -7.04 -9.44
C LEU C 50 -12.74 -5.60 -9.58
N PRO C 51 -11.41 -5.34 -9.56
CA PRO C 51 -10.91 -3.96 -9.79
C PRO C 51 -11.29 -3.48 -11.21
N PRO C 52 -11.31 -2.14 -11.45
CA PRO C 52 -11.71 -1.63 -12.79
C PRO C 52 -11.38 -2.27 -14.16
N GLY C 53 -10.16 -2.51 -14.57
CA GLY C 53 -10.04 -3.04 -15.94
C GLY C 53 -9.68 -4.50 -15.97
N THR C 54 -10.22 -5.28 -15.01
CA THR C 54 -9.81 -6.67 -14.87
C THR C 54 -10.91 -7.69 -15.12
N GLY C 55 -10.46 -8.92 -15.35
CA GLY C 55 -11.31 -10.08 -15.56
C GLY C 55 -11.13 -11.17 -14.52
N ARG C 56 -12.06 -12.13 -14.49
CA ARG C 56 -11.94 -13.26 -13.57
C ARG C 56 -12.62 -14.49 -14.06
N ARG C 57 -11.91 -15.62 -14.07
CA ARG C 57 -12.49 -16.90 -14.44
C ARG C 57 -13.21 -17.45 -13.20
N ILE C 58 -14.47 -17.83 -13.37
CA ILE C 58 -15.23 -18.36 -12.27
C ILE C 58 -15.95 -19.60 -12.69
N HIS C 59 -16.03 -20.56 -11.78
CA HIS C 59 -16.74 -21.81 -11.95
C HIS C 59 -18.15 -21.57 -11.40
N SER C 60 -19.11 -21.57 -12.32
CA SER C 60 -20.49 -21.37 -11.95
C SER C 60 -21.30 -22.55 -12.49
N TYR C 61 -22.62 -22.40 -12.57
CA TYR C 61 -23.50 -23.49 -12.98
C TYR C 61 -24.56 -22.98 -13.91
N ARG C 62 -25.07 -23.88 -14.78
CA ARG C 62 -26.17 -23.52 -15.68
C ARG C 62 -27.43 -23.11 -14.89
N GLY C 63 -28.09 -22.03 -15.28
CA GLY C 63 -29.30 -21.57 -14.60
C GLY C 63 -29.06 -20.71 -13.37
N HIS C 64 -27.80 -20.48 -12.99
CA HIS C 64 -27.50 -19.64 -11.83
C HIS C 64 -27.71 -18.15 -12.12
N LEU C 65 -28.17 -17.37 -11.13
CA LEU C 65 -28.47 -15.96 -11.32
C LEU C 65 -27.44 -15.06 -10.70
N TRP C 66 -26.89 -14.13 -11.52
CA TRP C 66 -25.89 -13.15 -11.14
C TRP C 66 -26.32 -11.74 -11.50
N LEU C 67 -25.91 -10.81 -10.64
CA LEU C 67 -26.03 -9.38 -10.86
C LEU C 67 -24.76 -8.71 -10.36
N PHE C 68 -24.50 -7.48 -10.84
CA PHE C 68 -23.26 -6.76 -10.58
C PHE C 68 -23.53 -5.35 -10.12
N ARG C 69 -22.88 -4.96 -9.04
CA ARG C 69 -23.06 -3.64 -8.45
C ARG C 69 -21.68 -3.00 -8.21
N ASP C 70 -21.61 -1.66 -8.10
CA ASP C 70 -20.39 -0.97 -7.71
C ASP C 70 -20.17 -1.37 -6.23
N ALA C 71 -19.01 -1.97 -5.90
CA ALA C 71 -18.69 -2.49 -4.56
C ALA C 71 -18.82 -1.50 -3.40
N GLY C 72 -18.51 -0.24 -3.63
CA GLY C 72 -18.54 0.78 -2.59
C GLY C 72 -19.87 1.47 -2.38
N THR C 73 -20.60 1.76 -3.46
CA THR C 73 -21.86 2.53 -3.42
C THR C 73 -23.11 1.73 -3.74
N HIS C 74 -22.96 0.52 -4.28
CA HIS C 74 -24.03 -0.36 -4.71
C HIS C 74 -24.79 0.11 -5.95
N ASP C 75 -24.23 1.07 -6.71
CA ASP C 75 -24.85 1.52 -7.96
C ASP C 75 -24.95 0.31 -8.90
N GLY C 76 -26.09 0.22 -9.60
CA GLY C 76 -26.37 -0.86 -10.53
C GLY C 76 -25.50 -0.79 -11.76
N LEU C 77 -25.06 -1.96 -12.23
CA LEU C 77 -24.26 -2.06 -13.44
C LEU C 77 -24.94 -3.00 -14.43
N LEU C 78 -24.49 -2.97 -15.68
CA LEU C 78 -25.04 -3.86 -16.69
C LEU C 78 -24.11 -5.00 -16.98
N VAL C 79 -24.67 -6.12 -17.36
CA VAL C 79 -23.91 -7.31 -17.75
C VAL C 79 -24.54 -7.81 -19.03
N ASN C 80 -23.75 -7.84 -20.10
CA ASN C 80 -24.19 -8.21 -21.45
C ASN C 80 -25.44 -7.41 -21.88
N GLN C 81 -25.44 -6.09 -21.55
CA GLN C 81 -26.46 -5.08 -21.83
C GLN C 81 -27.77 -5.18 -21.03
N THR C 82 -27.82 -6.11 -20.07
CA THR C 82 -29.00 -6.33 -19.23
C THR C 82 -28.62 -6.35 -17.74
N GLU C 83 -29.62 -6.52 -16.86
CA GLU C 83 -29.44 -6.52 -15.41
C GLU C 83 -28.94 -7.84 -14.85
N LEU C 84 -29.46 -8.96 -15.37
CA LEU C 84 -29.13 -10.27 -14.87
C LEU C 84 -28.35 -11.11 -15.85
N PHE C 85 -27.37 -11.84 -15.32
CA PHE C 85 -26.56 -12.78 -16.07
C PHE C 85 -26.89 -14.18 -15.61
N VAL C 86 -27.23 -15.04 -16.59
CA VAL C 86 -27.53 -16.45 -16.36
C VAL C 86 -26.52 -17.33 -17.14
N PRO C 87 -25.55 -17.99 -16.44
CA PRO C 87 -24.61 -18.87 -17.16
C PRO C 87 -25.35 -19.92 -17.98
N SER C 88 -24.98 -20.06 -19.24
CA SER C 88 -25.61 -21.01 -20.16
C SER C 88 -24.66 -22.19 -20.45
N LEU C 89 -25.01 -23.06 -21.43
CA LEU C 89 -24.19 -24.21 -21.80
C LEU C 89 -22.93 -23.73 -22.52
N ASN C 90 -21.77 -24.31 -22.15
CA ASN C 90 -20.47 -23.99 -22.76
C ASN C 90 -20.30 -24.72 -24.09
N VAL C 91 -20.46 -24.00 -25.21
CA VAL C 91 -20.31 -24.55 -26.55
C VAL C 91 -18.86 -24.95 -26.83
N GLN C 94 -15.16 -22.17 -25.43
CA GLN C 94 -15.58 -22.78 -24.15
C GLN C 94 -16.23 -21.84 -23.09
N PRO C 95 -15.53 -20.91 -22.36
CA PRO C 95 -16.23 -20.15 -21.31
C PRO C 95 -17.13 -19.04 -21.81
N ILE C 96 -18.22 -18.77 -21.04
CA ILE C 96 -19.22 -17.73 -21.30
C ILE C 96 -18.64 -16.41 -20.83
N PHE C 97 -18.72 -15.38 -21.68
CA PHE C 97 -18.23 -14.06 -21.35
C PHE C 97 -19.29 -13.15 -20.69
N ALA C 98 -19.02 -12.64 -19.46
CA ALA C 98 -19.91 -11.70 -18.77
C ALA C 98 -19.32 -10.28 -18.78
N ASN C 99 -19.72 -9.52 -19.80
CA ASN C 99 -19.24 -8.17 -20.04
C ASN C 99 -19.95 -7.16 -19.16
N ILE C 100 -19.27 -6.76 -18.08
CA ILE C 100 -19.82 -5.82 -17.12
C ILE C 100 -19.43 -4.43 -17.56
N THR C 101 -20.42 -3.53 -17.65
CA THR C 101 -20.23 -2.15 -18.10
C THR C 101 -21.09 -1.20 -17.31
N LEU C 102 -20.79 0.10 -17.42
CA LEU C 102 -21.64 1.11 -16.80
C LEU C 102 -22.89 1.22 -17.65
N PRO C 103 -24.07 1.42 -17.03
CA PRO C 103 -25.25 1.77 -17.84
C PRO C 103 -25.16 3.27 -18.20
N VAL C 104 -26.03 3.74 -19.09
CA VAL C 104 -26.13 5.18 -19.33
C VAL C 104 -27.10 5.66 -18.19
N TYR C 105 -26.54 6.08 -17.04
CA TYR C 105 -27.39 6.58 -15.96
C TYR C 105 -28.12 7.84 -16.41
N THR C 106 -29.27 8.16 -15.80
CA THR C 106 -29.95 9.43 -16.09
C THR C 106 -29.04 10.54 -15.50
N LEU C 107 -29.21 11.77 -15.96
CA LEU C 107 -28.41 12.86 -15.41
C LEU C 107 -28.67 13.01 -13.89
N LYS C 108 -29.94 12.85 -13.47
CA LYS C 108 -30.36 12.90 -12.05
C LYS C 108 -29.65 11.85 -11.20
N GLU C 109 -29.73 10.56 -11.60
CA GLU C 109 -29.05 9.48 -10.88
C GLU C 109 -27.54 9.73 -10.81
N ARG C 110 -26.92 10.17 -11.92
CA ARG C 110 -25.49 10.47 -11.98
C ARG C 110 -25.11 11.57 -10.97
N CYS C 111 -25.91 12.63 -10.90
CA CYS C 111 -25.75 13.74 -9.95
C CYS C 111 -25.85 13.29 -8.51
N LEU C 112 -26.84 12.41 -8.21
CA LEU C 112 -27.06 11.89 -6.86
C LEU C 112 -25.83 11.08 -6.43
N GLN C 113 -25.27 10.25 -7.35
CA GLN C 113 -24.04 9.47 -7.12
C GLN C 113 -22.89 10.37 -6.69
N VAL C 114 -22.66 11.48 -7.41
CA VAL C 114 -21.58 12.44 -7.14
C VAL C 114 -21.81 13.16 -5.80
N VAL C 115 -23.02 13.68 -5.59
CA VAL C 115 -23.38 14.37 -4.34
C VAL C 115 -23.21 13.41 -3.13
N ARG C 116 -23.70 12.14 -3.24
CA ARG C 116 -23.55 11.11 -2.19
C ARG C 116 -22.09 10.81 -1.88
N SER C 117 -21.22 10.81 -2.91
CA SER C 117 -19.78 10.56 -2.79
C SER C 117 -19.05 11.67 -2.06
N LEU C 118 -19.62 12.87 -2.02
CA LEU C 118 -19.02 14.05 -1.37
C LEU C 118 -19.60 14.43 -0.02
N VAL C 119 -20.88 14.08 0.22
CA VAL C 119 -21.59 14.48 1.44
C VAL C 119 -21.94 13.26 2.30
N LYS C 120 -21.61 13.35 3.60
CA LYS C 120 -21.90 12.32 4.62
C LYS C 120 -23.43 12.29 4.81
N PRO C 121 -24.06 11.10 4.89
CA PRO C 121 -25.53 11.03 5.01
C PRO C 121 -26.19 11.91 6.07
N GLU C 122 -25.47 12.20 7.19
CA GLU C 122 -25.92 13.06 8.30
C GLU C 122 -26.12 14.48 7.82
N ASN C 123 -25.36 14.87 6.77
CA ASN C 123 -25.37 16.23 6.25
C ASN C 123 -26.20 16.47 4.98
N TYR C 124 -26.95 15.46 4.49
CA TYR C 124 -27.82 15.62 3.30
C TYR C 124 -28.86 16.75 3.55
N ARG C 125 -29.40 16.80 4.80
CA ARG C 125 -30.39 17.77 5.28
C ARG C 125 -29.83 19.20 5.48
N ARG C 126 -28.50 19.39 5.25
CA ARG C 126 -27.84 20.71 5.34
C ARG C 126 -27.72 21.38 3.96
N LEU C 127 -27.97 20.63 2.86
CA LEU C 127 -27.90 21.12 1.48
C LEU C 127 -29.12 21.99 1.11
N ASP C 128 -28.91 23.12 0.41
CA ASP C 128 -30.00 24.00 0.00
C ASP C 128 -30.59 23.53 -1.34
N ILE C 129 -31.55 22.61 -1.24
CA ILE C 129 -32.25 21.91 -2.33
C ILE C 129 -33.66 21.54 -1.85
N VAL C 130 -34.59 21.31 -2.80
CA VAL C 130 -35.98 20.90 -2.53
C VAL C 130 -36.06 19.61 -1.70
N ARG C 131 -37.02 19.53 -0.78
CA ARG C 131 -37.25 18.39 0.13
C ARG C 131 -37.21 17.02 -0.56
N SER C 132 -37.85 16.92 -1.74
CA SER C 132 -37.89 15.67 -2.53
C SER C 132 -36.50 15.13 -2.84
N LEU C 133 -35.50 16.03 -3.04
CA LEU C 133 -34.10 15.68 -3.30
C LEU C 133 -33.38 15.04 -2.10
N TYR C 134 -33.68 15.49 -0.85
CA TYR C 134 -33.14 14.91 0.39
C TYR C 134 -33.56 13.43 0.45
N GLU C 135 -34.82 13.14 0.07
CA GLU C 135 -35.36 11.78 0.09
C GLU C 135 -34.73 10.93 -1.01
N ASP C 136 -34.47 11.53 -2.19
CA ASP C 136 -33.81 10.87 -3.33
C ASP C 136 -32.36 10.50 -3.02
N LEU C 137 -31.65 11.39 -2.27
CA LEU C 137 -30.27 11.17 -1.83
C LEU C 137 -30.23 10.04 -0.80
N GLU C 138 -31.19 10.03 0.15
CA GLU C 138 -31.28 9.02 1.20
C GLU C 138 -31.68 7.66 0.65
N ASP C 139 -32.42 7.62 -0.48
CA ASP C 139 -32.85 6.41 -1.17
C ASP C 139 -31.69 5.85 -2.03
N HIS C 140 -30.60 5.44 -1.33
CA HIS C 140 -29.38 4.88 -1.93
C HIS C 140 -29.70 3.63 -2.77
N PRO C 141 -28.93 3.34 -3.85
CA PRO C 141 -29.15 2.07 -4.58
C PRO C 141 -29.00 0.88 -3.62
N ASN C 142 -29.77 -0.17 -3.83
CA ASN C 142 -29.84 -1.32 -2.92
C ASN C 142 -30.23 -2.57 -3.70
N VAL C 143 -29.48 -3.69 -3.52
CA VAL C 143 -29.80 -4.96 -4.18
C VAL C 143 -31.23 -5.43 -3.82
N GLN C 144 -31.60 -5.42 -2.52
CA GLN C 144 -32.90 -5.85 -2.02
C GLN C 144 -34.06 -5.12 -2.68
N LYS C 145 -34.00 -3.78 -2.76
CA LYS C 145 -35.02 -2.95 -3.42
C LYS C 145 -35.09 -3.28 -4.94
N ASP C 146 -33.91 -3.46 -5.58
CA ASP C 146 -33.76 -3.82 -6.99
C ASP C 146 -34.38 -5.20 -7.31
N LEU C 147 -34.35 -6.11 -6.32
CA LEU C 147 -34.94 -7.44 -6.45
C LEU C 147 -36.49 -7.50 -6.63
N GLU C 148 -37.11 -6.38 -7.07
CA GLU C 148 -38.54 -6.25 -7.39
C GLU C 148 -38.71 -5.60 -8.79
N ARG C 149 -38.82 -6.37 -9.92
CA ARG C 149 -38.77 -7.83 -10.15
C ARG C 149 -39.68 -8.80 -9.29
N LEU C 150 -41.03 -8.89 -9.51
CA LEU C 150 -41.94 -8.23 -10.48
C LEU C 150 -41.72 -8.53 -11.96
N MET D 1 3.69 22.20 4.76
CA MET D 1 2.59 22.09 5.70
C MET D 1 1.88 23.44 5.89
N ASP D 2 0.91 23.49 6.80
CA ASP D 2 0.15 24.70 7.13
C ASP D 2 0.88 25.57 8.15
N VAL D 3 0.76 26.87 7.95
CA VAL D 3 1.36 27.87 8.80
C VAL D 3 0.23 28.74 9.29
N PHE D 4 0.25 29.10 10.57
CA PHE D 4 -0.83 29.85 11.21
C PHE D 4 -0.35 31.21 11.59
N LEU D 5 -1.07 32.22 11.10
CA LEU D 5 -0.67 33.61 11.20
C LEU D 5 -1.64 34.59 11.81
N MET D 6 -1.09 35.74 12.18
CA MET D 6 -1.76 36.94 12.66
C MET D 6 -1.21 38.08 11.79
N ILE D 7 -2.04 38.61 10.90
CA ILE D 7 -1.67 39.74 10.05
C ILE D 7 -2.13 40.99 10.82
N ARG D 8 -1.19 41.82 11.23
CA ARG D 8 -1.48 42.96 12.10
C ARG D 8 -1.06 44.34 11.56
N ARG D 9 -1.97 45.32 11.67
CA ARG D 9 -1.83 46.71 11.28
C ARG D 9 -2.67 47.53 12.27
N HIS D 10 -2.02 48.46 12.99
CA HIS D 10 -2.66 49.33 13.99
C HIS D 10 -3.43 48.51 15.01
N LYS D 11 -4.78 48.63 15.04
CA LYS D 11 -5.65 47.86 15.93
C LYS D 11 -6.43 46.75 15.18
N THR D 12 -5.92 46.30 14.03
CA THR D 12 -6.52 45.23 13.23
C THR D 12 -5.63 43.98 13.29
N THR D 13 -6.24 42.80 13.52
CA THR D 13 -5.58 41.49 13.52
C THR D 13 -6.38 40.48 12.70
N ILE D 14 -5.77 39.92 11.64
CA ILE D 14 -6.40 38.86 10.84
C ILE D 14 -5.79 37.53 11.23
N PHE D 15 -6.63 36.57 11.65
CA PHE D 15 -6.20 35.21 11.95
C PHE D 15 -6.45 34.39 10.68
N THR D 16 -5.38 33.88 10.05
CA THR D 16 -5.52 33.03 8.87
C THR D 16 -4.39 31.98 8.80
N ASP D 17 -4.55 30.99 7.93
CA ASP D 17 -3.55 29.96 7.70
C ASP D 17 -3.21 29.98 6.25
N ALA D 18 -2.03 29.48 5.92
CA ALA D 18 -1.53 29.37 4.55
C ALA D 18 -0.53 28.22 4.50
N LYS D 19 -0.09 27.84 3.31
CA LYS D 19 0.89 26.77 3.13
C LYS D 19 2.29 27.38 3.24
N GLU D 20 3.25 26.61 3.73
CA GLU D 20 4.65 27.05 3.84
C GLU D 20 5.20 27.42 2.44
N SER D 21 4.75 26.68 1.42
CA SER D 21 5.11 26.83 0.02
C SER D 21 4.40 28.00 -0.69
N SER D 22 3.36 28.59 -0.09
CA SER D 22 2.64 29.73 -0.71
C SER D 22 3.47 31.01 -0.60
N THR D 23 3.30 31.95 -1.53
CA THR D 23 4.11 33.17 -1.55
C THR D 23 3.57 34.32 -0.73
N VAL D 24 4.44 35.34 -0.53
CA VAL D 24 4.11 36.61 0.14
C VAL D 24 2.99 37.32 -0.69
N PHE D 25 3.07 37.22 -2.04
CA PHE D 25 2.06 37.79 -2.93
C PHE D 25 0.72 37.14 -2.72
N GLU D 26 0.67 35.79 -2.62
CA GLU D 26 -0.55 35.02 -2.35
C GLU D 26 -1.21 35.45 -1.03
N LEU D 27 -0.39 35.78 0.00
CA LEU D 27 -0.85 36.29 1.30
C LEU D 27 -1.49 37.66 1.11
N LYS D 28 -0.90 38.51 0.24
CA LYS D 28 -1.44 39.84 -0.09
C LYS D 28 -2.82 39.71 -0.75
N ARG D 29 -3.02 38.66 -1.57
CA ARG D 29 -4.32 38.38 -2.20
C ARG D 29 -5.37 37.98 -1.15
N ILE D 30 -4.94 37.30 -0.06
CA ILE D 30 -5.81 36.94 1.06
C ILE D 30 -6.24 38.23 1.77
N VAL D 31 -5.27 39.12 2.10
CA VAL D 31 -5.53 40.42 2.75
C VAL D 31 -6.50 41.25 1.90
N GLU D 32 -6.35 41.19 0.55
CA GLU D 32 -7.20 41.89 -0.41
C GLU D 32 -8.67 41.52 -0.25
N GLY D 33 -8.95 40.22 -0.19
CA GLY D 33 -10.29 39.67 -0.03
C GLY D 33 -10.98 40.12 1.25
N ILE D 34 -10.19 40.32 2.31
CA ILE D 34 -10.67 40.74 3.62
C ILE D 34 -10.74 42.28 3.77
N LEU D 35 -9.60 42.97 3.61
CA LEU D 35 -9.51 44.41 3.84
C LEU D 35 -9.81 45.32 2.65
N LYS D 36 -10.08 44.71 1.47
CA LYS D 36 -10.44 45.39 0.21
C LYS D 36 -9.35 46.38 -0.28
N ARG D 37 -8.08 45.96 -0.12
CA ARG D 37 -6.92 46.74 -0.54
C ARG D 37 -6.04 45.92 -1.51
N PRO D 38 -5.75 46.37 -2.75
CA PRO D 38 -4.94 45.55 -3.68
C PRO D 38 -3.49 45.28 -3.22
N PRO D 39 -2.86 44.17 -3.68
CA PRO D 39 -1.47 43.87 -3.24
C PRO D 39 -0.44 44.99 -3.42
N ASP D 40 -0.58 45.82 -4.48
CA ASP D 40 0.34 46.93 -4.74
C ASP D 40 0.27 48.05 -3.71
N GLU D 41 -0.84 48.12 -2.96
CA GLU D 41 -1.00 49.13 -1.91
C GLU D 41 -0.73 48.51 -0.53
N GLN D 42 -0.08 47.32 -0.52
CA GLN D 42 0.27 46.58 0.69
C GLN D 42 1.76 46.28 0.80
N ARG D 43 2.27 46.29 2.04
CA ARG D 43 3.64 45.93 2.39
C ARG D 43 3.57 44.95 3.55
N LEU D 44 4.15 43.75 3.40
CA LEU D 44 4.19 42.73 4.45
C LEU D 44 5.57 42.68 5.10
N TYR D 45 5.61 42.47 6.41
CA TYR D 45 6.85 42.46 7.22
C TYR D 45 6.94 41.27 8.15
N LYS D 46 8.19 40.87 8.48
CA LYS D 46 8.51 39.88 9.50
C LYS D 46 9.40 40.71 10.41
N ASP D 47 8.83 41.13 11.57
CA ASP D 47 9.44 42.09 12.50
C ASP D 47 9.59 43.41 11.68
N ASP D 48 10.82 43.94 11.54
CA ASP D 48 11.05 45.18 10.79
C ASP D 48 11.43 44.94 9.33
N GLN D 49 11.65 43.66 8.95
CA GLN D 49 12.04 43.30 7.60
C GLN D 49 10.89 43.24 6.59
N LEU D 50 11.01 44.01 5.51
CA LEU D 50 10.04 44.00 4.42
C LEU D 50 10.20 42.69 3.65
N LEU D 51 9.08 42.01 3.40
CA LEU D 51 9.04 40.73 2.71
C LEU D 51 8.84 40.88 1.21
N ASP D 52 9.67 40.16 0.42
CA ASP D 52 9.57 40.17 -1.04
C ASP D 52 8.46 39.23 -1.54
N ASP D 53 7.66 39.72 -2.50
CA ASP D 53 6.52 39.07 -3.14
C ASP D 53 6.68 37.64 -3.63
N GLY D 54 7.75 37.36 -4.36
CA GLY D 54 8.00 36.03 -4.92
C GLY D 54 8.57 35.00 -3.96
N LYS D 55 8.80 35.42 -2.71
CA LYS D 55 9.35 34.54 -1.70
C LYS D 55 8.25 33.74 -1.02
N THR D 56 8.54 32.46 -0.73
CA THR D 56 7.57 31.61 -0.02
C THR D 56 7.61 32.00 1.46
N LEU D 57 6.53 31.64 2.18
CA LEU D 57 6.39 31.92 3.60
C LEU D 57 7.45 31.21 4.43
N GLY D 58 7.81 29.99 3.99
CA GLY D 58 8.86 29.17 4.59
C GLY D 58 10.21 29.85 4.51
N GLU D 59 10.54 30.43 3.32
CA GLU D 59 11.77 31.21 3.03
C GLU D 59 11.83 32.48 3.88
N CYS D 60 10.66 33.02 4.24
CA CYS D 60 10.49 34.21 5.07
C CYS D 60 10.54 33.89 6.55
N GLY D 61 10.66 32.61 6.88
CA GLY D 61 10.76 32.16 8.27
C GLY D 61 9.47 31.70 8.93
N PHE D 62 8.37 31.58 8.14
CA PHE D 62 7.10 31.10 8.68
C PHE D 62 7.06 29.61 8.44
N THR D 63 7.36 28.85 9.49
CA THR D 63 7.41 27.39 9.42
C THR D 63 6.31 26.81 10.30
N SER D 64 5.97 25.55 10.08
CA SER D 64 4.94 24.88 10.85
C SER D 64 5.32 24.79 12.33
N GLN D 65 6.63 24.81 12.63
CA GLN D 65 7.09 24.74 14.00
C GLN D 65 7.03 26.08 14.73
N THR D 66 7.00 27.21 14.00
CA THR D 66 6.98 28.55 14.58
C THR D 66 5.69 29.32 14.38
N ALA D 67 4.85 28.86 13.44
CA ALA D 67 3.58 29.50 13.10
C ALA D 67 2.49 28.46 13.41
N ARG D 68 2.21 28.25 14.70
CA ARG D 68 1.26 27.22 15.14
C ARG D 68 -0.14 27.68 15.51
N PRO D 69 -1.17 26.80 15.45
CA PRO D 69 -2.54 27.26 15.71
C PRO D 69 -2.75 28.04 17.01
N GLN D 70 -2.20 27.50 18.11
CA GLN D 70 -2.32 28.06 19.45
C GLN D 70 -1.33 29.19 19.77
N ALA D 71 -0.37 29.43 18.88
CA ALA D 71 0.67 30.47 19.02
C ALA D 71 1.07 30.89 17.61
N PRO D 72 0.21 31.67 16.90
CA PRO D 72 0.50 32.02 15.50
C PRO D 72 1.60 33.05 15.33
N ALA D 73 2.26 33.05 14.16
CA ALA D 73 3.33 34.01 13.83
C ALA D 73 2.71 35.32 13.36
N THR D 74 3.38 36.43 13.70
CA THR D 74 2.92 37.77 13.33
C THR D 74 3.49 38.26 12.01
N VAL D 75 2.59 38.74 11.15
CA VAL D 75 2.97 39.36 9.88
C VAL D 75 2.49 40.81 10.02
N GLY D 76 3.42 41.75 9.85
CA GLY D 76 3.11 43.17 9.89
C GLY D 76 2.55 43.61 8.55
N LEU D 77 1.63 44.56 8.57
CA LEU D 77 1.00 45.08 7.37
C LEU D 77 1.00 46.61 7.38
N ALA D 78 1.41 47.22 6.28
CA ALA D 78 1.41 48.68 6.09
C ALA D 78 0.73 48.97 4.78
N PHE D 79 -0.15 50.00 4.80
CA PHE D 79 -0.93 50.42 3.65
C PHE D 79 -0.35 51.65 2.94
N ARG D 80 -0.65 51.81 1.64
CA ARG D 80 -0.15 52.93 0.87
C ARG D 80 -0.90 54.24 1.23
N ALA D 81 -2.10 54.47 0.63
CA ALA D 81 -3.06 55.59 0.78
C ALA D 81 -3.52 56.39 -0.47
N ASP D 82 -2.72 57.17 -1.28
CA ASP D 82 -1.27 57.50 -1.49
C ASP D 82 -0.70 56.85 -2.80
N ASP D 83 0.48 57.23 -3.37
CA ASP D 83 1.61 58.11 -3.04
C ASP D 83 2.74 57.44 -2.22
N THR D 84 2.78 57.62 -0.89
CA THR D 84 3.82 57.04 -0.04
C THR D 84 3.27 56.06 0.99
N PHE D 85 3.99 54.95 1.20
CA PHE D 85 3.63 53.93 2.19
C PHE D 85 3.86 54.47 3.58
N GLU D 86 2.90 54.24 4.48
CA GLU D 86 2.97 54.66 5.87
C GLU D 86 3.95 53.75 6.61
N ALA D 87 4.48 54.20 7.75
CA ALA D 87 5.38 53.39 8.55
C ALA D 87 4.57 52.25 9.26
N LEU D 88 5.27 51.16 9.61
CA LEU D 88 4.72 50.01 10.30
C LEU D 88 4.39 50.40 11.74
N ILE D 90 1.98 48.59 14.83
CA ILE D 90 1.17 47.52 15.37
C ILE D 90 0.89 47.98 16.79
N GLU D 91 -0.39 48.28 17.09
CA GLU D 91 -0.82 48.68 18.43
C GLU D 91 -0.72 47.45 19.34
N PRO D 92 -0.02 47.51 20.49
CA PRO D 92 0.09 46.32 21.35
C PRO D 92 -1.22 45.97 22.02
N PHE D 93 -1.39 44.69 22.43
CA PHE D 93 -2.59 44.31 23.15
C PHE D 93 -2.54 44.88 24.58
N SER D 94 -3.68 44.86 25.28
CA SER D 94 -3.79 45.37 26.64
C SER D 94 -2.92 44.57 27.61
N SER D 95 -2.57 45.21 28.74
CA SER D 95 -1.76 44.61 29.78
C SER D 95 -2.63 43.83 30.77
N PRO D 96 -2.27 42.56 31.07
CA PRO D 96 -3.02 41.82 32.09
C PRO D 96 -2.82 42.48 33.46
N PRO D 97 -3.80 42.36 34.39
CA PRO D 97 -3.60 42.96 35.72
C PRO D 97 -2.56 42.18 36.56
N GLU D 98 -2.33 42.60 37.83
CA GLU D 98 -1.38 41.95 38.77
C GLU D 98 -1.59 40.42 38.82
N LEU D 99 -2.46 39.89 39.74
CA LEU D 99 -2.93 38.49 39.91
C LEU D 99 -3.61 38.10 41.23
N PRO D 100 -3.04 38.52 42.40
CA PRO D 100 -3.49 38.19 43.77
C PRO D 100 -3.20 36.72 44.12
N ASP D 101 -3.07 36.39 45.45
CA ASP D 101 -2.76 35.04 45.96
C ASP D 101 -2.27 34.03 44.89
N VAL D 102 -1.06 34.34 44.36
CA VAL D 102 -0.27 33.69 43.29
C VAL D 102 -0.78 32.35 42.75
N MET E 2 -17.70 34.49 4.88
CA MET E 2 -16.43 33.81 5.12
C MET E 2 -15.67 34.36 6.34
N TYR E 3 -15.72 35.69 6.59
CA TYR E 3 -15.03 36.28 7.76
C TYR E 3 -15.96 37.11 8.64
N VAL E 4 -15.64 37.19 9.94
CA VAL E 4 -16.37 37.99 10.93
C VAL E 4 -15.37 38.82 11.75
N LYS E 5 -15.85 39.93 12.31
CA LYS E 5 -15.04 40.84 13.10
C LYS E 5 -15.44 40.81 14.57
N LEU E 6 -14.47 40.54 15.45
CA LEU E 6 -14.69 40.50 16.90
C LEU E 6 -13.91 41.69 17.49
N ILE E 7 -14.62 42.65 18.10
CA ILE E 7 -14.01 43.86 18.66
C ILE E 7 -13.90 43.81 20.18
N SER E 8 -12.70 44.04 20.69
CA SER E 8 -12.48 44.00 22.14
C SER E 8 -12.98 45.28 22.83
N SER E 9 -12.98 45.29 24.18
CA SER E 9 -13.40 46.44 25.00
C SER E 9 -12.52 47.69 24.76
N ASP E 10 -11.24 47.47 24.38
CA ASP E 10 -10.24 48.51 24.08
C ASP E 10 -10.07 48.84 22.58
N GLY E 11 -11.02 48.44 21.73
CA GLY E 11 -10.97 48.80 20.31
C GLY E 11 -10.23 47.92 19.32
N HIS E 12 -9.52 46.84 19.79
CA HIS E 12 -8.80 45.95 18.86
C HIS E 12 -9.80 45.13 18.05
N GLU E 13 -9.57 45.05 16.75
CA GLU E 13 -10.46 44.32 15.85
C GLU E 13 -9.80 43.02 15.39
N PHE E 14 -10.45 41.90 15.68
CA PHE E 14 -9.98 40.57 15.33
C PHE E 14 -10.85 40.01 14.24
N ILE E 15 -10.25 39.72 13.09
CA ILE E 15 -10.95 39.16 11.94
C ILE E 15 -10.63 37.67 11.89
N VAL E 16 -11.67 36.84 12.05
CA VAL E 16 -11.54 35.39 12.04
C VAL E 16 -12.52 34.79 11.02
N LYS E 17 -12.24 33.56 10.55
CA LYS E 17 -13.11 32.84 9.63
C LYS E 17 -14.46 32.62 10.34
N ARG E 18 -15.58 32.84 9.60
CA ARG E 18 -16.94 32.68 10.11
C ARG E 18 -17.11 31.31 10.82
N GLU E 19 -16.68 30.22 10.16
CA GLU E 19 -16.72 28.85 10.70
C GLU E 19 -16.01 28.72 12.04
N HIS E 20 -14.86 29.38 12.21
CA HIS E 20 -14.10 29.36 13.47
C HIS E 20 -14.85 30.05 14.61
N ALA E 21 -15.52 31.19 14.32
CA ALA E 21 -16.27 31.96 15.31
C ALA E 21 -17.56 31.24 15.73
N LEU E 22 -18.18 30.48 14.78
CA LEU E 22 -19.42 29.72 15.01
C LEU E 22 -19.25 28.58 16.02
N THR E 23 -18.00 28.31 16.46
CA THR E 23 -17.60 27.36 17.50
C THR E 23 -18.28 27.80 18.82
N SER E 24 -18.39 29.13 19.03
CA SER E 24 -19.06 29.75 20.17
C SER E 24 -20.55 29.90 19.85
N GLY E 25 -21.40 29.28 20.69
CA GLY E 25 -22.86 29.36 20.55
C GLY E 25 -23.38 30.77 20.79
N THR E 26 -22.74 31.48 21.74
CA THR E 26 -23.02 32.88 22.09
C THR E 26 -22.72 33.78 20.89
N ILE E 27 -21.54 33.60 20.22
CA ILE E 27 -21.16 34.38 19.04
C ILE E 27 -22.14 34.12 17.90
N LYS E 28 -22.48 32.88 17.66
CA LYS E 28 -23.43 32.56 16.63
C LYS E 28 -24.72 33.33 16.78
N ALA E 29 -25.11 33.60 18.01
CA ALA E 29 -26.37 34.20 18.31
C ALA E 29 -26.26 35.68 18.20
N MET E 30 -25.09 36.20 18.48
CA MET E 30 -24.93 37.63 18.40
C MET E 30 -24.82 38.00 16.96
N LEU E 31 -24.55 37.04 16.12
CA LEU E 31 -24.47 37.31 14.71
C LEU E 31 -25.85 37.29 14.13
N SER E 32 -26.85 37.42 14.99
CA SER E 32 -28.24 37.32 14.58
C SER E 32 -29.05 36.70 15.67
N THR E 42 -22.98 44.57 12.16
CA THR E 42 -22.92 43.12 11.90
C THR E 42 -22.69 42.84 10.41
N ASN E 43 -21.90 41.82 10.00
CA ASN E 43 -21.22 40.73 10.74
C ASN E 43 -19.97 41.06 11.62
N GLU E 44 -20.15 42.00 12.54
CA GLU E 44 -19.23 42.50 13.56
C GLU E 44 -19.91 42.27 14.93
N VAL E 45 -19.10 41.89 15.93
CA VAL E 45 -19.55 41.70 17.31
C VAL E 45 -18.65 42.55 18.23
N ASN E 46 -19.25 43.38 19.09
CA ASN E 46 -18.52 44.20 20.07
C ASN E 46 -18.57 43.53 21.44
N PHE E 47 -17.42 43.42 22.11
CA PHE E 47 -17.36 42.81 23.45
C PHE E 47 -16.91 43.86 24.43
N ARG E 48 -17.85 44.62 25.01
CA ARG E 48 -17.60 45.71 25.96
C ARG E 48 -16.86 45.28 27.24
N GLU E 49 -16.77 43.98 27.48
CA GLU E 49 -16.21 43.39 28.71
C GLU E 49 -14.98 42.52 28.48
N ILE E 50 -14.61 42.25 27.22
CA ILE E 50 -13.46 41.41 26.92
C ILE E 50 -12.30 42.25 26.38
N PRO E 51 -11.18 42.39 27.15
CA PRO E 51 -10.04 43.17 26.61
C PRO E 51 -9.26 42.35 25.58
N SER E 52 -8.45 43.03 24.75
CA SER E 52 -7.67 42.45 23.66
C SER E 52 -6.71 41.33 24.06
N HIS E 53 -6.08 41.41 25.26
CA HIS E 53 -5.17 40.36 25.73
C HIS E 53 -5.91 39.06 26.03
N VAL E 54 -7.25 39.13 26.17
CA VAL E 54 -8.11 37.97 26.39
C VAL E 54 -8.67 37.50 25.03
N LEU E 55 -9.31 38.40 24.26
CA LEU E 55 -9.93 38.11 22.95
C LEU E 55 -8.98 37.52 21.92
N SER E 56 -7.71 37.95 21.94
CA SER E 56 -6.68 37.42 21.04
C SER E 56 -6.50 35.91 21.34
N LYS E 57 -6.50 35.54 22.63
CA LYS E 57 -6.38 34.15 23.07
C LYS E 57 -7.58 33.30 22.70
N VAL E 58 -8.79 33.90 22.74
CA VAL E 58 -10.05 33.24 22.36
C VAL E 58 -9.96 32.85 20.86
N CYS E 59 -9.51 33.79 20.02
CA CYS E 59 -9.31 33.60 18.58
C CYS E 59 -8.27 32.50 18.27
N MET E 60 -7.18 32.40 19.10
CA MET E 60 -6.17 31.34 18.98
C MET E 60 -6.82 30.01 19.34
N TYR E 61 -7.72 30.02 20.38
CA TYR E 61 -8.46 28.82 20.76
C TYR E 61 -9.29 28.31 19.59
N PHE E 62 -10.07 29.20 18.89
CA PHE E 62 -10.90 28.80 17.75
C PHE E 62 -10.06 28.06 16.71
N THR E 63 -8.90 28.60 16.32
CA THR E 63 -7.99 27.98 15.35
C THR E 63 -7.45 26.65 15.84
N TYR E 64 -7.00 26.60 17.11
CA TYR E 64 -6.53 25.40 17.79
C TYR E 64 -7.63 24.29 17.76
N LYS E 65 -8.87 24.64 18.17
CA LYS E 65 -10.01 23.72 18.22
C LYS E 65 -10.29 23.14 16.85
N VAL E 66 -10.41 24.00 15.81
CA VAL E 66 -10.71 23.57 14.45
C VAL E 66 -9.56 22.70 13.88
N ARG E 67 -8.31 23.07 14.17
CA ARG E 67 -7.18 22.27 13.72
C ARG E 67 -7.12 20.87 14.37
N TYR E 68 -7.29 20.80 15.69
CA TYR E 68 -7.13 19.53 16.43
C TYR E 68 -8.33 18.65 16.73
N THR E 69 -9.56 19.11 16.50
CA THR E 69 -10.79 18.32 16.74
C THR E 69 -10.82 17.16 15.73
N ASN E 70 -10.99 15.92 16.24
CA ASN E 70 -11.04 14.66 15.47
C ASN E 70 -9.74 14.43 14.68
N SER E 71 -8.59 14.63 15.36
CA SER E 71 -7.27 14.49 14.78
C SER E 71 -6.53 13.31 15.43
N SER E 72 -5.95 12.42 14.60
CA SER E 72 -5.17 11.28 15.08
C SER E 72 -3.75 11.71 15.44
N THR E 73 -3.32 12.90 14.93
CA THR E 73 -2.02 13.53 15.21
C THR E 73 -1.97 13.95 16.70
N GLU E 74 -0.75 13.98 17.29
CA GLU E 74 -0.55 14.37 18.69
C GLU E 74 -1.00 15.83 18.90
N ILE E 75 -1.95 16.01 19.81
CA ILE E 75 -2.51 17.31 20.14
C ILE E 75 -1.60 17.98 21.18
N PRO E 76 -1.12 19.21 20.93
CA PRO E 76 -0.33 19.91 21.94
C PRO E 76 -1.23 20.58 22.99
N GLU E 77 -0.66 20.96 24.14
CA GLU E 77 -1.42 21.64 25.20
C GLU E 77 -1.81 23.03 24.75
N PHE E 78 -3.01 23.48 25.07
CA PHE E 78 -3.38 24.86 24.76
C PHE E 78 -2.79 25.70 25.91
N PRO E 79 -1.86 26.63 25.60
CA PRO E 79 -1.20 27.40 26.69
C PRO E 79 -2.01 28.58 27.19
N ILE E 80 -2.01 28.78 28.52
CA ILE E 80 -2.68 29.92 29.16
C ILE E 80 -1.73 30.45 30.25
N ALA E 81 -1.24 31.69 30.07
CA ALA E 81 -0.37 32.33 31.05
C ALA E 81 -1.17 32.56 32.33
N PRO E 82 -0.56 32.34 33.52
CA PRO E 82 -1.31 32.55 34.78
C PRO E 82 -2.01 33.91 34.91
N GLU E 83 -1.41 34.97 34.34
CA GLU E 83 -1.90 36.35 34.39
C GLU E 83 -3.20 36.58 33.62
N ILE E 84 -3.49 35.69 32.65
CA ILE E 84 -4.63 35.76 31.75
C ILE E 84 -5.76 34.81 32.17
N ALA E 85 -5.42 33.75 32.94
CA ALA E 85 -6.33 32.69 33.37
C ALA E 85 -7.69 33.12 33.89
N LEU E 86 -7.74 34.01 34.89
CA LEU E 86 -9.00 34.49 35.48
C LEU E 86 -9.94 35.16 34.48
N GLU E 87 -9.42 36.10 33.71
CA GLU E 87 -10.19 36.84 32.72
C GLU E 87 -10.60 35.95 31.55
N LEU E 88 -9.73 35.00 31.14
CA LEU E 88 -10.02 34.07 30.05
C LEU E 88 -11.11 33.13 30.50
N LEU E 89 -11.06 32.68 31.78
CA LEU E 89 -12.11 31.83 32.35
C LEU E 89 -13.48 32.52 32.27
N MET E 90 -13.56 33.83 32.65
CA MET E 90 -14.79 34.63 32.63
C MET E 90 -15.36 34.78 31.23
N ALA E 91 -14.50 35.00 30.22
CA ALA E 91 -14.91 35.12 28.82
C ALA E 91 -15.40 33.76 28.29
N ALA E 92 -14.66 32.65 28.62
CA ALA E 92 -14.99 31.28 28.20
C ALA E 92 -16.32 30.84 28.77
N ASN E 93 -16.59 31.23 30.03
CA ASN E 93 -17.83 30.96 30.73
C ASN E 93 -18.99 31.68 30.06
N PHE E 94 -18.80 32.94 29.64
CA PHE E 94 -19.83 33.73 28.98
C PHE E 94 -20.12 33.26 27.53
N LEU E 95 -19.06 32.97 26.79
CA LEU E 95 -19.15 32.55 25.39
C LEU E 95 -19.52 31.09 25.23
N ASP E 96 -19.40 30.29 26.30
CA ASP E 96 -19.65 28.86 26.34
C ASP E 96 -18.94 28.10 25.19
N CYS E 97 -17.60 28.13 25.24
CA CYS E 97 -16.72 27.47 24.28
C CYS E 97 -15.57 26.72 25.01
N LEU F 12 -20.88 -0.96 33.50
CA LEU F 12 -19.56 -0.60 33.00
C LEU F 12 -18.49 -1.34 33.81
N ARG F 13 -18.13 -2.52 33.33
CA ARG F 13 -17.17 -3.40 33.97
C ARG F 13 -16.49 -4.26 32.91
N SER F 14 -15.36 -4.90 33.29
CA SER F 14 -14.59 -5.77 32.41
C SER F 14 -15.29 -7.10 32.28
N VAL F 15 -15.14 -7.72 31.11
CA VAL F 15 -15.66 -9.04 30.80
C VAL F 15 -14.55 -10.01 31.22
N ASN F 16 -14.86 -10.96 32.12
CA ASN F 16 -13.87 -11.94 32.57
C ASN F 16 -13.71 -13.04 31.50
N SER F 17 -13.12 -12.66 30.36
CA SER F 17 -12.91 -13.53 29.19
C SER F 17 -11.80 -14.56 29.40
N ARG F 18 -10.76 -14.21 30.20
CA ARG F 18 -9.56 -15.02 30.44
C ARG F 18 -8.79 -15.25 29.10
N GLU F 19 -9.06 -14.36 28.09
CA GLU F 19 -8.47 -14.36 26.75
C GLU F 19 -7.35 -13.32 26.68
N PRO F 20 -6.07 -13.74 26.76
CA PRO F 20 -4.97 -12.76 26.72
C PRO F 20 -4.96 -11.86 25.50
N SER F 21 -4.63 -10.59 25.74
CA SER F 21 -4.50 -9.56 24.71
C SER F 21 -3.38 -8.63 25.10
N GLN F 22 -2.32 -8.63 24.29
CA GLN F 22 -1.13 -7.83 24.48
C GLN F 22 -1.41 -6.43 24.06
N VAL F 23 -1.14 -5.51 24.97
CA VAL F 23 -1.36 -4.09 24.77
C VAL F 23 -0.08 -3.27 24.99
N ILE F 24 0.05 -2.16 24.26
CA ILE F 24 1.08 -1.15 24.46
C ILE F 24 0.37 0.17 24.82
N PHE F 25 0.56 0.65 26.06
CA PHE F 25 0.07 2.00 26.40
C PHE F 25 1.15 2.95 25.88
N ASN F 27 1.99 6.97 25.80
CA ASN F 27 1.64 8.31 26.24
C ASN F 27 2.15 9.38 25.26
N ARG F 28 1.21 9.89 24.41
CA ARG F 28 1.47 10.93 23.40
C ARG F 28 0.84 12.23 23.90
N SER F 29 1.01 12.52 25.18
CA SER F 29 0.47 13.69 25.86
C SER F 29 1.57 14.32 26.72
N PRO F 30 1.47 15.61 27.09
CA PRO F 30 2.50 16.22 27.95
C PRO F 30 2.28 15.91 29.43
N ARG F 31 1.24 15.14 29.75
CA ARG F 31 0.84 14.78 31.10
C ARG F 31 1.39 13.44 31.57
N VAL F 32 1.51 13.29 32.90
CA VAL F 32 1.85 12.02 33.52
C VAL F 32 0.50 11.29 33.53
N VAL F 33 0.45 10.12 32.87
CA VAL F 33 -0.77 9.36 32.70
C VAL F 33 -1.01 8.29 33.73
N LEU F 34 -2.23 8.27 34.27
CA LEU F 34 -2.71 7.24 35.17
C LEU F 34 -3.64 6.28 34.42
N PRO F 35 -3.19 5.04 34.13
CA PRO F 35 -4.07 4.06 33.49
C PRO F 35 -5.02 3.49 34.54
N VAL F 36 -6.33 3.41 34.22
CA VAL F 36 -7.33 2.91 35.16
C VAL F 36 -8.07 1.69 34.57
N TRP F 37 -8.01 0.54 35.25
CA TRP F 37 -8.71 -0.66 34.80
C TRP F 37 -10.04 -0.77 35.55
N LEU F 38 -11.13 -1.05 34.86
CA LEU F 38 -12.41 -1.21 35.55
C LEU F 38 -12.57 -2.68 35.79
N ASN F 39 -12.40 -3.14 37.04
CA ASN F 39 -12.46 -4.55 37.38
C ASN F 39 -13.83 -5.21 37.20
N PHE F 40 -13.90 -6.51 37.47
CA PHE F 40 -15.10 -7.33 37.29
C PHE F 40 -16.34 -6.85 38.06
N ASP F 41 -16.13 -6.03 39.11
CA ASP F 41 -17.16 -5.40 39.94
C ASP F 41 -17.48 -3.97 39.47
N GLY F 42 -16.75 -3.51 38.47
CA GLY F 42 -16.88 -2.16 37.91
C GLY F 42 -16.12 -1.11 38.69
N GLU F 43 -15.25 -1.55 39.65
CA GLU F 43 -14.43 -0.66 40.48
C GLU F 43 -13.18 -0.17 39.72
N PRO F 44 -12.92 1.15 39.71
CA PRO F 44 -11.68 1.66 39.07
C PRO F 44 -10.43 1.19 39.80
N GLN F 45 -9.54 0.50 39.08
CA GLN F 45 -8.28 0.01 39.63
C GLN F 45 -7.09 0.77 38.98
N PRO F 46 -6.40 1.63 39.76
CA PRO F 46 -5.25 2.37 39.19
C PRO F 46 -4.05 1.44 38.93
N TYR F 47 -3.32 1.73 37.85
CA TYR F 47 -2.13 0.98 37.45
C TYR F 47 -0.92 1.94 37.43
N PRO F 48 0.36 1.45 37.45
CA PRO F 48 1.50 2.38 37.48
C PRO F 48 1.42 3.51 36.46
N THR F 49 1.88 4.71 36.84
CA THR F 49 1.83 5.89 35.99
C THR F 49 2.81 5.83 34.80
N LEU F 50 2.44 6.55 33.71
CA LEU F 50 3.26 6.65 32.50
C LEU F 50 3.77 8.08 32.37
N PRO F 51 5.11 8.31 32.41
CA PRO F 51 5.64 9.67 32.21
C PRO F 51 5.29 10.21 30.81
N PRO F 52 5.31 11.56 30.60
CA PRO F 52 4.92 12.12 29.29
C PRO F 52 5.28 11.52 27.94
N GLY F 53 6.49 11.13 27.65
CA GLY F 53 6.70 10.63 26.30
C GLY F 53 7.20 9.22 26.24
N THR F 54 6.50 8.33 26.95
CA THR F 54 6.90 6.95 27.14
C THR F 54 5.74 6.01 26.90
N GLY F 55 6.11 4.74 26.75
CA GLY F 55 5.20 3.63 26.57
C GLY F 55 5.45 2.49 27.53
N ARG F 56 4.53 1.56 27.59
CA ARG F 56 4.65 0.40 28.46
C ARG F 56 3.84 -0.73 27.90
N ARG F 57 4.45 -1.94 27.90
CA ARG F 57 3.80 -3.17 27.47
C ARG F 57 2.99 -3.70 28.62
N ILE F 58 1.72 -4.06 28.35
CA ILE F 58 0.87 -4.65 29.37
C ILE F 58 0.16 -5.90 28.87
N HIS F 59 0.20 -6.97 29.69
CA HIS F 59 -0.56 -8.18 29.45
C HIS F 59 -1.98 -7.87 29.96
N SER F 60 -2.91 -7.75 29.04
CA SER F 60 -4.30 -7.51 29.38
C SER F 60 -5.16 -8.64 28.78
N TYR F 61 -6.47 -8.45 28.73
CA TYR F 61 -7.40 -9.48 28.28
C TYR F 61 -8.46 -8.91 27.39
N ARG F 62 -8.95 -9.71 26.45
CA ARG F 62 -10.02 -9.32 25.54
C ARG F 62 -11.25 -8.90 26.38
N GLY F 63 -11.90 -7.81 26.00
CA GLY F 63 -13.11 -7.34 26.69
C GLY F 63 -12.88 -6.54 27.97
N HIS F 64 -11.62 -6.35 28.39
CA HIS F 64 -11.29 -5.56 29.58
C HIS F 64 -11.47 -4.06 29.32
N LEU F 65 -11.84 -3.27 30.33
CA LEU F 65 -12.14 -1.85 30.19
C LEU F 65 -11.11 -0.96 30.84
N TRP F 66 -10.52 -0.07 30.02
CA TRP F 66 -9.51 0.88 30.47
C TRP F 66 -9.89 2.30 30.16
N LEU F 67 -9.50 3.20 31.05
CA LEU F 67 -9.57 4.64 30.87
C LEU F 67 -8.28 5.27 31.39
N PHE F 68 -7.98 6.49 30.93
CA PHE F 68 -6.72 7.17 31.21
C PHE F 68 -6.95 8.58 31.70
N ARG F 69 -6.23 8.93 32.78
CA ARG F 69 -6.37 10.25 33.40
C ARG F 69 -5.03 10.91 33.61
N ASP F 70 -5.07 12.21 33.91
CA ASP F 70 -3.86 12.90 34.31
C ASP F 70 -3.65 12.40 35.75
N ALA F 71 -2.48 11.83 36.06
CA ALA F 71 -2.18 11.26 37.38
C ALA F 71 -2.32 12.24 38.56
N GLY F 72 -1.99 13.51 38.33
CA GLY F 72 -2.04 14.52 39.37
C GLY F 72 -3.39 15.19 39.61
N THR F 73 -4.10 15.51 38.52
CA THR F 73 -5.34 16.29 38.58
C THR F 73 -6.62 15.53 38.25
N HIS F 74 -6.48 14.32 37.68
CA HIS F 74 -7.58 13.46 37.23
C HIS F 74 -8.31 13.97 36.00
N ASP F 75 -7.70 14.92 35.24
CA ASP F 75 -8.30 15.40 34.00
C ASP F 75 -8.42 14.19 33.03
N GLY F 76 -9.51 14.12 32.30
CA GLY F 76 -9.78 13.06 31.35
C GLY F 76 -8.89 13.15 30.13
N LEU F 77 -8.44 11.99 29.64
CA LEU F 77 -7.60 11.91 28.46
C LEU F 77 -8.25 11.00 27.44
N LEU F 78 -7.79 11.05 26.19
CA LEU F 78 -8.35 10.19 25.16
C LEU F 78 -7.43 9.05 24.87
N VAL F 79 -8.01 7.94 24.45
CA VAL F 79 -7.28 6.75 24.04
C VAL F 79 -7.87 6.28 22.73
N ASN F 80 -7.05 6.30 21.68
CA ASN F 80 -7.43 5.99 20.29
C ASN F 80 -8.68 6.81 19.86
N GLN F 81 -8.65 8.12 20.23
CA GLN F 81 -9.66 9.14 19.94
C GLN F 81 -10.99 9.05 20.71
N THR F 82 -11.09 8.11 21.66
CA THR F 82 -12.30 7.89 22.46
C THR F 82 -11.95 7.83 23.96
N GLU F 83 -12.98 7.69 24.81
CA GLU F 83 -12.83 7.65 26.27
C GLU F 83 -12.38 6.32 26.83
N LEU F 84 -12.92 5.22 26.27
CA LEU F 84 -12.65 3.89 26.76
C LEU F 84 -11.85 3.06 25.79
N PHE F 85 -10.90 2.31 26.32
CA PHE F 85 -10.09 1.38 25.55
C PHE F 85 -10.47 -0.03 25.94
N VAL F 86 -10.79 -0.84 24.91
CA VAL F 86 -11.15 -2.25 25.10
C VAL F 86 -10.14 -3.14 24.33
N PRO F 87 -9.22 -3.86 25.02
CA PRO F 87 -8.28 -4.73 24.29
C PRO F 87 -9.02 -5.72 23.41
N SER F 88 -8.58 -5.79 22.16
CA SER F 88 -9.15 -6.67 21.14
C SER F 88 -8.17 -7.81 20.81
N LEU F 89 -8.47 -8.51 19.73
CA LEU F 89 -7.68 -9.63 19.26
C LEU F 89 -6.38 -9.14 18.63
N ASN F 90 -5.26 -9.86 18.96
CA ASN F 90 -3.93 -9.60 18.41
C ASN F 90 -3.81 -10.35 17.07
N VAL F 91 -4.02 -9.63 15.97
CA VAL F 91 -3.93 -10.19 14.60
C VAL F 91 -2.45 -10.39 14.26
N ASP F 92 -2.11 -11.61 13.79
CA ASP F 92 -0.74 -12.05 13.44
C ASP F 92 0.27 -11.83 14.61
N GLY F 93 -0.23 -11.99 15.84
CA GLY F 93 0.52 -11.85 17.08
C GLY F 93 0.94 -10.43 17.45
N GLN F 94 0.44 -9.43 16.70
CA GLN F 94 0.80 -8.02 16.87
C GLN F 94 0.10 -7.35 18.07
N PRO F 95 0.80 -6.55 18.91
CA PRO F 95 0.14 -5.94 20.08
C PRO F 95 -0.79 -4.77 19.70
N ILE F 96 -1.79 -4.51 20.55
CA ILE F 96 -2.74 -3.41 20.35
C ILE F 96 -2.13 -2.15 20.93
N PHE F 97 -2.19 -1.05 20.17
CA PHE F 97 -1.72 0.24 20.64
C PHE F 97 -2.82 1.05 21.26
N ALA F 98 -2.61 1.47 22.51
CA ALA F 98 -3.49 2.36 23.25
C ALA F 98 -2.80 3.72 23.22
N ASN F 99 -3.10 4.52 22.17
CA ASN F 99 -2.54 5.87 21.95
C ASN F 99 -3.24 6.91 22.79
N ILE F 100 -2.59 7.29 23.90
CA ILE F 100 -3.12 8.22 24.88
C ILE F 100 -2.74 9.61 24.47
N THR F 101 -3.72 10.49 24.34
CA THR F 101 -3.49 11.87 23.89
C THR F 101 -4.34 12.81 24.69
N LEU F 102 -4.03 14.10 24.62
CA LEU F 102 -4.88 15.11 25.24
C LEU F 102 -6.13 15.24 24.37
N PRO F 103 -7.30 15.45 24.95
CA PRO F 103 -8.45 15.82 24.12
C PRO F 103 -8.36 17.31 23.78
N VAL F 104 -9.22 17.80 22.89
CA VAL F 104 -9.33 19.24 22.69
C VAL F 104 -10.32 19.67 23.81
N TYR F 105 -9.80 20.07 24.98
CA TYR F 105 -10.67 20.56 26.05
C TYR F 105 -11.41 21.82 25.60
N THR F 106 -12.56 22.12 26.22
CA THR F 106 -13.26 23.38 25.95
C THR F 106 -12.37 24.47 26.54
N LEU F 107 -12.54 25.72 26.08
CA LEU F 107 -11.73 26.81 26.64
C LEU F 107 -11.99 26.96 28.16
N LYS F 108 -13.26 26.81 28.56
CA LYS F 108 -13.70 26.85 29.96
C LYS F 108 -12.98 25.81 30.82
N GLU F 109 -13.01 24.54 30.39
CA GLU F 109 -12.35 23.46 31.10
C GLU F 109 -10.85 23.67 31.21
N ARG F 110 -10.23 24.12 30.11
CA ARG F 110 -8.80 24.42 30.08
C ARG F 110 -8.43 25.51 31.09
N CYS F 111 -9.25 26.58 31.18
CA CYS F 111 -9.11 27.67 32.15
C CYS F 111 -9.22 27.20 33.58
N LEU F 112 -10.21 26.31 33.85
CA LEU F 112 -10.47 25.75 35.18
C LEU F 112 -9.24 24.93 35.62
N GLN F 113 -8.66 24.13 34.70
CA GLN F 113 -7.45 23.33 34.94
C GLN F 113 -6.30 24.23 35.41
N VAL F 114 -6.06 25.36 34.69
CA VAL F 114 -4.98 26.30 35.00
C VAL F 114 -5.23 27.00 36.35
N VAL F 115 -6.44 27.52 36.55
CA VAL F 115 -6.81 28.18 37.81
C VAL F 115 -6.67 27.20 39.00
N ARG F 116 -7.16 25.94 38.85
CA ARG F 116 -7.04 24.89 39.90
C ARG F 116 -5.57 24.59 40.24
N SER F 117 -4.70 24.59 39.21
CA SER F 117 -3.26 24.31 39.35
C SER F 117 -2.55 25.41 40.13
N LEU F 118 -3.10 26.64 40.17
CA LEU F 118 -2.50 27.79 40.84
C LEU F 118 -3.10 28.16 42.18
N VAL F 119 -4.40 27.83 42.39
CA VAL F 119 -5.11 28.18 43.60
C VAL F 119 -5.52 26.98 44.45
N LYS F 120 -5.17 27.03 45.76
CA LYS F 120 -5.50 26.00 46.76
C LYS F 120 -7.02 25.97 46.93
N PRO F 121 -7.65 24.76 46.97
CA PRO F 121 -9.12 24.69 47.06
C PRO F 121 -9.80 25.54 48.13
N GLU F 122 -9.11 25.80 49.26
CA GLU F 122 -9.58 26.63 50.38
C GLU F 122 -9.76 28.08 49.93
N ASN F 123 -8.98 28.49 48.91
CA ASN F 123 -8.99 29.86 48.42
C ASN F 123 -9.78 30.14 47.13
N TYR F 124 -10.53 29.14 46.60
CA TYR F 124 -11.36 29.32 45.40
C TYR F 124 -12.37 30.46 45.60
N ARG F 125 -12.97 30.56 46.81
CA ARG F 125 -13.98 31.55 47.15
C ARG F 125 -13.39 32.96 47.38
N ARG F 126 -12.05 33.09 47.37
CA ARG F 126 -11.36 34.37 47.49
C ARG F 126 -11.16 35.06 46.12
N LEU F 127 -11.47 34.34 45.02
CA LEU F 127 -11.36 34.86 43.65
C LEU F 127 -12.58 35.74 43.31
N ASP F 128 -12.34 36.93 42.68
CA ASP F 128 -13.42 37.84 42.28
C ASP F 128 -13.96 37.42 40.91
N ILE F 129 -14.92 36.49 40.92
CA ILE F 129 -15.57 35.85 39.76
C ILE F 129 -16.99 35.45 40.15
N VAL F 130 -17.85 35.25 39.14
CA VAL F 130 -19.26 34.82 39.24
C VAL F 130 -19.37 33.57 40.13
N ARG F 131 -20.34 33.58 41.08
CA ARG F 131 -20.62 32.50 42.05
C ARG F 131 -20.63 31.08 41.45
N SER F 132 -21.18 30.91 40.22
CA SER F 132 -21.28 29.62 39.50
C SER F 132 -19.90 29.05 39.15
N LEU F 133 -18.91 29.93 38.90
CA LEU F 133 -17.53 29.52 38.60
C LEU F 133 -16.84 28.85 39.81
N TYR F 134 -17.19 29.32 41.02
CA TYR F 134 -16.70 28.78 42.29
C TYR F 134 -17.07 27.29 42.35
N GLU F 135 -18.35 26.95 42.05
CA GLU F 135 -18.87 25.58 42.03
C GLU F 135 -18.22 24.75 40.93
N ASP F 136 -17.95 25.36 39.75
CA ASP F 136 -17.27 24.72 38.61
C ASP F 136 -15.82 24.34 38.94
N LEU F 137 -15.11 25.20 39.74
CA LEU F 137 -13.73 24.98 40.20
C LEU F 137 -13.70 23.83 41.21
N GLU F 138 -14.72 23.80 42.12
CA GLU F 138 -14.84 22.76 43.14
C GLU F 138 -15.23 21.41 42.56
N ASP F 139 -15.93 21.41 41.41
CA ASP F 139 -16.37 20.21 40.70
C ASP F 139 -15.20 19.63 39.86
N HIS F 140 -14.18 19.13 40.59
CA HIS F 140 -12.95 18.55 40.06
C HIS F 140 -13.23 17.33 39.19
N PRO F 141 -12.44 17.12 38.10
CA PRO F 141 -12.59 15.91 37.30
C PRO F 141 -12.43 14.68 38.21
N ASN F 142 -13.36 13.73 38.05
CA ASN F 142 -13.48 12.54 38.90
C ASN F 142 -13.87 11.34 38.03
N VAL F 143 -13.17 10.21 38.21
CA VAL F 143 -13.45 8.96 37.48
C VAL F 143 -14.91 8.50 37.75
N GLN F 144 -15.31 8.47 39.03
CA GLN F 144 -16.65 8.03 39.45
C GLN F 144 -17.76 8.80 38.77
N LYS F 145 -17.68 10.15 38.75
CA LYS F 145 -18.68 11.00 38.09
C LYS F 145 -18.73 10.73 36.58
N ASP F 146 -17.55 10.54 35.96
CA ASP F 146 -17.46 10.22 34.54
C ASP F 146 -18.03 8.84 34.25
N LEU F 147 -17.83 7.88 35.18
CA LEU F 147 -18.37 6.54 35.06
C LEU F 147 -19.89 6.58 35.12
N GLU F 148 -20.45 7.48 35.96
CA GLU F 148 -21.90 7.71 36.10
C GLU F 148 -22.47 8.24 34.78
N ARG F 149 -21.82 9.26 34.18
CA ARG F 149 -22.17 9.88 32.90
C ARG F 149 -22.11 8.86 31.76
N LEU F 150 -21.00 8.10 31.66
CA LEU F 150 -20.77 7.06 30.65
C LEU F 150 -21.83 5.96 30.70
N THR F 151 -22.31 5.62 31.91
CA THR F 151 -23.34 4.62 32.18
C THR F 151 -24.70 5.07 31.59
N GLN F 152 -25.00 6.39 31.57
CA GLN F 152 -26.24 6.92 30.98
C GLN F 152 -26.22 6.74 29.44
N MET G 1 32.12 -11.73 1.80
CA MET G 1 32.27 -11.49 3.23
C MET G 1 31.56 -10.21 3.62
N ASP G 2 30.58 -10.29 4.52
CA ASP G 2 29.86 -9.12 4.98
C ASP G 2 30.59 -8.41 6.09
N VAL G 3 30.55 -7.08 6.05
CA VAL G 3 31.17 -6.22 7.02
C VAL G 3 30.05 -5.34 7.58
N PHE G 4 30.07 -5.14 8.90
CA PHE G 4 29.01 -4.40 9.61
C PHE G 4 29.53 -3.13 10.15
N LEU G 5 28.87 -2.03 9.75
CA LEU G 5 29.33 -0.67 10.02
C LEU G 5 28.37 0.26 10.71
N MET G 6 28.94 1.35 11.22
CA MET G 6 28.29 2.51 11.83
C MET G 6 28.89 3.70 11.12
N ILE G 7 28.10 4.37 10.26
CA ILE G 7 28.53 5.58 9.57
C ILE G 7 28.07 6.73 10.48
N ARG G 8 29.03 7.49 11.02
CA ARG G 8 28.73 8.51 12.01
C ARG G 8 29.18 9.92 11.66
N ARG G 9 28.27 10.88 11.88
CA ARG G 9 28.48 12.31 11.69
C ARG G 9 27.67 13.01 12.77
N HIS G 10 28.34 13.86 13.59
CA HIS G 10 27.67 14.64 14.64
C HIS G 10 26.82 13.72 15.52
N LYS G 11 25.49 13.90 15.52
CA LYS G 11 24.57 13.05 16.28
C LYS G 11 23.79 12.07 15.40
N THR G 12 24.31 11.75 14.20
CA THR G 12 23.71 10.80 13.28
C THR G 12 24.56 9.53 13.20
N THR G 13 23.92 8.35 13.28
CA THR G 13 24.56 7.04 13.13
C THR G 13 23.76 6.18 12.17
N ILE G 14 24.40 5.71 11.08
CA ILE G 14 23.75 4.79 10.14
C ILE G 14 24.32 3.40 10.39
N PHE G 15 23.43 2.43 10.69
CA PHE G 15 23.82 1.04 10.83
C PHE G 15 23.57 0.39 9.47
N THR G 16 24.62 -0.08 8.82
CA THR G 16 24.51 -0.79 7.53
C THR G 16 25.60 -1.85 7.37
N ASP G 17 25.41 -2.73 6.41
CA ASP G 17 26.37 -3.76 6.09
C ASP G 17 26.74 -3.61 4.64
N ALA G 18 27.91 -4.13 4.29
CA ALA G 18 28.43 -4.10 2.93
C ALA G 18 29.38 -5.28 2.75
N LYS G 19 29.83 -5.54 1.54
CA LYS G 19 30.76 -6.61 1.24
C LYS G 19 32.18 -6.09 1.45
N GLU G 20 33.10 -6.96 1.88
CA GLU G 20 34.53 -6.65 2.06
C GLU G 20 35.14 -6.15 0.71
N SER G 21 34.62 -6.68 -0.40
CA SER G 21 35.04 -6.37 -1.78
C SER G 21 34.40 -5.09 -2.31
N SER G 22 33.33 -4.58 -1.66
CA SER G 22 32.68 -3.34 -2.12
C SER G 22 33.58 -2.11 -1.86
N THR G 23 33.40 -1.05 -2.64
CA THR G 23 34.25 0.14 -2.52
C THR G 23 33.71 1.20 -1.60
N VAL G 24 34.59 2.19 -1.32
CA VAL G 24 34.28 3.38 -0.52
C VAL G 24 33.20 4.18 -1.27
N PHE G 25 33.30 4.25 -2.61
CA PHE G 25 32.32 4.94 -3.45
C PHE G 25 30.96 4.30 -3.33
N GLU G 26 30.88 2.97 -3.37
CA GLU G 26 29.62 2.22 -3.21
C GLU G 26 28.94 2.53 -1.86
N LEU G 27 29.75 2.72 -0.79
CA LEU G 27 29.29 3.11 0.55
C LEU G 27 28.69 4.53 0.49
N LYS G 28 29.35 5.44 -0.27
CA LYS G 28 28.88 6.81 -0.47
C LYS G 28 27.51 6.83 -1.17
N ARG G 29 27.27 5.88 -2.09
CA ARG G 29 25.97 5.73 -2.77
C ARG G 29 24.87 5.27 -1.77
N ILE G 30 25.26 4.47 -0.74
CA ILE G 30 24.36 4.03 0.32
C ILE G 30 23.99 5.27 1.16
N VAL G 31 24.99 6.07 1.60
CA VAL G 31 24.79 7.30 2.36
C VAL G 31 23.86 8.26 1.60
N GLU G 32 24.03 8.32 0.27
CA GLU G 32 23.25 9.18 -0.62
C GLU G 32 21.76 8.87 -0.53
N GLY G 33 21.41 7.58 -0.62
CA GLY G 33 20.03 7.11 -0.53
C GLY G 33 19.35 7.46 0.77
N ILE G 34 20.13 7.49 1.86
CA ILE G 34 19.64 7.78 3.20
C ILE G 34 19.64 9.29 3.51
N LEU G 35 20.82 9.96 3.44
CA LEU G 35 20.98 11.36 3.81
C LEU G 35 20.74 12.40 2.74
N LYS G 36 20.51 11.93 1.49
CA LYS G 36 20.19 12.76 0.31
C LYS G 36 21.31 13.77 -0.07
N ARG G 37 22.56 13.31 0.03
CA ARG G 37 23.75 14.09 -0.32
C ARG G 37 24.59 13.27 -1.31
N PRO G 38 24.93 13.83 -2.49
CA PRO G 38 25.72 13.06 -3.47
C PRO G 38 27.12 12.67 -3.00
N PRO G 39 27.73 11.59 -3.56
CA PRO G 39 29.09 11.19 -3.15
C PRO G 39 30.16 12.27 -3.16
N ASP G 40 30.11 13.21 -4.13
CA ASP G 40 31.06 14.32 -4.23
C ASP G 40 30.94 15.34 -3.08
N GLU G 41 29.81 15.32 -2.34
CA GLU G 41 29.54 16.18 -1.19
C GLU G 41 29.81 15.43 0.11
N GLN G 42 30.49 14.25 0.01
CA GLN G 42 30.80 13.37 1.13
C GLN G 42 32.27 13.03 1.25
N ARG G 43 32.74 12.90 2.49
CA ARG G 43 34.09 12.44 2.82
C ARG G 43 33.98 11.33 3.86
N LEU G 44 34.52 10.14 3.55
CA LEU G 44 34.51 9.00 4.48
C LEU G 44 35.87 8.81 5.12
N TYR G 45 35.88 8.45 6.42
CA TYR G 45 37.11 8.29 7.21
C TYR G 45 37.17 6.98 7.99
N LYS G 46 38.38 6.48 8.28
CA LYS G 46 38.64 5.34 9.18
C LYS G 46 39.57 5.99 10.20
N ASP G 47 39.01 6.37 11.36
CA ASP G 47 39.67 7.18 12.39
C ASP G 47 39.90 8.57 11.74
N ASP G 48 41.15 9.05 11.66
CA ASP G 48 41.45 10.35 11.04
C ASP G 48 41.82 10.25 9.56
N GLN G 49 41.96 9.02 9.05
CA GLN G 49 42.33 8.80 7.66
C GLN G 49 41.18 8.92 6.67
N LEU G 50 41.32 9.83 5.70
CA LEU G 50 40.37 10.00 4.61
C LEU G 50 40.49 8.79 3.68
N LEU G 51 39.34 8.21 3.34
CA LEU G 51 39.25 7.02 2.51
C LEU G 51 39.09 7.36 1.04
N ASP G 52 39.91 6.73 0.18
CA ASP G 52 39.88 6.90 -1.27
C ASP G 52 38.76 6.05 -1.88
N ASP G 53 37.98 6.66 -2.77
CA ASP G 53 36.81 6.10 -3.48
C ASP G 53 36.95 4.71 -4.11
N GLY G 54 38.03 4.46 -4.85
CA GLY G 54 38.25 3.21 -5.55
C GLY G 54 38.78 2.07 -4.70
N LYS G 55 39.00 2.35 -3.40
CA LYS G 55 39.51 1.36 -2.47
C LYS G 55 38.39 0.52 -1.90
N THR G 56 38.64 -0.80 -1.74
CA THR G 56 37.66 -1.70 -1.16
C THR G 56 37.68 -1.50 0.36
N LEU G 57 36.57 -1.89 1.02
CA LEU G 57 36.42 -1.80 2.47
C LEU G 57 37.43 -2.67 3.21
N GLY G 58 37.73 -3.85 2.65
CA GLY G 58 38.73 -4.77 3.15
C GLY G 58 40.11 -4.16 3.18
N GLU G 59 40.53 -3.53 2.07
CA GLU G 59 41.83 -2.86 2.04
C GLU G 59 41.90 -1.56 2.87
N CYS G 60 40.73 -1.01 3.28
CA CYS G 60 40.58 0.13 4.19
C CYS G 60 40.59 -0.37 5.64
N GLY G 61 40.68 -1.69 5.84
CA GLY G 61 40.73 -2.29 7.16
C GLY G 61 39.42 -2.77 7.75
N PHE G 62 38.33 -2.76 6.97
CA PHE G 62 37.03 -3.26 7.43
C PHE G 62 36.95 -4.71 7.03
N THR G 63 37.21 -5.59 8.00
CA THR G 63 37.21 -7.03 7.79
C THR G 63 36.08 -7.68 8.59
N SER G 64 35.74 -8.92 8.22
CA SER G 64 34.71 -9.73 8.86
C SER G 64 34.95 -9.89 10.35
N GLN G 65 36.23 -9.89 10.75
CA GLN G 65 36.66 -10.07 12.13
C GLN G 65 36.67 -8.79 12.97
N THR G 66 36.69 -7.62 12.33
CA THR G 66 36.72 -6.35 13.04
C THR G 66 35.45 -5.53 12.88
N ALA G 67 34.59 -5.89 11.90
CA ALA G 67 33.36 -5.16 11.61
C ALA G 67 32.25 -6.18 11.71
N ARG G 68 31.90 -6.52 12.97
CA ARG G 68 30.91 -7.55 13.25
C ARG G 68 29.52 -7.07 13.63
N PRO G 69 28.45 -7.88 13.45
CA PRO G 69 27.09 -7.37 13.74
C PRO G 69 26.89 -6.76 15.14
N GLN G 70 27.40 -7.44 16.17
CA GLN G 70 27.28 -7.05 17.57
C GLN G 70 28.30 -6.01 18.04
N ALA G 71 29.27 -5.69 17.19
CA ALA G 71 30.35 -4.73 17.47
C ALA G 71 30.81 -4.15 16.12
N PRO G 72 29.99 -3.27 15.50
CA PRO G 72 30.34 -2.79 14.15
C PRO G 72 31.48 -1.78 14.10
N ALA G 73 32.16 -1.69 12.96
CA ALA G 73 33.25 -0.71 12.77
C ALA G 73 32.70 0.67 12.43
N THR G 74 33.37 1.71 12.91
CA THR G 74 32.98 3.09 12.70
C THR G 74 33.61 3.70 11.45
N VAL G 75 32.74 4.28 10.62
CA VAL G 75 33.14 5.04 9.45
C VAL G 75 32.69 6.49 9.77
N GLY G 76 33.64 7.41 9.71
CA GLY G 76 33.36 8.83 9.92
C GLY G 76 32.85 9.44 8.62
N LEU G 77 31.94 10.42 8.75
CA LEU G 77 31.35 11.10 7.61
C LEU G 77 31.37 12.60 7.82
N ALA G 78 31.82 13.32 6.79
CA ALA G 78 31.86 14.77 6.77
C ALA G 78 31.20 15.23 5.49
N PHE G 79 30.36 16.29 5.59
CA PHE G 79 29.70 16.87 4.43
C PHE G 79 30.33 18.16 3.85
N ARG G 80 30.20 18.34 2.53
CA ARG G 80 30.64 19.56 1.87
C ARG G 80 29.49 20.54 2.07
N ALA G 81 29.71 21.58 2.88
CA ALA G 81 28.70 22.59 3.19
C ALA G 81 29.02 23.80 2.36
N ASP G 82 28.24 23.98 1.28
CA ASP G 82 28.38 25.00 0.23
C ASP G 82 29.65 24.65 -0.59
N ASP G 83 30.72 25.46 -0.48
CA ASP G 83 31.98 25.26 -1.20
C ASP G 83 33.06 24.43 -0.46
N THR G 84 32.99 24.38 0.90
CA THR G 84 34.03 23.73 1.71
C THR G 84 33.56 22.61 2.61
N PHE G 85 34.43 21.60 2.77
CA PHE G 85 34.18 20.46 3.64
C PHE G 85 34.32 20.85 5.08
N GLU G 86 33.37 20.39 5.88
CA GLU G 86 33.38 20.60 7.32
C GLU G 86 34.39 19.59 7.90
N ALA G 87 34.92 19.88 9.10
CA ALA G 87 35.83 18.96 9.75
C ALA G 87 35.01 17.77 10.28
N LEU G 88 35.61 16.58 10.24
CA LEU G 88 35.03 15.36 10.75
C LEU G 88 34.70 15.61 12.24
N ILE G 90 32.33 13.70 15.39
CA ILE G 90 31.44 12.64 15.84
C ILE G 90 31.10 12.90 17.33
N GLU G 91 29.80 13.14 17.63
CA GLU G 91 29.35 13.37 19.00
C GLU G 91 29.37 12.02 19.73
N PRO G 92 30.05 11.92 20.90
CA PRO G 92 30.08 10.63 21.61
C PRO G 92 28.71 10.29 22.18
N PHE G 93 28.46 9.00 22.44
CA PHE G 93 27.19 8.59 23.07
C PHE G 93 27.19 9.04 24.52
N SER G 94 26.02 9.02 25.18
CA SER G 94 25.89 9.46 26.57
C SER G 94 26.76 8.56 27.48
N SER G 95 27.14 9.10 28.65
CA SER G 95 27.96 8.38 29.62
C SER G 95 27.09 7.51 30.50
N PRO G 96 27.42 6.20 30.65
CA PRO G 96 26.65 5.35 31.57
C PRO G 96 26.89 5.83 32.99
N PRO G 97 25.91 5.71 33.92
CA PRO G 97 26.15 6.16 35.30
C PRO G 97 27.14 5.23 36.01
N GLU G 98 27.56 5.63 37.22
CA GLU G 98 28.44 4.81 38.05
C GLU G 98 27.73 3.48 38.38
N LEU G 99 28.49 2.37 38.33
CA LEU G 99 27.97 1.04 38.68
C LEU G 99 27.36 1.09 40.08
N PRO G 100 26.12 0.59 40.28
CA PRO G 100 25.54 0.60 41.66
C PRO G 100 26.38 -0.25 42.61
N ASP G 101 26.38 0.06 43.93
CA ASP G 101 27.16 -0.66 44.92
C ASP G 101 27.11 -2.16 44.78
N VAL G 102 25.90 -2.69 44.54
CA VAL G 102 25.58 -4.13 44.38
C VAL G 102 26.21 -4.85 43.13
N MET G 103 27.06 -4.15 42.35
CA MET G 103 27.74 -4.71 41.17
C MET G 103 29.26 -4.58 41.23
N MET H 2 12.69 1.35 3.40
CA MET H 2 14.00 0.73 3.46
C MET H 2 14.69 1.03 4.81
N TYR H 3 14.64 2.30 5.26
CA TYR H 3 15.28 2.71 6.52
C TYR H 3 14.32 3.44 7.48
N VAL H 4 14.61 3.37 8.79
CA VAL H 4 13.85 4.04 9.85
C VAL H 4 14.82 4.75 10.81
N LYS H 5 14.33 5.80 11.48
CA LYS H 5 15.12 6.59 12.41
C LYS H 5 14.65 6.39 13.85
N LEU H 6 15.58 6.00 14.73
CA LEU H 6 15.30 5.80 16.15
C LEU H 6 16.07 6.88 16.91
N ILE H 7 15.34 7.74 17.62
CA ILE H 7 15.94 8.89 18.31
C ILE H 7 16.03 8.65 19.81
N SER H 8 17.24 8.82 20.38
CA SER H 8 17.44 8.62 21.81
C SER H 8 17.00 9.84 22.60
N SER H 9 16.92 9.69 23.92
CA SER H 9 16.53 10.76 24.85
C SER H 9 17.46 11.96 24.78
N ASP H 10 18.75 11.76 24.49
CA ASP H 10 19.79 12.79 24.38
C ASP H 10 20.03 13.28 22.96
N GLY H 11 19.08 13.02 22.05
CA GLY H 11 19.08 13.51 20.67
C GLY H 11 19.85 12.75 19.61
N HIS H 12 20.51 11.62 19.95
CA HIS H 12 21.22 10.85 18.94
C HIS H 12 20.21 10.15 18.04
N GLU H 13 20.45 10.25 16.74
CA GLU H 13 19.58 9.65 15.73
C GLU H 13 20.25 8.43 15.12
N PHE H 14 19.60 7.28 15.24
CA PHE H 14 20.08 6.00 14.73
C PHE H 14 19.25 5.62 13.54
N ILE H 15 19.89 5.49 12.40
CA ILE H 15 19.23 5.07 11.16
C ILE H 15 19.56 3.60 10.91
N VAL H 16 18.53 2.76 10.94
CA VAL H 16 18.64 1.31 10.77
C VAL H 16 17.70 0.84 9.67
N LYS H 17 17.99 -0.32 9.06
CA LYS H 17 17.14 -0.92 8.02
C LYS H 17 15.76 -1.23 8.63
N ARG H 18 14.66 -0.91 7.90
CA ARG H 18 13.29 -1.16 8.37
C ARG H 18 13.12 -2.61 8.86
N GLU H 19 13.61 -3.60 8.06
CA GLU H 19 13.58 -5.03 8.37
C GLU H 19 14.25 -5.35 9.72
N HIS H 20 15.38 -4.67 10.03
CA HIS H 20 16.09 -4.84 11.31
C HIS H 20 15.30 -4.31 12.50
N ALA H 21 14.62 -3.17 12.35
CA ALA H 21 13.81 -2.56 13.38
C ALA H 21 12.53 -3.37 13.65
N LEU H 22 11.99 -4.06 12.60
CA LEU H 22 10.80 -4.91 12.70
C LEU H 22 11.01 -6.17 13.59
N THR H 23 12.23 -6.40 14.03
CA THR H 23 12.62 -7.45 14.96
C THR H 23 11.96 -7.18 16.34
N SER H 24 11.80 -5.89 16.70
CA SER H 24 11.12 -5.43 17.90
C SER H 24 9.64 -5.35 17.57
N GLY H 25 8.83 -6.11 18.31
CA GLY H 25 7.38 -6.12 18.16
C GLY H 25 6.77 -4.77 18.48
N THR H 26 7.35 -4.07 19.49
CA THR H 26 6.94 -2.73 19.92
C THR H 26 7.18 -1.74 18.79
N ILE H 27 8.38 -1.77 18.15
CA ILE H 27 8.72 -0.88 17.04
C ILE H 27 7.81 -1.15 15.83
N LYS H 28 7.59 -2.44 15.51
CA LYS H 28 6.69 -2.91 14.44
C LYS H 28 5.30 -2.33 14.63
N ALA H 29 4.82 -2.23 15.87
CA ALA H 29 3.54 -1.65 16.22
C ALA H 29 3.57 -0.11 16.13
N MET H 30 4.68 0.53 16.55
CA MET H 30 4.88 1.98 16.50
C MET H 30 4.89 2.49 15.07
N LEU H 31 5.49 1.72 14.15
CA LEU H 31 5.52 2.13 12.74
C LEU H 31 4.28 1.70 11.98
N SER H 32 3.59 0.65 12.46
CA SER H 32 2.31 0.22 11.88
C SER H 32 1.23 1.08 12.58
N GLY H 33 0.58 0.54 13.63
CA GLY H 33 -0.45 1.16 14.47
C GLY H 33 -1.17 2.38 13.91
N ASN H 43 8.20 6.99 9.89
CA ASN H 43 9.63 6.82 9.58
C ASN H 43 10.56 7.04 10.78
N GLU H 44 10.14 7.92 11.72
CA GLU H 44 10.90 8.27 12.92
C GLU H 44 10.17 7.87 14.22
N VAL H 45 10.92 7.33 15.20
CA VAL H 45 10.43 6.95 16.53
C VAL H 45 11.32 7.67 17.57
N ASN H 46 10.70 8.40 18.52
CA ASN H 46 11.40 9.09 19.60
C ASN H 46 11.30 8.27 20.88
N PHE H 47 12.43 8.07 21.56
CA PHE H 47 12.47 7.33 22.83
C PHE H 47 12.94 8.30 23.91
N ARG H 48 12.02 9.06 24.51
CA ARG H 48 12.32 10.08 25.53
C ARG H 48 12.98 9.52 26.81
N GLU H 49 13.03 8.19 26.94
CA GLU H 49 13.55 7.52 28.13
C GLU H 49 14.72 6.59 27.87
N ILE H 50 15.12 6.41 26.60
CA ILE H 50 16.24 5.54 26.27
C ILE H 50 17.46 6.40 25.84
N PRO H 51 18.56 6.41 26.64
CA PRO H 51 19.73 7.20 26.24
C PRO H 51 20.53 6.48 25.15
N SER H 52 21.36 7.23 24.42
CA SER H 52 22.17 6.77 23.30
C SER H 52 23.09 5.59 23.59
N HIS H 53 23.69 5.52 24.81
CA HIS H 53 24.57 4.41 25.16
C HIS H 53 23.79 3.10 25.28
N VAL H 54 22.45 3.18 25.39
CA VAL H 54 21.56 2.02 25.46
C VAL H 54 21.03 1.72 24.04
N LEU H 55 20.41 2.72 23.37
CA LEU H 55 19.82 2.61 22.04
C LEU H 55 20.78 2.13 20.95
N SER H 56 22.07 2.53 21.05
CA SER H 56 23.12 2.10 20.11
C SER H 56 23.26 0.59 20.23
N LYS H 57 23.22 0.06 21.48
CA LYS H 57 23.33 -1.37 21.75
C LYS H 57 22.12 -2.16 21.26
N VAL H 58 20.92 -1.56 21.32
CA VAL H 58 19.67 -2.14 20.82
C VAL H 58 19.82 -2.36 19.30
N CYS H 59 20.31 -1.33 18.58
CA CYS H 59 20.58 -1.35 17.13
C CYS H 59 21.62 -2.43 16.73
N MET H 60 22.65 -2.64 17.58
CA MET H 60 23.65 -3.70 17.36
C MET H 60 22.96 -5.06 17.56
N TYR H 61 22.01 -5.15 18.55
CA TYR H 61 21.24 -6.38 18.76
C TYR H 61 20.44 -6.74 17.52
N PHE H 62 19.74 -5.75 16.89
CA PHE H 62 18.97 -5.96 15.66
C PHE H 62 19.82 -6.62 14.57
N THR H 63 21.03 -6.07 14.31
CA THR H 63 21.95 -6.59 13.30
C THR H 63 22.38 -8.02 13.68
N TYR H 64 22.77 -8.22 14.94
CA TYR H 64 23.15 -9.51 15.50
C TYR H 64 22.04 -10.57 15.30
N LYS H 65 20.81 -10.22 15.70
CA LYS H 65 19.64 -11.10 15.58
C LYS H 65 19.38 -11.50 14.13
N VAL H 66 19.32 -10.52 13.21
CA VAL H 66 19.06 -10.77 11.78
C VAL H 66 20.21 -11.59 11.16
N ARG H 67 21.46 -11.31 11.55
CA ARG H 67 22.58 -12.06 11.02
C ARG H 67 22.57 -13.54 11.48
N TYR H 68 22.35 -13.78 12.78
CA TYR H 68 22.44 -15.13 13.34
C TYR H 68 21.20 -16.01 13.50
N THR H 69 19.98 -15.46 13.27
CA THR H 69 18.72 -16.23 13.36
C THR H 69 18.67 -17.22 12.19
N ASN H 70 18.46 -18.52 12.51
CA ASN H 70 18.40 -19.63 11.55
C ASN H 70 19.72 -19.78 10.75
N SER H 71 20.85 -19.73 11.48
CA SER H 71 22.20 -19.84 10.94
C SER H 71 22.88 -21.11 11.45
N SER H 72 23.48 -21.90 10.55
CA SER H 72 24.19 -23.12 10.92
C SER H 72 25.62 -22.78 11.40
N THR H 73 26.09 -21.55 11.08
CA THR H 73 27.40 -21.01 11.52
C THR H 73 27.37 -20.78 13.04
N GLU H 74 28.54 -20.87 13.70
CA GLU H 74 28.69 -20.69 15.13
C GLU H 74 28.31 -19.26 15.52
N ILE H 75 27.33 -19.16 16.43
CA ILE H 75 26.80 -17.90 16.92
C ILE H 75 27.69 -17.40 18.08
N PRO H 76 28.23 -16.16 17.98
CA PRO H 76 29.04 -15.64 19.08
C PRO H 76 28.17 -15.03 20.17
N GLU H 77 28.78 -14.73 21.34
CA GLU H 77 28.09 -14.10 22.45
C GLU H 77 27.72 -12.67 22.13
N PHE H 78 26.52 -12.24 22.53
CA PHE H 78 26.16 -10.85 22.39
C PHE H 78 26.77 -10.13 23.62
N PRO H 79 27.72 -9.20 23.45
CA PRO H 79 28.35 -8.57 24.62
C PRO H 79 27.55 -7.42 25.23
N ILE H 80 27.56 -7.33 26.55
CA ILE H 80 26.91 -6.23 27.29
C ILE H 80 27.83 -5.80 28.42
N ALA H 81 28.33 -4.56 28.36
CA ALA H 81 29.20 -4.00 29.41
C ALA H 81 28.39 -3.91 30.70
N PRO H 82 28.99 -4.27 31.87
CA PRO H 82 28.25 -4.22 33.14
C PRO H 82 27.55 -2.88 33.43
N GLU H 83 28.17 -1.75 32.99
CA GLU H 83 27.69 -0.40 33.22
C GLU H 83 26.39 -0.06 32.51
N ILE H 84 26.05 -0.78 31.45
CA ILE H 84 24.84 -0.52 30.67
C ILE H 84 23.76 -1.59 30.85
N ALA H 85 24.11 -2.73 31.49
CA ALA H 85 23.21 -3.89 31.72
C ALA H 85 21.81 -3.55 32.30
N LEU H 86 21.77 -2.77 33.41
CA LEU H 86 20.51 -2.40 34.04
C LEU H 86 19.57 -1.62 33.10
N GLU H 87 20.11 -0.58 32.46
CA GLU H 87 19.33 0.26 31.55
C GLU H 87 18.95 -0.47 30.27
N LEU H 88 19.84 -1.32 29.77
CA LEU H 88 19.56 -2.09 28.55
C LEU H 88 18.43 -3.12 28.83
N LEU H 89 18.36 -3.68 30.05
CA LEU H 89 17.30 -4.60 30.47
C LEU H 89 15.94 -3.87 30.46
N MET H 90 15.92 -2.60 30.91
CA MET H 90 14.70 -1.78 30.94
C MET H 90 14.19 -1.49 29.52
N ALA H 91 15.09 -1.16 28.59
CA ALA H 91 14.78 -0.89 27.20
C ALA H 91 14.32 -2.16 26.48
N ALA H 92 15.04 -3.30 26.66
CA ALA H 92 14.74 -4.61 26.06
C ALA H 92 13.34 -5.06 26.47
N ASN H 93 12.99 -4.82 27.74
CA ASN H 93 11.68 -5.10 28.30
C ASN H 93 10.56 -4.36 27.51
N PHE H 94 10.71 -3.05 27.28
CA PHE H 94 9.73 -2.24 26.56
C PHE H 94 9.63 -2.61 25.06
N LEU H 95 10.76 -2.88 24.40
CA LEU H 95 10.74 -3.35 23.01
C LEU H 95 10.41 -4.86 23.07
N ASP H 96 10.12 -5.53 21.94
CA ASP H 96 9.86 -6.97 22.10
C ASP H 96 11.18 -7.75 22.19
N CYS H 97 12.27 -7.05 21.83
CA CYS H 97 13.69 -7.37 21.84
C CYS H 97 14.16 -8.72 22.43
N VAL I 11 6.96 -39.00 30.67
CA VAL I 11 6.78 -38.82 29.23
C VAL I 11 8.10 -38.50 28.56
N LEU I 12 8.69 -37.35 28.91
CA LEU I 12 9.98 -36.94 28.37
C LEU I 12 11.05 -37.70 29.16
N ARG I 13 11.46 -38.85 28.60
CA ARG I 13 12.43 -39.76 29.18
C ARG I 13 13.16 -40.54 28.10
N SER I 14 14.24 -41.22 28.47
CA SER I 14 15.03 -42.07 27.58
C SER I 14 14.38 -43.43 27.43
N VAL I 15 14.44 -43.97 26.22
CA VAL I 15 13.94 -45.30 25.87
C VAL I 15 15.06 -46.29 26.23
N ASN I 16 14.77 -47.29 27.08
CA ASN I 16 15.79 -48.29 27.47
C ASN I 16 15.96 -49.31 26.33
N SER I 17 16.53 -48.86 25.20
CA SER I 17 16.77 -49.66 24.00
C SER I 17 17.88 -50.69 24.16
N ARG I 18 18.91 -50.37 24.98
CA ARG I 18 20.12 -51.19 25.19
C ARG I 18 20.91 -51.32 23.87
N GLU I 19 20.64 -50.39 22.91
CA GLU I 19 21.24 -50.32 21.57
C GLU I 19 22.35 -49.27 21.55
N PRO I 20 23.63 -49.68 21.66
CA PRO I 20 24.72 -48.67 21.66
C PRO I 20 24.73 -47.72 20.47
N SER I 21 25.05 -46.45 20.74
CA SER I 21 25.15 -45.39 19.76
C SER I 21 26.27 -44.45 20.18
N GLN I 22 27.32 -44.34 19.35
CA GLN I 22 28.52 -43.51 19.53
C GLN I 22 28.21 -42.08 19.14
N VAL I 23 28.55 -41.16 20.05
CA VAL I 23 28.22 -39.74 19.93
C VAL I 23 29.44 -38.84 20.17
N ILE I 24 29.51 -37.75 19.41
CA ILE I 24 30.50 -36.72 19.62
C ILE I 24 29.76 -35.46 20.09
N PHE I 25 30.03 -35.07 21.33
CA PHE I 25 29.52 -33.86 21.94
C PHE I 25 30.43 -32.76 21.47
N ASN I 27 31.12 -28.86 21.43
CA ASN I 27 30.83 -27.54 22.01
C ASN I 27 31.29 -26.38 21.11
N ARG I 28 30.37 -25.87 20.28
CA ARG I 28 30.61 -24.75 19.36
C ARG I 28 29.99 -23.50 19.99
N SER I 29 30.23 -23.31 21.30
CA SER I 29 29.69 -22.18 22.07
C SER I 29 30.82 -21.61 22.95
N PRO I 30 30.72 -20.34 23.41
CA PRO I 30 31.78 -19.79 24.27
C PRO I 30 31.58 -20.17 25.75
N ARG I 31 30.55 -20.99 26.03
CA ARG I 31 30.18 -21.44 27.36
C ARG I 31 30.76 -22.80 27.74
N VAL I 32 30.89 -23.02 29.06
CA VAL I 32 31.25 -24.32 29.62
C VAL I 32 29.90 -25.06 29.61
N VAL I 33 29.85 -26.19 28.89
CA VAL I 33 28.63 -26.94 28.68
C VAL I 33 28.43 -28.08 29.65
N LEU I 34 27.21 -28.16 30.18
CA LEU I 34 26.78 -29.25 31.03
C LEU I 34 25.82 -30.14 30.21
N PRO I 35 26.27 -31.35 29.84
CA PRO I 35 25.38 -32.30 29.14
C PRO I 35 24.44 -32.93 30.18
N VAL I 36 23.13 -32.99 29.86
CA VAL I 36 22.15 -33.55 30.79
C VAL I 36 21.40 -34.72 30.14
N TRP I 37 21.48 -35.90 30.76
CA TRP I 37 20.78 -37.09 30.26
C TRP I 37 19.45 -37.25 30.99
N LEU I 38 18.32 -37.50 30.28
CA LEU I 38 17.06 -37.74 31.00
C LEU I 38 16.96 -39.22 31.15
N ASN I 39 17.05 -39.69 32.39
CA ASN I 39 17.04 -41.11 32.64
C ASN I 39 15.70 -41.80 32.36
N PHE I 40 15.65 -43.13 32.64
CA PHE I 40 14.47 -43.96 32.41
C PHE I 40 13.20 -43.51 33.12
N ASP I 41 13.36 -42.74 34.22
CA ASP I 41 12.29 -42.13 35.02
C ASP I 41 12.00 -40.67 34.59
N GLY I 42 12.81 -40.13 33.69
CA GLY I 42 12.69 -38.76 33.20
C GLY I 42 13.44 -37.77 34.06
N GLU I 43 14.25 -38.28 35.00
CA GLU I 43 15.06 -37.45 35.89
C GLU I 43 16.34 -36.94 35.21
N PRO I 44 16.63 -35.62 35.29
CA PRO I 44 17.83 -35.10 34.65
C PRO I 44 19.09 -35.59 35.37
N GLN I 45 20.00 -36.18 34.60
CA GLN I 45 21.27 -36.69 35.10
C GLN I 45 22.44 -35.88 34.50
N PRO I 46 23.12 -35.06 35.31
CA PRO I 46 24.28 -34.30 34.77
C PRO I 46 25.48 -35.19 34.46
N TYR I 47 26.20 -34.86 33.38
CA TYR I 47 27.38 -35.57 32.91
C TYR I 47 28.60 -34.61 32.92
N PRO I 48 29.86 -35.11 32.89
CA PRO I 48 31.03 -34.18 32.94
C PRO I 48 30.94 -33.01 31.97
N THR I 49 31.38 -31.84 32.43
CA THR I 49 31.32 -30.60 31.65
C THR I 49 32.27 -30.57 30.47
N LEU I 50 31.90 -29.79 29.44
CA LEU I 50 32.70 -29.58 28.24
C LEU I 50 33.19 -28.14 28.21
N PRO I 51 34.53 -27.89 28.24
CA PRO I 51 35.03 -26.51 28.11
C PRO I 51 34.66 -25.91 26.75
N PRO I 52 34.62 -24.55 26.61
CA PRO I 52 34.25 -23.93 25.31
C PRO I 52 35.11 -24.41 24.14
N GLY I 53 34.48 -24.64 23.00
CA GLY I 53 35.17 -25.05 21.78
C GLY I 53 35.80 -26.43 21.73
N THR I 54 35.42 -27.32 22.65
CA THR I 54 35.97 -28.68 22.70
C THR I 54 34.92 -29.73 22.33
N GLY I 55 35.42 -30.87 21.90
CA GLY I 55 34.63 -32.00 21.49
C GLY I 55 34.88 -33.22 22.36
N ARG I 56 33.85 -34.05 22.54
CA ARG I 56 33.99 -35.25 23.35
C ARG I 56 33.17 -36.41 22.90
N ARG I 57 33.83 -37.55 22.75
CA ARG I 57 33.24 -38.82 22.39
C ARG I 57 32.59 -39.47 23.63
N ILE I 58 31.33 -39.89 23.50
CA ILE I 58 30.61 -40.57 24.59
C ILE I 58 29.86 -41.77 24.03
N HIS I 59 29.75 -42.79 24.86
CA HIS I 59 29.01 -44.00 24.55
C HIS I 59 27.59 -43.80 25.06
N SER I 60 26.65 -43.68 24.13
CA SER I 60 25.26 -43.50 24.49
C SER I 60 24.43 -44.63 23.85
N TYR I 61 23.11 -44.46 23.79
CA TYR I 61 22.22 -45.49 23.29
C TYR I 61 21.15 -44.89 22.41
N ARG I 62 20.63 -45.67 21.45
CA ARG I 62 19.55 -45.20 20.56
C ARG I 62 18.28 -44.89 21.39
N GLY I 63 17.64 -43.77 21.10
CA GLY I 63 16.44 -43.39 21.81
C GLY I 63 16.65 -42.66 23.12
N HIS I 64 17.91 -42.45 23.53
CA HIS I 64 18.23 -41.73 24.78
C HIS I 64 18.01 -40.21 24.62
N LEU I 65 17.55 -39.51 25.67
CA LEU I 65 17.30 -38.07 25.56
C LEU I 65 18.33 -37.24 26.29
N TRP I 66 18.88 -36.26 25.56
CA TRP I 66 19.90 -35.31 26.03
C TRP I 66 19.49 -33.87 25.80
N LEU I 67 19.93 -33.03 26.73
CA LEU I 67 19.83 -31.58 26.63
C LEU I 67 21.13 -30.98 27.17
N PHE I 68 21.40 -29.72 26.79
CA PHE I 68 22.67 -29.05 27.10
C PHE I 68 22.44 -27.68 27.69
N ARG I 69 23.14 -27.41 28.79
CA ARG I 69 22.97 -26.16 29.54
C ARG I 69 24.32 -25.52 29.81
N ASP I 70 24.33 -24.23 30.15
CA ASP I 70 25.56 -23.56 30.59
C ASP I 70 25.78 -24.17 31.99
N ALA I 71 26.97 -24.74 32.23
CA ALA I 71 27.29 -25.40 33.50
C ALA I 71 27.16 -24.53 34.77
N GLY I 72 27.50 -23.26 34.64
CA GLY I 72 27.47 -22.35 35.77
C GLY I 72 26.15 -21.67 36.05
N THR I 73 25.42 -21.27 35.00
CA THR I 73 24.18 -20.48 35.14
C THR I 73 22.89 -21.22 34.77
N HIS I 74 23.01 -22.39 34.12
CA HIS I 74 21.90 -23.20 33.63
C HIS I 74 21.16 -22.62 32.43
N ASP I 75 21.75 -21.63 31.75
CA ASP I 75 21.15 -21.05 30.55
C ASP I 75 21.03 -22.17 29.48
N GLY I 76 19.91 -22.16 28.77
CA GLY I 76 19.60 -23.16 27.76
C GLY I 76 20.45 -22.98 26.53
N LEU I 77 20.88 -24.11 25.95
CA LEU I 77 21.69 -24.10 24.73
C LEU I 77 21.01 -24.93 23.67
N LEU I 78 21.44 -24.78 22.42
CA LEU I 78 20.87 -25.59 21.35
C LEU I 78 21.79 -26.71 20.97
N VAL I 79 21.21 -27.80 20.50
CA VAL I 79 21.94 -28.96 20.01
C VAL I 79 21.34 -29.34 18.67
N ASN I 80 22.15 -29.26 17.61
CA ASN I 80 21.76 -29.49 16.21
C ASN I 80 20.53 -28.62 15.85
N GLN I 81 20.55 -27.36 16.31
CA GLN I 81 19.54 -26.29 16.11
C GLN I 81 18.23 -26.45 16.87
N THR I 82 18.12 -27.46 17.74
CA THR I 82 16.93 -27.76 18.54
C THR I 82 17.28 -27.92 20.02
N GLU I 83 16.26 -28.14 20.87
CA GLU I 83 16.42 -28.28 22.32
C GLU I 83 16.90 -29.65 22.78
N LEU I 84 16.36 -30.71 22.17
CA LEU I 84 16.68 -32.07 22.57
C LEU I 84 17.47 -32.84 21.53
N PHE I 85 18.43 -33.64 22.01
CA PHE I 85 19.23 -34.51 21.18
C PHE I 85 18.87 -35.95 21.49
N VAL I 86 18.54 -36.71 20.44
CA VAL I 86 18.22 -38.13 20.56
C VAL I 86 19.23 -38.95 19.71
N PRO I 87 20.19 -39.68 20.33
CA PRO I 87 21.12 -40.50 19.53
C PRO I 87 20.36 -41.47 18.63
N SER I 88 20.70 -41.50 17.35
CA SER I 88 20.08 -42.38 16.36
C SER I 88 21.04 -43.55 16.12
N LEU I 89 20.94 -44.21 14.95
CA LEU I 89 21.81 -45.33 14.62
C LEU I 89 23.08 -44.89 13.91
N ASN I 90 24.21 -45.55 14.20
CA ASN I 90 25.50 -45.28 13.55
C ASN I 90 25.56 -46.04 12.22
N VAL I 91 25.40 -45.32 11.08
CA VAL I 91 25.47 -45.92 9.74
C VAL I 91 26.96 -46.09 9.46
N ASP I 92 27.38 -47.35 9.26
CA ASP I 92 28.79 -47.77 9.15
C ASP I 92 29.42 -47.55 10.53
N GLY I 93 30.60 -46.93 10.58
CA GLY I 93 31.24 -46.64 11.86
C GLY I 93 31.18 -45.17 12.19
N GLN I 94 30.17 -44.48 11.64
CA GLN I 94 30.00 -43.06 11.75
C GLN I 94 29.35 -42.60 13.05
N PRO I 95 30.08 -41.83 13.89
CA PRO I 95 29.47 -41.36 15.14
C PRO I 95 28.46 -40.23 14.88
N ILE I 96 27.51 -40.03 15.80
CA ILE I 96 26.52 -38.97 15.67
C ILE I 96 27.07 -37.71 16.28
N PHE I 97 26.95 -36.59 15.56
CA PHE I 97 27.42 -35.31 16.04
C PHE I 97 26.33 -34.53 16.72
N ALA I 98 26.57 -34.18 18.00
CA ALA I 98 25.71 -33.34 18.83
C ALA I 98 26.42 -31.97 18.85
N ASN I 99 26.09 -31.10 17.89
CA ASN I 99 26.66 -29.75 17.76
C ASN I 99 25.94 -28.76 18.70
N ILE I 100 26.59 -28.44 19.84
CA ILE I 100 26.07 -27.57 20.89
C ILE I 100 26.47 -26.15 20.59
N THR I 101 25.47 -25.24 20.40
CA THR I 101 25.67 -23.82 20.07
C THR I 101 24.86 -22.92 20.97
N LEU I 102 25.17 -21.63 20.97
CA LEU I 102 24.35 -20.67 21.69
C LEU I 102 23.09 -20.46 20.86
N PRO I 103 21.93 -20.28 21.50
CA PRO I 103 20.75 -19.83 20.74
C PRO I 103 20.86 -18.31 20.53
N VAL I 104 19.99 -17.73 19.72
CA VAL I 104 19.93 -16.26 19.62
C VAL I 104 19.02 -15.86 20.79
N TYR I 105 19.61 -15.55 21.98
CA TYR I 105 18.78 -15.14 23.11
C TYR I 105 18.07 -13.83 22.80
N THR I 106 16.92 -13.57 23.43
CA THR I 106 16.24 -12.28 23.27
C THR I 106 17.15 -11.26 23.98
N LEU I 107 17.00 -9.97 23.67
CA LEU I 107 17.82 -8.96 24.33
C LEU I 107 17.54 -8.96 25.83
N LYS I 108 16.27 -9.15 26.22
CA LYS I 108 15.83 -9.24 27.62
C LYS I 108 16.53 -10.36 28.36
N GLU I 109 16.51 -11.58 27.80
CA GLU I 109 17.14 -12.74 28.41
C GLU I 109 18.64 -12.54 28.55
N ARG I 110 19.26 -12.01 27.50
CA ARG I 110 20.70 -11.70 27.50
C ARG I 110 21.06 -10.71 28.62
N CYS I 111 20.25 -9.64 28.81
CA CYS I 111 20.40 -8.65 29.88
C CYS I 111 20.29 -9.26 31.25
N LEU I 112 19.28 -10.16 31.44
CA LEU I 112 19.03 -10.86 32.71
C LEU I 112 20.25 -11.71 33.07
N GLN I 113 20.83 -12.44 32.08
CA GLN I 113 22.03 -13.24 32.24
C GLN I 113 23.19 -12.40 32.79
N VAL I 114 23.44 -11.22 32.18
CA VAL I 114 24.52 -10.30 32.58
C VAL I 114 24.27 -9.74 33.99
N VAL I 115 23.05 -9.23 34.26
CA VAL I 115 22.69 -8.70 35.57
C VAL I 115 22.86 -9.79 36.66
N ARG I 116 22.38 -11.02 36.40
CA ARG I 116 22.51 -12.15 37.34
C ARG I 116 23.98 -12.50 37.63
N SER I 117 24.85 -12.40 36.60
CA SER I 117 26.29 -12.67 36.69
C SER I 117 27.02 -11.64 37.56
N LEU I 118 26.45 -10.43 37.71
CA LEU I 118 27.06 -9.33 38.46
C LEU I 118 26.47 -9.07 39.84
N VAL I 119 25.20 -9.45 40.04
CA VAL I 119 24.51 -9.21 41.29
C VAL I 119 24.13 -10.48 42.03
N LYS I 120 24.50 -10.52 43.34
CA LYS I 120 24.24 -11.64 44.26
C LYS I 120 22.71 -11.72 44.45
N PRO I 121 22.11 -12.93 44.41
CA PRO I 121 20.63 -13.03 44.53
C PRO I 121 19.97 -12.28 45.70
N GLU I 122 20.69 -12.13 46.83
CA GLU I 122 20.25 -11.43 48.04
C GLU I 122 20.03 -9.95 47.74
N ASN I 123 20.77 -9.42 46.74
CA ASN I 123 20.76 -8.02 46.38
C ASN I 123 19.93 -7.63 45.14
N TYR I 124 19.18 -8.59 44.53
CA TYR I 124 18.30 -8.29 43.38
C TYR I 124 17.29 -7.19 43.77
N ARG I 125 16.76 -7.24 45.00
CA ARG I 125 15.78 -6.30 45.53
C ARG I 125 16.35 -4.88 45.72
N ARG I 126 17.69 -4.75 45.81
CA ARG I 126 18.38 -3.46 45.99
C ARG I 126 18.54 -2.66 44.69
N LEU I 127 18.23 -3.28 43.53
CA LEU I 127 18.29 -2.63 42.22
C LEU I 127 17.07 -1.73 42.00
N ASP I 128 17.27 -0.51 41.45
CA ASP I 128 16.13 0.41 41.23
C ASP I 128 15.47 0.06 39.88
N ILE I 129 14.68 -1.03 39.90
CA ILE I 129 13.96 -1.61 38.77
C ILE I 129 12.53 -1.96 39.18
N VAL I 130 11.63 -2.08 38.18
CA VAL I 130 10.21 -2.41 38.38
C VAL I 130 10.07 -3.84 38.93
N ARG I 131 9.05 -4.07 39.78
CA ARG I 131 8.75 -5.35 40.42
C ARG I 131 8.75 -6.55 39.47
N SER I 132 8.18 -6.39 38.25
CA SER I 132 8.14 -7.48 37.27
C SER I 132 9.55 -7.96 36.88
N LEU I 133 10.50 -7.01 36.67
CA LEU I 133 11.89 -7.33 36.33
C LEU I 133 12.64 -8.00 37.50
N TYR I 134 12.24 -7.73 38.78
CA TYR I 134 12.80 -8.37 39.98
C TYR I 134 12.51 -9.88 39.92
N GLU I 135 11.24 -10.23 39.62
CA GLU I 135 10.73 -11.60 39.51
C GLU I 135 11.37 -12.32 38.34
N ASP I 136 11.64 -11.60 37.23
CA ASP I 136 12.29 -12.15 36.04
C ASP I 136 13.75 -12.55 36.34
N LEU I 137 14.41 -11.76 37.23
CA LEU I 137 15.79 -11.99 37.69
C LEU I 137 15.85 -13.22 38.58
N GLU I 138 14.87 -13.34 39.50
CA GLU I 138 14.74 -14.48 40.42
C GLU I 138 14.35 -15.78 39.72
N ASP I 139 13.64 -15.68 38.58
CA ASP I 139 13.19 -16.82 37.77
C ASP I 139 14.36 -17.34 36.90
N HIS I 140 15.37 -17.91 37.57
CA HIS I 140 16.59 -18.46 36.97
C HIS I 140 16.31 -19.60 36.00
N PRO I 141 17.08 -19.71 34.89
CA PRO I 141 16.90 -20.86 33.98
C PRO I 141 17.05 -22.16 34.74
N ASN I 142 16.10 -23.07 34.54
CA ASN I 142 15.99 -24.34 35.29
C ASN I 142 15.62 -25.46 34.34
N VAL I 143 16.41 -26.55 34.32
CA VAL I 143 16.07 -27.70 33.45
C VAL I 143 14.66 -28.32 33.78
N GLN I 144 14.29 -28.44 35.07
CA GLN I 144 12.99 -28.98 35.47
C GLN I 144 11.81 -28.18 34.87
N LYS I 145 11.85 -26.83 34.99
CA LYS I 145 10.82 -25.94 34.45
C LYS I 145 10.76 -26.05 32.93
N ASP I 146 11.94 -26.17 32.28
CA ASP I 146 12.01 -26.33 30.83
C ASP I 146 11.44 -27.66 30.40
N LEU I 147 11.67 -28.72 31.20
CA LEU I 147 11.12 -30.04 30.95
C LEU I 147 9.61 -30.00 31.04
N GLU I 148 9.06 -29.21 31.98
CA GLU I 148 7.61 -29.02 32.18
C GLU I 148 7.06 -28.32 30.94
N ARG I 149 7.77 -27.26 30.50
CA ARG I 149 7.43 -26.43 29.35
C ARG I 149 7.34 -27.27 28.07
N LEU I 150 8.41 -28.02 27.76
CA LEU I 150 8.45 -28.88 26.58
C LEU I 150 7.36 -29.92 26.58
N THR I 151 7.15 -30.60 27.74
CA THR I 151 6.08 -31.60 27.93
C THR I 151 4.69 -30.99 27.59
N GLN I 152 4.40 -29.78 28.10
CA GLN I 152 3.14 -29.05 27.88
C GLN I 152 2.94 -28.58 26.44
N GLU I 153 4.03 -28.17 25.75
CA GLU I 153 3.99 -27.70 24.37
C GLU I 153 3.65 -28.87 23.45
N MET J 1 15.17 -25.74 -40.09
CA MET J 1 15.10 -25.62 -38.64
C MET J 1 14.42 -24.30 -38.25
N ASP J 2 13.45 -24.37 -37.35
CA ASP J 2 12.73 -23.19 -36.89
C ASP J 2 13.50 -22.45 -35.82
N VAL J 3 13.42 -21.13 -35.89
CA VAL J 3 14.04 -20.23 -34.95
C VAL J 3 12.93 -19.34 -34.39
N PHE J 4 12.97 -19.08 -33.08
CA PHE J 4 11.91 -18.38 -32.38
C PHE J 4 12.39 -17.09 -31.87
N LEU J 5 11.69 -16.02 -32.27
CA LEU J 5 12.12 -14.64 -32.04
C LEU J 5 11.14 -13.72 -31.36
N MET J 6 11.70 -12.61 -30.89
CA MET J 6 11.02 -11.45 -30.30
C MET J 6 11.59 -10.26 -31.05
N ILE J 7 10.78 -9.62 -31.90
CA ILE J 7 11.18 -8.42 -32.62
C ILE J 7 10.71 -7.27 -31.74
N ARG J 8 11.66 -6.46 -31.24
CA ARG J 8 11.33 -5.41 -30.27
C ARG J 8 11.75 -4.00 -30.66
N ARG J 9 10.83 -3.07 -30.49
CA ARG J 9 11.01 -1.64 -30.72
C ARG J 9 10.20 -0.92 -29.66
N HIS J 10 10.86 -0.03 -28.88
CA HIS J 10 10.22 0.77 -27.85
C HIS J 10 9.43 -0.16 -26.91
N LYS J 11 8.08 -0.02 -26.90
CA LYS J 11 7.17 -0.83 -26.09
C LYS J 11 6.40 -1.88 -26.93
N THR J 12 6.89 -2.20 -28.11
CA THR J 12 6.29 -3.21 -29.00
C THR J 12 7.17 -4.46 -29.05
N THR J 13 6.53 -5.66 -28.93
CA THR J 13 7.20 -6.96 -29.05
C THR J 13 6.41 -7.87 -29.97
N ILE J 14 7.03 -8.32 -31.07
CA ILE J 14 6.40 -9.27 -31.98
C ILE J 14 7.01 -10.65 -31.72
N PHE J 15 6.14 -11.63 -31.40
CA PHE J 15 6.56 -13.02 -31.24
C PHE J 15 6.32 -13.67 -32.59
N THR J 16 7.39 -14.17 -33.21
CA THR J 16 7.28 -14.91 -34.47
C THR J 16 8.37 -15.99 -34.58
N ASP J 17 8.18 -16.90 -35.52
CA ASP J 17 9.16 -17.92 -35.82
C ASP J 17 9.51 -17.78 -37.28
N ALA J 18 10.67 -18.28 -37.65
CA ALA J 18 11.15 -18.27 -39.02
C ALA J 18 12.13 -19.44 -39.17
N LYS J 19 12.56 -19.70 -40.40
CA LYS J 19 13.51 -20.75 -40.69
C LYS J 19 14.92 -20.19 -40.50
N GLU J 20 15.87 -21.02 -40.06
CA GLU J 20 17.27 -20.63 -39.88
C GLU J 20 17.86 -20.16 -41.24
N SER J 21 17.39 -20.78 -42.32
CA SER J 21 17.78 -20.52 -43.71
C SER J 21 17.09 -19.29 -44.29
N SER J 22 16.05 -18.81 -43.64
CA SER J 22 15.35 -17.62 -44.12
C SER J 22 16.22 -16.34 -43.90
N THR J 23 15.93 -15.25 -44.64
CA THR J 23 16.75 -14.04 -44.54
C THR J 23 16.21 -12.94 -43.61
N VAL J 24 17.05 -11.95 -43.35
CA VAL J 24 16.72 -10.76 -42.57
C VAL J 24 15.62 -9.97 -43.33
N PHE J 25 15.72 -9.93 -44.67
CA PHE J 25 14.72 -9.30 -45.51
C PHE J 25 13.37 -9.94 -45.33
N GLU J 26 13.30 -11.30 -45.32
CA GLU J 26 12.05 -12.05 -45.11
C GLU J 26 11.39 -11.71 -43.77
N LEU J 27 12.21 -11.48 -42.72
CA LEU J 27 11.77 -11.04 -41.40
C LEU J 27 11.16 -9.63 -41.48
N LYS J 28 11.76 -8.72 -42.31
CA LYS J 28 11.28 -7.36 -42.54
C LYS J 28 9.91 -7.40 -43.21
N ARG J 29 9.67 -8.39 -44.09
CA ARG J 29 8.36 -8.58 -44.73
C ARG J 29 7.30 -9.01 -43.70
N ILE J 30 7.72 -9.76 -42.67
CA ILE J 30 6.84 -10.16 -41.57
C ILE J 30 6.44 -8.90 -40.78
N VAL J 31 7.43 -8.06 -40.39
CA VAL J 31 7.21 -6.81 -39.68
C VAL J 31 6.28 -5.89 -40.49
N GLU J 32 6.43 -5.89 -41.83
CA GLU J 32 5.63 -5.07 -42.74
C GLU J 32 4.14 -5.39 -42.61
N GLY J 33 3.81 -6.68 -42.65
CA GLY J 33 2.44 -7.17 -42.54
C GLY J 33 1.77 -6.77 -41.24
N ILE J 34 2.56 -6.68 -40.16
CA ILE J 34 2.07 -6.34 -38.82
C ILE J 34 2.06 -4.82 -38.57
N LEU J 35 3.23 -4.15 -38.69
CA LEU J 35 3.39 -2.73 -38.37
C LEU J 35 3.15 -1.74 -39.48
N LYS J 36 2.88 -2.24 -40.71
CA LYS J 36 2.54 -1.48 -41.91
C LYS J 36 3.63 -0.48 -42.38
N ARG J 37 4.89 -0.91 -42.28
CA ARG J 37 6.05 -0.13 -42.69
C ARG J 37 6.89 -0.99 -43.63
N PRO J 38 7.20 -0.48 -44.86
CA PRO J 38 8.00 -1.29 -45.81
C PRO J 38 9.41 -1.63 -45.31
N PRO J 39 10.02 -2.74 -45.82
CA PRO J 39 11.39 -3.10 -45.39
C PRO J 39 12.47 -2.00 -45.48
N ASP J 40 12.36 -1.08 -46.49
CA ASP J 40 13.32 0.03 -46.64
C ASP J 40 13.22 1.09 -45.52
N GLU J 41 12.09 1.08 -44.76
CA GLU J 41 11.88 1.99 -43.64
C GLU J 41 12.24 1.32 -42.33
N GLN J 42 12.83 0.12 -42.40
CA GLN J 42 13.19 -0.71 -41.26
C GLN J 42 14.68 -1.05 -41.17
N ARG J 43 15.17 -1.14 -39.92
CA ARG J 43 16.53 -1.57 -39.59
C ARG J 43 16.43 -2.66 -38.52
N LEU J 44 17.02 -3.83 -38.80
CA LEU J 44 17.04 -4.95 -37.84
C LEU J 44 18.40 -5.09 -37.21
N TYR J 45 18.45 -5.40 -35.92
CA TYR J 45 19.68 -5.53 -35.12
C TYR J 45 19.78 -6.83 -34.31
N LYS J 46 21.03 -7.29 -34.06
CA LYS J 46 21.36 -8.37 -33.14
C LYS J 46 22.23 -7.63 -32.14
N ASP J 47 21.68 -7.33 -30.95
CA ASP J 47 22.31 -6.46 -29.95
C ASP J 47 22.45 -5.06 -30.62
N ASP J 48 23.66 -4.52 -30.69
CA ASP J 48 23.89 -3.21 -31.32
C ASP J 48 24.30 -3.32 -32.82
N GLN J 49 24.49 -4.55 -33.31
CA GLN J 49 24.88 -4.81 -34.69
C GLN J 49 23.72 -4.76 -35.69
N LEU J 50 23.83 -3.88 -36.67
CA LEU J 50 22.87 -3.80 -37.78
C LEU J 50 23.01 -5.03 -38.66
N LEU J 51 21.89 -5.67 -38.96
CA LEU J 51 21.82 -6.89 -39.76
C LEU J 51 21.61 -6.61 -41.23
N ASP J 52 22.40 -7.27 -42.09
CA ASP J 52 22.29 -7.13 -43.54
C ASP J 52 21.17 -8.01 -44.10
N ASP J 53 20.36 -7.45 -45.01
CA ASP J 53 19.19 -8.04 -45.67
C ASP J 53 19.33 -9.44 -46.27
N GLY J 54 20.39 -9.67 -47.04
CA GLY J 54 20.63 -10.93 -47.73
C GLY J 54 21.21 -12.03 -46.85
N LYS J 55 21.47 -11.72 -45.58
CA LYS J 55 22.01 -12.70 -44.64
C LYS J 55 20.91 -13.57 -44.06
N THR J 56 21.22 -14.87 -43.89
CA THR J 56 20.27 -15.78 -43.27
C THR J 56 20.31 -15.56 -41.75
N LEU J 57 19.24 -15.97 -41.07
CA LEU J 57 19.09 -15.83 -39.64
C LEU J 57 20.15 -16.64 -38.87
N GLY J 58 20.48 -17.81 -39.42
CA GLY J 58 21.53 -18.69 -38.92
C GLY J 58 22.89 -18.00 -38.93
N GLU J 59 23.22 -17.30 -40.06
CA GLU J 59 24.45 -16.52 -40.25
C GLU J 59 24.53 -15.33 -39.29
N CYS J 60 23.35 -14.82 -38.88
CA CYS J 60 23.19 -13.70 -37.96
C CYS J 60 23.25 -14.19 -36.52
N GLY J 61 23.36 -15.49 -36.31
CA GLY J 61 23.46 -16.09 -34.97
C GLY J 61 22.17 -16.58 -34.37
N PHE J 62 21.07 -16.62 -35.15
CA PHE J 62 19.78 -17.14 -34.66
C PHE J 62 19.72 -18.59 -35.05
N THR J 63 20.03 -19.46 -34.09
CA THR J 63 20.06 -20.91 -34.30
C THR J 63 18.99 -21.58 -33.43
N SER J 64 18.72 -22.87 -33.69
CA SER J 64 17.75 -23.67 -32.96
C SER J 64 18.14 -23.84 -31.48
N GLN J 65 19.41 -23.65 -31.17
CA GLN J 65 19.87 -23.77 -29.79
C GLN J 65 19.80 -22.46 -29.03
N THR J 66 19.76 -21.32 -29.72
CA THR J 66 19.76 -20.02 -29.05
C THR J 66 18.45 -19.22 -29.20
N ALA J 67 17.58 -19.62 -30.12
CA ALA J 67 16.32 -18.94 -30.43
C ALA J 67 15.22 -20.00 -30.29
N ARG J 68 14.92 -20.32 -29.05
CA ARG J 68 13.97 -21.39 -28.73
C ARG J 68 12.57 -20.97 -28.35
N PRO J 69 11.54 -21.83 -28.50
CA PRO J 69 10.15 -21.38 -28.20
C PRO J 69 9.95 -20.77 -26.81
N GLN J 70 10.53 -21.41 -25.76
CA GLN J 70 10.40 -20.98 -24.38
C GLN J 70 11.39 -19.89 -23.93
N ALA J 71 12.33 -19.56 -24.82
CA ALA J 71 13.36 -18.55 -24.56
C ALA J 71 13.76 -17.98 -25.92
N PRO J 72 12.89 -17.14 -26.56
CA PRO J 72 13.21 -16.67 -27.91
C PRO J 72 14.31 -15.62 -27.97
N ALA J 73 15.00 -15.54 -29.13
CA ALA J 73 16.07 -14.54 -29.33
C ALA J 73 15.47 -13.18 -29.69
N THR J 74 16.14 -12.11 -29.27
CA THR J 74 15.71 -10.74 -29.49
C THR J 74 16.31 -10.14 -30.76
N VAL J 75 15.44 -9.56 -31.58
CA VAL J 75 15.82 -8.83 -32.76
C VAL J 75 15.33 -7.40 -32.48
N GLY J 76 16.26 -6.44 -32.59
CA GLY J 76 15.94 -5.04 -32.40
C GLY J 76 15.41 -4.46 -33.69
N LEU J 77 14.48 -3.49 -33.59
CA LEU J 77 13.86 -2.84 -34.73
C LEU J 77 13.85 -1.34 -34.56
N ALA J 78 14.30 -0.63 -35.60
CA ALA J 78 14.29 0.81 -35.66
C ALA J 78 13.59 1.22 -36.96
N PHE J 79 12.72 2.23 -36.90
CA PHE J 79 12.06 2.77 -38.09
C PHE J 79 12.69 4.05 -38.62
N ARG J 80 12.50 4.28 -39.93
CA ARG J 80 12.88 5.52 -40.59
C ARG J 80 11.89 6.59 -40.07
N ALA J 81 12.40 7.79 -39.75
CA ALA J 81 11.59 8.89 -39.19
C ALA J 81 11.89 10.22 -39.89
N ASP J 82 11.20 10.47 -41.02
CA ASP J 82 11.35 11.67 -41.88
C ASP J 82 12.79 11.81 -42.44
N ASP J 83 13.15 10.92 -43.39
CA ASP J 83 14.47 10.86 -44.05
C ASP J 83 15.59 10.20 -43.23
N THR J 84 15.62 10.39 -41.88
CA THR J 84 16.63 9.77 -40.99
C THR J 84 16.04 8.65 -40.11
N PHE J 85 16.87 7.66 -39.78
CA PHE J 85 16.46 6.55 -38.94
C PHE J 85 16.60 6.96 -37.49
N GLU J 86 15.63 6.54 -36.68
CA GLU J 86 15.64 6.76 -35.24
C GLU J 86 16.68 5.78 -34.63
N ALA J 87 17.24 6.14 -33.47
CA ALA J 87 18.18 5.27 -32.77
C ALA J 87 17.39 4.01 -32.23
N LEU J 88 18.08 2.87 -32.16
CA LEU J 88 17.52 1.64 -31.65
C LEU J 88 17.20 1.90 -30.17
N ILE J 90 14.88 -0.05 -27.07
CA ILE J 90 14.02 -1.11 -26.57
C ILE J 90 13.69 -0.83 -25.11
N GLU J 91 12.40 -0.69 -24.81
CA GLU J 91 11.96 -0.48 -23.45
C GLU J 91 12.04 -1.79 -22.67
N PRO J 92 12.75 -1.81 -21.53
CA PRO J 92 12.81 -3.07 -20.76
C PRO J 92 11.45 -3.42 -20.17
N PHE J 93 11.24 -4.71 -19.88
CA PHE J 93 10.00 -5.13 -19.23
C PHE J 93 10.00 -4.61 -17.79
N SER J 94 8.85 -4.67 -17.12
CA SER J 94 8.71 -4.26 -15.71
C SER J 94 9.63 -5.11 -14.82
N SER J 95 9.98 -4.57 -13.66
CA SER J 95 10.84 -5.24 -12.70
C SER J 95 10.01 -6.14 -11.79
N PRO J 96 10.40 -7.43 -11.65
CA PRO J 96 9.67 -8.30 -10.71
C PRO J 96 9.90 -7.79 -9.29
N PRO J 97 8.93 -7.98 -8.35
CA PRO J 97 9.18 -7.53 -6.96
C PRO J 97 10.23 -8.41 -6.28
N GLU J 98 10.68 -8.01 -5.07
CA GLU J 98 11.64 -8.77 -4.30
C GLU J 98 11.01 -10.13 -3.95
N LEU J 99 11.80 -11.23 -4.04
CA LEU J 99 11.31 -12.55 -3.70
C LEU J 99 10.78 -12.53 -2.25
N PRO J 100 9.56 -13.04 -1.97
CA PRO J 100 9.08 -13.06 -0.58
C PRO J 100 10.01 -13.90 0.30
N ASP J 101 10.11 -13.55 1.62
CA ASP J 101 10.96 -14.23 2.61
C ASP J 101 10.84 -15.75 2.46
N VAL J 102 9.58 -16.22 2.40
CA VAL J 102 9.11 -17.59 2.24
C VAL J 102 9.62 -18.35 0.95
N MET J 103 10.26 -17.64 -0.02
CA MET J 103 10.76 -18.24 -1.27
C MET J 103 12.29 -18.26 -1.41
N MET K 1 -1.14 -14.21 -42.51
CA MET K 1 -1.15 -14.71 -41.14
C MET K 1 -1.94 -13.76 -40.22
N MET K 2 -2.88 -14.31 -39.43
CA MET K 2 -3.64 -13.47 -38.50
C MET K 2 -2.84 -13.31 -37.18
N TYR K 3 -2.74 -12.08 -36.70
CA TYR K 3 -2.06 -11.66 -35.47
C TYR K 3 -3.01 -10.94 -34.51
N VAL K 4 -2.72 -10.99 -33.21
CA VAL K 4 -3.47 -10.32 -32.15
C VAL K 4 -2.51 -9.56 -31.22
N LYS K 5 -3.00 -8.52 -30.56
CA LYS K 5 -2.22 -7.67 -29.67
C LYS K 5 -2.67 -7.86 -28.22
N LEU K 6 -1.72 -8.19 -27.33
CA LEU K 6 -1.96 -8.36 -25.91
C LEU K 6 -1.18 -7.25 -25.21
N ILE K 7 -1.90 -6.37 -24.51
CA ILE K 7 -1.30 -5.20 -23.85
C ILE K 7 -1.17 -5.40 -22.35
N SER K 8 0.05 -5.20 -21.81
CA SER K 8 0.24 -5.38 -20.36
C SER K 8 -0.20 -4.16 -19.57
N SER K 9 -0.24 -4.29 -18.25
CA SER K 9 -0.65 -3.22 -17.33
C SER K 9 0.21 -1.95 -17.42
N ASP K 10 1.50 -2.11 -17.79
CA ASP K 10 2.50 -1.06 -17.96
C ASP K 10 2.63 -0.58 -19.42
N GLY K 11 1.72 -1.01 -20.28
CA GLY K 11 1.65 -0.55 -21.67
C GLY K 11 2.40 -1.31 -22.74
N HIS K 12 3.18 -2.33 -22.38
CA HIS K 12 3.91 -3.11 -23.38
C HIS K 12 2.91 -3.84 -24.26
N GLU K 13 3.13 -3.78 -25.56
CA GLU K 13 2.27 -4.42 -26.54
C GLU K 13 2.93 -5.66 -27.12
N PHE K 14 2.31 -6.82 -26.94
CA PHE K 14 2.80 -8.11 -27.42
C PHE K 14 1.94 -8.54 -28.58
N ILE K 15 2.57 -8.69 -29.75
CA ILE K 15 1.90 -9.14 -30.95
C ILE K 15 2.26 -10.60 -31.18
N VAL K 16 1.25 -11.47 -31.12
CA VAL K 16 1.38 -12.92 -31.25
C VAL K 16 0.45 -13.43 -32.34
N LYS K 17 0.76 -14.58 -32.94
CA LYS K 17 -0.10 -15.21 -33.95
C LYS K 17 -1.45 -15.53 -33.29
N ARG K 18 -2.56 -15.27 -34.02
CA ARG K 18 -3.92 -15.54 -33.55
C ARG K 18 -4.04 -17.00 -33.03
N GLU K 19 -3.56 -17.98 -33.81
CA GLU K 19 -3.56 -19.41 -33.44
C GLU K 19 -2.89 -19.66 -32.08
N HIS K 20 -1.76 -18.98 -31.81
CA HIS K 20 -1.03 -19.10 -30.54
C HIS K 20 -1.83 -18.58 -29.34
N ALA K 21 -2.53 -17.44 -29.52
CA ALA K 21 -3.33 -16.82 -28.47
C ALA K 21 -4.56 -17.63 -28.18
N LEU K 22 -5.12 -18.33 -29.20
CA LEU K 22 -6.31 -19.19 -29.08
C LEU K 22 -6.10 -20.43 -28.17
N THR K 23 -4.86 -20.65 -27.74
CA THR K 23 -4.45 -21.69 -26.80
C THR K 23 -5.10 -21.40 -25.42
N SER K 24 -5.26 -20.11 -25.08
CA SER K 24 -5.92 -19.64 -23.87
C SER K 24 -7.41 -19.56 -24.18
N GLY K 25 -8.20 -20.31 -23.41
CA GLY K 25 -9.64 -20.32 -23.53
C GLY K 25 -10.25 -18.98 -23.20
N THR K 26 -9.64 -18.27 -22.23
CA THR K 26 -10.04 -16.92 -21.80
C THR K 26 -9.84 -15.93 -22.95
N ILE K 27 -8.65 -15.98 -23.60
CA ILE K 27 -8.34 -15.09 -24.73
C ILE K 27 -9.29 -15.38 -25.91
N LYS K 28 -9.50 -16.67 -26.22
CA LYS K 28 -10.41 -17.15 -27.26
C LYS K 28 -11.83 -16.57 -27.05
N ALA K 29 -12.26 -16.45 -25.79
CA ALA K 29 -13.54 -15.87 -25.42
C ALA K 29 -13.52 -14.33 -25.59
N MET K 30 -12.37 -13.66 -25.32
CA MET K 30 -12.31 -12.22 -25.57
C MET K 30 -12.06 -11.79 -27.02
N LEU K 31 -11.94 -12.76 -27.95
CA LEU K 31 -11.75 -12.44 -29.37
C LEU K 31 -12.95 -12.96 -30.17
N THR K 42 -12.67 -8.66 -32.20
CA THR K 42 -11.59 -7.88 -31.59
C THR K 42 -10.18 -8.40 -31.97
N ASN K 43 -9.19 -7.48 -32.03
CA ASN K 43 -7.79 -7.70 -32.38
C ASN K 43 -6.85 -7.42 -31.21
N GLU K 44 -7.28 -6.57 -30.26
CA GLU K 44 -6.49 -6.13 -29.10
C GLU K 44 -7.15 -6.54 -27.78
N VAL K 45 -6.35 -7.01 -26.81
CA VAL K 45 -6.82 -7.37 -25.46
C VAL K 45 -5.93 -6.62 -24.44
N ASN K 46 -6.53 -5.83 -23.55
CA ASN K 46 -5.83 -5.10 -22.49
C ASN K 46 -5.88 -5.87 -21.18
N PHE K 47 -4.72 -6.03 -20.54
CA PHE K 47 -4.65 -6.73 -19.25
C PHE K 47 -4.17 -5.73 -18.20
N ARG K 48 -5.10 -4.98 -17.60
CA ARG K 48 -4.80 -3.96 -16.58
C ARG K 48 -4.14 -4.51 -15.30
N GLU K 49 -4.03 -5.83 -15.19
CA GLU K 49 -3.50 -6.47 -13.99
C GLU K 49 -2.29 -7.36 -14.24
N ILE K 50 -1.91 -7.55 -15.51
CA ILE K 50 -0.77 -8.39 -15.86
C ILE K 50 0.40 -7.52 -16.31
N PRO K 51 1.51 -7.46 -15.53
CA PRO K 51 2.65 -6.64 -15.97
C PRO K 51 3.44 -7.36 -17.07
N SER K 52 4.25 -6.60 -17.83
CA SER K 52 5.03 -7.06 -18.96
C SER K 52 5.98 -8.21 -18.67
N HIS K 53 6.61 -8.24 -17.48
CA HIS K 53 7.55 -9.33 -17.13
C HIS K 53 6.80 -10.66 -16.94
N VAL K 54 5.45 -10.61 -16.80
CA VAL K 54 4.60 -11.79 -16.68
C VAL K 54 4.04 -12.14 -18.09
N LEU K 55 3.39 -11.15 -18.77
CA LEU K 55 2.78 -11.31 -20.10
C LEU K 55 3.74 -11.80 -21.17
N SER K 56 5.02 -11.39 -21.09
CA SER K 56 6.05 -11.83 -22.03
C SER K 56 6.23 -13.35 -21.88
N LYS K 57 6.22 -13.84 -20.64
CA LYS K 57 6.35 -15.27 -20.33
C LYS K 57 5.15 -16.08 -20.77
N VAL K 58 3.93 -15.49 -20.69
CA VAL K 58 2.68 -16.10 -21.14
C VAL K 58 2.79 -16.37 -22.68
N CYS K 59 3.26 -15.36 -23.42
CA CYS K 59 3.48 -15.41 -24.87
C CYS K 59 4.54 -16.47 -25.26
N MET K 60 5.59 -16.65 -24.46
CA MET K 60 6.59 -17.70 -24.66
C MET K 60 5.93 -19.06 -24.44
N TYR K 61 5.03 -19.16 -23.41
CA TYR K 61 4.28 -20.39 -23.17
C TYR K 61 3.45 -20.79 -24.39
N PHE K 62 2.71 -19.83 -25.00
CA PHE K 62 1.91 -20.10 -26.21
C PHE K 62 2.76 -20.73 -27.31
N THR K 63 3.94 -20.15 -27.60
CA THR K 63 4.85 -20.68 -28.62
C THR K 63 5.36 -22.07 -28.25
N TYR K 64 5.77 -22.25 -26.99
CA TYR K 64 6.19 -23.53 -26.44
C TYR K 64 5.10 -24.61 -26.61
N LYS K 65 3.85 -24.27 -26.20
CA LYS K 65 2.73 -25.21 -26.26
C LYS K 65 2.44 -25.64 -27.72
N VAL K 66 2.35 -24.67 -28.65
CA VAL K 66 2.10 -24.93 -30.07
C VAL K 66 3.25 -25.75 -30.69
N ARG K 67 4.49 -25.41 -30.34
CA ARG K 67 5.63 -26.16 -30.84
C ARG K 67 5.65 -27.63 -30.38
N TYR K 68 5.46 -27.86 -29.07
CA TYR K 68 5.60 -29.21 -28.48
C TYR K 68 4.37 -30.11 -28.31
N THR K 69 3.15 -29.60 -28.53
CA THR K 69 1.91 -30.40 -28.42
C THR K 69 1.87 -31.42 -29.54
N ASN K 70 1.67 -32.71 -29.19
CA ASN K 70 1.61 -33.87 -30.11
C ASN K 70 2.89 -34.00 -30.93
N SER K 71 4.05 -33.76 -30.27
CA SER K 71 5.36 -33.85 -30.91
C SER K 71 6.09 -35.08 -30.36
N SER K 72 6.77 -35.83 -31.26
CA SER K 72 7.52 -37.02 -30.87
C SER K 72 8.95 -36.68 -30.42
N THR K 73 9.43 -35.46 -30.79
CA THR K 73 10.73 -34.91 -30.40
C THR K 73 10.74 -34.66 -28.87
N GLU K 74 11.93 -34.76 -28.22
CA GLU K 74 12.06 -34.58 -26.77
C GLU K 74 11.64 -33.16 -26.38
N ILE K 75 10.67 -33.07 -25.47
CA ILE K 75 10.10 -31.83 -24.97
C ILE K 75 10.99 -31.31 -23.84
N PRO K 76 11.50 -30.07 -23.95
CA PRO K 76 12.30 -29.51 -22.84
C PRO K 76 11.39 -28.92 -21.74
N GLU K 77 11.97 -28.62 -20.58
CA GLU K 77 11.27 -28.01 -19.46
C GLU K 77 10.90 -26.58 -19.82
N PHE K 78 9.71 -26.15 -19.41
CA PHE K 78 9.34 -24.74 -19.58
C PHE K 78 9.93 -24.01 -18.37
N PRO K 79 10.89 -23.08 -18.56
CA PRO K 79 11.52 -22.42 -17.41
C PRO K 79 10.71 -21.26 -16.80
N ILE K 80 10.73 -21.16 -15.47
CA ILE K 80 10.09 -20.07 -14.75
C ILE K 80 11.03 -19.64 -13.60
N ALA K 81 11.56 -18.41 -13.71
CA ALA K 81 12.42 -17.79 -12.69
C ALA K 81 11.64 -17.67 -11.39
N PRO K 82 12.25 -17.97 -10.23
CA PRO K 82 11.54 -17.86 -8.94
C PRO K 82 10.81 -16.54 -8.69
N GLU K 83 11.39 -15.43 -9.17
CA GLU K 83 10.87 -14.06 -8.99
C GLU K 83 9.56 -13.79 -9.72
N ILE K 84 9.27 -14.59 -10.75
CA ILE K 84 8.13 -14.45 -11.64
C ILE K 84 7.00 -15.45 -11.30
N ALA K 85 7.35 -16.56 -10.62
CA ALA K 85 6.46 -17.69 -10.29
C ALA K 85 5.10 -17.33 -9.73
N LEU K 86 5.04 -16.54 -8.64
CA LEU K 86 3.76 -16.14 -8.01
C LEU K 86 2.82 -15.39 -8.95
N GLU K 87 3.35 -14.36 -9.62
CA GLU K 87 2.56 -13.55 -10.54
C GLU K 87 2.17 -14.29 -11.80
N LEU K 88 3.04 -15.19 -12.28
CA LEU K 88 2.73 -16.01 -13.45
C LEU K 88 1.63 -17.01 -13.08
N LEU K 89 1.67 -17.55 -11.85
CA LEU K 89 0.63 -18.47 -11.37
C LEU K 89 -0.74 -17.78 -11.38
N MET K 90 -0.77 -16.52 -10.91
CA MET K 90 -1.99 -15.70 -10.84
C MET K 90 -2.59 -15.43 -12.21
N ALA K 91 -1.75 -15.13 -13.21
CA ALA K 91 -2.16 -14.86 -14.58
C ALA K 91 -2.56 -16.14 -15.31
N ALA K 92 -1.78 -17.24 -15.17
CA ALA K 92 -2.09 -18.54 -15.78
C ALA K 92 -3.48 -19.02 -15.31
N ASN K 93 -3.77 -18.90 -14.00
CA ASN K 93 -5.07 -19.23 -13.40
C ASN K 93 -6.19 -18.47 -14.15
N PHE K 94 -6.03 -17.14 -14.27
CA PHE K 94 -7.01 -16.32 -14.96
C PHE K 94 -7.14 -16.69 -16.45
N LEU K 95 -6.03 -16.95 -17.13
CA LEU K 95 -6.03 -17.23 -18.55
C LEU K 95 -6.53 -18.62 -19.02
N ASP K 96 -6.89 -19.54 -18.09
CA ASP K 96 -7.30 -20.92 -18.42
C ASP K 96 -6.16 -21.44 -19.33
N CYS K 97 -4.95 -21.28 -18.77
CA CYS K 97 -3.66 -21.48 -19.38
C CYS K 97 -2.89 -22.66 -18.82
N VAL L 11 -9.59 -53.25 -10.41
CA VAL L 11 -9.61 -52.56 -11.70
C VAL L 11 -8.37 -51.66 -11.75
N LEU L 12 -7.67 -51.68 -12.90
CA LEU L 12 -6.37 -51.07 -13.16
C LEU L 12 -5.31 -51.80 -12.34
N ARG L 13 -4.89 -52.96 -12.84
CA ARG L 13 -3.92 -53.86 -12.21
C ARG L 13 -3.21 -54.69 -13.27
N SER L 14 -2.14 -55.38 -12.87
CA SER L 14 -1.37 -56.25 -13.75
C SER L 14 -2.03 -57.61 -13.91
N VAL L 15 -1.95 -58.13 -15.14
CA VAL L 15 -2.44 -59.45 -15.49
C VAL L 15 -1.29 -60.40 -15.12
N ASN L 16 -1.54 -61.38 -14.24
CA ASN L 16 -0.52 -62.35 -13.86
C ASN L 16 -0.33 -63.39 -14.99
N SER L 17 0.24 -62.94 -16.12
CA SER L 17 0.47 -63.76 -17.32
C SER L 17 1.59 -64.79 -17.15
N ARG L 18 2.63 -64.45 -16.34
CA ARG L 18 3.86 -65.24 -16.13
C ARG L 18 4.63 -65.38 -17.46
N GLU L 19 4.34 -64.48 -18.45
CA GLU L 19 4.91 -64.41 -19.78
C GLU L 19 5.97 -63.33 -19.87
N PRO L 20 7.28 -63.69 -19.80
CA PRO L 20 8.33 -62.67 -19.84
C PRO L 20 8.29 -61.72 -21.05
N SER L 21 8.59 -60.44 -20.77
CA SER L 21 8.63 -59.37 -21.75
C SER L 21 9.78 -58.44 -21.36
N GLN L 22 10.75 -58.28 -22.25
CA GLN L 22 11.93 -57.42 -22.09
C GLN L 22 11.58 -56.00 -22.50
N VAL L 23 11.93 -55.08 -21.65
CA VAL L 23 11.61 -53.68 -21.82
C VAL L 23 12.80 -52.79 -21.56
N ILE L 24 12.89 -51.68 -22.29
CA ILE L 24 13.87 -50.65 -22.04
C ILE L 24 13.12 -49.39 -21.56
N PHE L 25 13.42 -48.97 -20.32
CA PHE L 25 12.93 -47.72 -19.75
C PHE L 25 13.86 -46.64 -20.28
N ASN L 27 14.49 -42.77 -20.41
CA ASN L 27 14.17 -41.47 -19.85
C ASN L 27 14.61 -40.30 -20.76
N ARG L 28 13.68 -39.77 -21.57
CA ARG L 28 13.89 -38.66 -22.49
C ARG L 28 13.26 -37.42 -21.85
N SER L 29 13.51 -37.21 -20.56
CA SER L 29 13.00 -36.08 -19.81
C SER L 29 14.13 -35.45 -18.97
N PRO L 30 14.01 -34.19 -18.52
CA PRO L 30 15.07 -33.62 -17.66
C PRO L 30 14.90 -34.00 -16.19
N ARG L 31 13.89 -34.83 -15.89
CA ARG L 31 13.53 -35.27 -14.54
C ARG L 31 14.11 -36.62 -14.16
N VAL L 32 14.26 -36.83 -12.84
CA VAL L 32 14.63 -38.13 -12.27
C VAL L 32 13.32 -38.88 -12.26
N VAL L 33 13.27 -40.01 -12.96
CA VAL L 33 12.06 -40.79 -13.17
C VAL L 33 11.88 -41.92 -12.17
N LEU L 34 10.68 -42.00 -11.62
CA LEU L 34 10.27 -43.10 -10.75
C LEU L 34 9.32 -44.01 -11.53
N PRO L 35 9.78 -45.22 -11.90
CA PRO L 35 8.89 -46.18 -12.57
C PRO L 35 7.97 -46.81 -11.49
N VAL L 36 6.68 -46.91 -11.79
CA VAL L 36 5.70 -47.47 -10.83
C VAL L 36 4.98 -48.66 -11.45
N TRP L 37 5.10 -49.84 -10.84
CA TRP L 37 4.41 -51.05 -11.31
C TRP L 37 3.10 -51.20 -10.57
N LEU L 38 1.98 -51.36 -11.29
CA LEU L 38 0.70 -51.62 -10.63
C LEU L 38 0.64 -53.12 -10.41
N ASN L 39 0.64 -53.57 -9.16
CA ASN L 39 0.69 -55.00 -8.88
C ASN L 39 -0.60 -55.78 -9.15
N PHE L 40 -0.64 -57.06 -8.74
CA PHE L 40 -1.82 -57.92 -8.95
C PHE L 40 -3.08 -57.46 -8.23
N ASP L 41 -2.93 -56.66 -7.16
CA ASP L 41 -4.00 -56.04 -6.35
C ASP L 41 -4.30 -54.59 -6.80
N GLY L 42 -3.54 -54.08 -7.76
CA GLY L 42 -3.67 -52.71 -8.24
C GLY L 42 -2.93 -51.70 -7.39
N GLU L 43 -2.05 -52.19 -6.49
CA GLU L 43 -1.25 -51.32 -5.62
C GLU L 43 0.02 -50.81 -6.34
N PRO L 44 0.30 -49.50 -6.28
CA PRO L 44 1.51 -48.98 -6.91
C PRO L 44 2.77 -49.45 -6.21
N GLN L 45 3.67 -50.07 -6.97
CA GLN L 45 4.95 -50.56 -6.47
C GLN L 45 6.11 -49.75 -7.11
N PRO L 46 6.81 -48.92 -6.31
CA PRO L 46 7.94 -48.15 -6.87
C PRO L 46 9.13 -49.03 -7.21
N TYR L 47 9.83 -48.70 -8.31
CA TYR L 47 11.02 -49.40 -8.79
C TYR L 47 12.21 -48.42 -8.82
N PRO L 48 13.50 -48.90 -8.88
CA PRO L 48 14.64 -47.95 -8.87
C PRO L 48 14.51 -46.79 -9.83
N THR L 49 14.97 -45.63 -9.41
CA THR L 49 14.85 -44.39 -10.19
C THR L 49 15.78 -44.35 -11.38
N LEU L 50 15.39 -43.58 -12.41
CA LEU L 50 16.17 -43.37 -13.63
C LEU L 50 16.64 -41.93 -13.67
N PRO L 51 17.96 -41.66 -13.63
CA PRO L 51 18.44 -40.27 -13.78
C PRO L 51 18.05 -39.68 -15.15
N PRO L 52 17.99 -38.32 -15.29
CA PRO L 52 17.62 -37.72 -16.61
C PRO L 52 18.49 -38.21 -17.76
N GLY L 53 17.86 -38.43 -18.92
CA GLY L 53 18.52 -38.86 -20.15
C GLY L 53 19.15 -40.25 -20.19
N THR L 54 18.79 -41.14 -19.25
CA THR L 54 19.38 -42.50 -19.18
C THR L 54 18.35 -43.57 -19.51
N GLY L 55 18.86 -44.75 -19.85
CA GLY L 55 18.06 -45.93 -20.17
C GLY L 55 18.35 -47.10 -19.25
N ARG L 56 17.40 -48.03 -19.11
CA ARG L 56 17.56 -49.20 -18.28
C ARG L 56 16.75 -50.35 -18.82
N ARG L 57 17.40 -51.52 -18.97
CA ARG L 57 16.76 -52.77 -19.39
C ARG L 57 16.08 -53.38 -18.16
N ILE L 58 14.85 -53.84 -18.32
CA ILE L 58 14.10 -54.40 -17.22
C ILE L 58 13.37 -55.67 -17.66
N HIS L 59 13.31 -56.66 -16.76
CA HIS L 59 12.59 -57.89 -17.03
C HIS L 59 11.17 -57.72 -16.50
N SER L 60 10.23 -57.63 -17.42
CA SER L 60 8.84 -57.47 -17.06
C SER L 60 8.04 -58.62 -17.67
N TYR L 61 6.71 -58.48 -17.70
CA TYR L 61 5.82 -59.54 -18.17
C TYR L 61 4.74 -58.98 -19.02
N ARG L 62 4.24 -59.79 -19.96
CA ARG L 62 3.13 -59.37 -20.82
C ARG L 62 1.87 -59.03 -19.97
N GLY L 63 1.20 -57.94 -20.31
CA GLY L 63 0.00 -57.53 -19.58
C GLY L 63 0.23 -56.79 -18.28
N HIS L 64 1.51 -56.58 -17.89
CA HIS L 64 1.83 -55.82 -16.66
C HIS L 64 1.62 -54.32 -16.86
N LEU L 65 1.20 -53.61 -15.81
CA LEU L 65 0.92 -52.18 -15.93
C LEU L 65 1.95 -51.33 -15.25
N TRP L 66 2.43 -50.30 -15.99
CA TRP L 66 3.42 -49.35 -15.54
C TRP L 66 2.99 -47.91 -15.79
N LEU L 67 3.42 -47.06 -14.88
CA LEU L 67 3.31 -45.61 -14.99
C LEU L 67 4.60 -44.97 -14.48
N PHE L 68 4.85 -43.71 -14.89
CA PHE L 68 6.10 -43.01 -14.60
C PHE L 68 5.84 -41.64 -14.03
N ARG L 69 6.54 -41.33 -12.97
CA ARG L 69 6.38 -40.10 -12.24
C ARG L 69 7.75 -39.47 -12.00
N ASP L 70 7.77 -38.16 -11.69
CA ASP L 70 8.95 -37.45 -11.25
C ASP L 70 9.19 -38.07 -9.84
N ALA L 71 10.43 -38.55 -9.58
CA ALA L 71 10.79 -39.19 -8.31
C ALA L 71 10.70 -38.27 -7.07
N GLY L 72 11.02 -37.00 -7.21
CA GLY L 72 10.98 -36.08 -6.07
C GLY L 72 9.64 -35.41 -5.79
N THR L 73 8.88 -35.07 -6.84
CA THR L 73 7.64 -34.30 -6.69
C THR L 73 6.35 -35.06 -7.02
N HIS L 74 6.48 -36.24 -7.64
CA HIS L 74 5.37 -37.07 -8.12
C HIS L 74 4.59 -36.50 -9.29
N ASP L 75 5.17 -35.51 -10.01
CA ASP L 75 4.53 -34.96 -11.21
C ASP L 75 4.40 -36.09 -12.25
N GLY L 76 3.27 -36.12 -12.94
CA GLY L 76 2.96 -37.11 -13.94
C GLY L 76 3.82 -36.95 -15.18
N LEU L 77 4.26 -38.07 -15.74
CA LEU L 77 5.03 -38.06 -16.97
C LEU L 77 4.33 -38.93 -18.01
N LEU L 78 4.76 -38.79 -19.27
CA LEU L 78 4.18 -39.61 -20.34
C LEU L 78 5.12 -40.73 -20.71
N VAL L 79 4.55 -41.83 -21.19
CA VAL L 79 5.27 -42.99 -21.66
C VAL L 79 4.66 -43.39 -22.98
N ASN L 80 5.46 -43.30 -24.06
CA ASN L 80 5.04 -43.55 -25.44
C ASN L 80 3.78 -42.70 -25.78
N GLN L 81 3.78 -41.44 -25.32
CA GLN L 81 2.74 -40.40 -25.52
C GLN L 81 1.45 -40.56 -24.72
N THR L 82 1.38 -41.57 -23.86
CA THR L 82 0.22 -41.86 -23.03
C THR L 82 0.62 -42.03 -21.54
N GLU L 83 -0.37 -42.29 -20.68
CA GLU L 83 -0.19 -42.41 -19.25
C GLU L 83 0.30 -43.77 -18.80
N LEU L 84 -0.21 -44.84 -19.41
CA LEU L 84 0.12 -46.19 -19.03
C LEU L 84 0.91 -46.95 -20.08
N PHE L 85 1.87 -47.75 -19.61
CA PHE L 85 2.69 -48.61 -20.42
C PHE L 85 2.38 -50.05 -20.09
N VAL L 86 2.04 -50.84 -21.12
CA VAL L 86 1.75 -52.27 -20.97
C VAL L 86 2.77 -53.08 -21.82
N PRO L 87 3.75 -53.77 -21.16
CA PRO L 87 4.74 -54.58 -21.91
C PRO L 87 4.06 -55.64 -22.76
N SER L 88 4.40 -55.69 -24.03
CA SER L 88 3.81 -56.62 -25.01
C SER L 88 4.80 -57.73 -25.36
N LEU L 89 4.44 -58.61 -26.34
CA LEU L 89 5.31 -59.72 -26.75
C LEU L 89 6.44 -59.23 -27.65
N ASN L 90 7.69 -59.64 -27.33
CA ASN L 90 8.92 -59.29 -28.06
C ASN L 90 8.91 -60.04 -29.39
N VAL L 91 7.96 -59.67 -30.27
CA VAL L 91 7.78 -60.28 -31.59
C VAL L 91 8.74 -59.62 -32.59
N ASP L 92 10.06 -59.83 -32.39
CA ASP L 92 11.14 -59.31 -33.24
C ASP L 92 12.55 -59.66 -32.74
N GLY L 93 12.63 -60.28 -31.55
CA GLY L 93 13.90 -60.53 -30.87
C GLY L 93 14.31 -59.24 -30.16
N GLN L 94 13.48 -58.18 -30.38
CA GLN L 94 13.64 -56.82 -29.91
C GLN L 94 12.92 -56.54 -28.61
N PRO L 95 13.58 -55.74 -27.76
CA PRO L 95 12.94 -55.29 -26.52
C PRO L 95 11.92 -54.18 -26.80
N ILE L 96 10.95 -54.00 -25.89
CA ILE L 96 9.94 -52.94 -26.03
C ILE L 96 10.50 -51.68 -25.42
N PHE L 97 10.38 -50.56 -26.12
CA PHE L 97 10.81 -49.25 -25.62
C PHE L 97 9.69 -48.51 -24.91
N ALA L 98 9.93 -48.13 -23.64
CA ALA L 98 9.05 -47.27 -22.85
C ALA L 98 9.76 -45.91 -22.84
N ASN L 99 9.39 -45.06 -23.77
CA ASN L 99 9.96 -43.71 -23.93
C ASN L 99 9.25 -42.74 -23.00
N ILE L 100 9.92 -42.39 -21.88
CA ILE L 100 9.41 -41.50 -20.85
C ILE L 100 9.79 -40.10 -21.20
N THR L 101 8.77 -39.21 -21.30
CA THR L 101 8.96 -37.81 -21.67
C THR L 101 8.13 -36.91 -20.78
N LEU L 102 8.46 -35.62 -20.78
CA LEU L 102 7.63 -34.64 -20.09
C LEU L 102 6.36 -34.44 -20.92
N PRO L 103 5.21 -34.28 -20.27
CA PRO L 103 4.03 -33.84 -21.03
C PRO L 103 4.15 -32.31 -21.26
N VAL L 104 3.30 -31.72 -22.10
CA VAL L 104 3.26 -30.26 -22.19
C VAL L 104 2.31 -29.86 -21.04
N TYR L 105 2.85 -29.57 -19.83
CA TYR L 105 2.00 -29.15 -18.71
C TYR L 105 1.30 -27.84 -19.04
N THR L 106 0.15 -27.57 -18.41
CA THR L 106 -0.53 -26.28 -18.57
C THR L 106 0.38 -25.26 -17.88
N LEU L 107 0.23 -23.99 -18.21
CA LEU L 107 1.03 -22.94 -17.58
C LEU L 107 0.78 -22.94 -16.05
N LYS L 108 -0.48 -23.12 -15.63
CA LYS L 108 -0.90 -23.19 -14.23
C LYS L 108 -0.20 -24.28 -13.48
N GLU L 109 -0.23 -25.53 -14.02
CA GLU L 109 0.41 -26.68 -13.41
C GLU L 109 1.92 -26.47 -13.30
N ARG L 110 2.52 -25.95 -14.37
CA ARG L 110 3.95 -25.64 -14.38
C ARG L 110 4.32 -24.64 -13.27
N CYS L 111 3.54 -23.57 -13.11
CA CYS L 111 3.70 -22.56 -12.06
C CYS L 111 3.60 -23.17 -10.67
N LEU L 112 2.60 -24.05 -10.45
CA LEU L 112 2.38 -24.74 -9.17
C LEU L 112 3.61 -25.57 -8.80
N GLN L 113 4.18 -26.31 -9.81
CA GLN L 113 5.39 -27.12 -9.64
C GLN L 113 6.55 -26.28 -9.14
N VAL L 114 6.78 -25.10 -9.76
CA VAL L 114 7.86 -24.18 -9.41
C VAL L 114 7.65 -23.58 -8.01
N VAL L 115 6.43 -23.07 -7.73
CA VAL L 115 6.10 -22.51 -6.43
C VAL L 115 6.28 -23.58 -5.32
N ARG L 116 5.81 -24.83 -5.56
CA ARG L 116 5.97 -25.94 -4.59
C ARG L 116 7.45 -26.27 -4.34
N SER L 117 8.29 -26.16 -5.38
CA SER L 117 9.73 -26.42 -5.30
C SER L 117 10.48 -25.37 -4.46
N LEU L 118 9.88 -24.16 -4.31
CA LEU L 118 10.49 -23.04 -3.59
C LEU L 118 9.93 -22.76 -2.21
N VAL L 119 8.68 -23.17 -1.97
CA VAL L 119 8.01 -22.89 -0.70
C VAL L 119 7.73 -24.19 0.06
N LYS L 120 8.12 -24.23 1.35
CA LYS L 120 7.90 -25.36 2.28
C LYS L 120 6.39 -25.45 2.52
N PRO L 121 5.78 -26.67 2.49
CA PRO L 121 4.32 -26.78 2.65
C PRO L 121 3.68 -26.04 3.84
N GLU L 122 4.44 -25.86 4.95
CA GLU L 122 4.03 -25.15 6.17
C GLU L 122 3.79 -23.68 5.86
N ASN L 123 4.49 -23.16 4.82
CA ASN L 123 4.45 -21.75 4.45
C ASN L 123 3.58 -21.39 3.26
N TYR L 124 2.82 -22.36 2.68
CA TYR L 124 1.91 -22.08 1.54
C TYR L 124 0.91 -20.95 1.88
N ARG L 125 0.37 -20.97 3.10
CA ARG L 125 -0.61 -20.00 3.61
C ARG L 125 -0.01 -18.61 3.89
N ARG L 126 1.34 -18.49 3.88
CA ARG L 126 2.05 -17.21 4.09
C ARG L 126 2.29 -16.45 2.76
N LEU L 127 2.11 -17.15 1.62
CA LEU L 127 2.20 -16.59 0.27
C LEU L 127 0.93 -15.77 0.07
N ASP L 128 1.01 -14.57 -0.57
CA ASP L 128 -0.19 -13.71 -0.76
C ASP L 128 -1.34 -14.49 -1.42
N ILE L 129 -1.45 -14.44 -2.75
CA ILE L 129 -2.43 -15.21 -3.54
C ILE L 129 -3.88 -15.30 -3.02
N VAL L 130 -4.68 -16.12 -3.66
CA VAL L 130 -6.09 -16.30 -3.36
C VAL L 130 -6.32 -17.71 -2.80
N ARG L 131 -7.39 -17.87 -1.98
CA ARG L 131 -7.77 -19.13 -1.35
C ARG L 131 -7.76 -20.31 -2.30
N SER L 132 -8.41 -20.17 -3.50
CA SER L 132 -8.46 -21.25 -4.50
C SER L 132 -7.06 -21.76 -4.87
N LEU L 133 -6.06 -20.84 -4.94
CA LEU L 133 -4.67 -21.16 -5.26
C LEU L 133 -3.89 -21.79 -4.09
N TYR L 134 -4.37 -21.68 -2.83
CA TYR L 134 -3.71 -22.35 -1.71
C TYR L 134 -4.11 -23.83 -1.82
N GLU L 135 -5.40 -24.08 -2.16
CA GLU L 135 -6.00 -25.40 -2.35
C GLU L 135 -5.30 -26.11 -3.53
N ASP L 136 -5.28 -25.50 -4.74
CA ASP L 136 -4.51 -26.04 -5.88
C ASP L 136 -3.10 -25.61 -5.47
N LEU L 137 -2.24 -26.50 -4.95
CA LEU L 137 -0.90 -26.22 -4.40
C LEU L 137 -0.67 -27.25 -3.35
N GLU L 138 -1.61 -27.33 -2.37
CA GLU L 138 -1.65 -28.31 -1.29
C GLU L 138 -2.04 -29.63 -1.95
N ASP L 139 -2.83 -29.57 -3.04
CA ASP L 139 -3.29 -30.70 -3.85
C ASP L 139 -2.15 -31.19 -4.77
N HIS L 140 -1.11 -31.76 -4.12
CA HIS L 140 0.10 -32.29 -4.74
C HIS L 140 -0.21 -33.45 -5.69
N PRO L 141 0.53 -33.57 -6.80
CA PRO L 141 0.35 -34.74 -7.69
C PRO L 141 0.52 -36.03 -6.88
N ASN L 142 -0.41 -36.96 -7.07
CA ASN L 142 -0.54 -38.19 -6.31
C ASN L 142 -0.90 -39.35 -7.24
N VAL L 143 -0.14 -40.44 -7.19
CA VAL L 143 -0.40 -41.64 -8.02
C VAL L 143 -1.83 -42.19 -7.74
N GLN L 144 -2.21 -42.34 -6.44
CA GLN L 144 -3.51 -42.86 -6.02
C GLN L 144 -4.68 -42.09 -6.62
N LYS L 145 -4.66 -40.75 -6.55
CA LYS L 145 -5.70 -39.87 -7.12
C LYS L 145 -5.75 -40.03 -8.64
N ASP L 146 -4.58 -40.10 -9.29
CA ASP L 146 -4.51 -40.31 -10.73
C ASP L 146 -5.03 -41.69 -11.14
N LEU L 147 -4.79 -42.70 -10.30
CA LEU L 147 -5.32 -44.04 -10.51
C LEU L 147 -6.84 -44.05 -10.39
N GLU L 148 -7.39 -43.22 -9.48
CA GLU L 148 -8.84 -43.04 -9.28
C GLU L 148 -9.44 -42.42 -10.55
N ARG L 149 -8.84 -41.32 -11.07
CA ARG L 149 -9.36 -40.69 -12.28
C ARG L 149 -9.29 -41.57 -13.53
N LEU L 150 -8.17 -42.31 -13.71
CA LEU L 150 -7.98 -43.25 -14.83
C LEU L 150 -9.05 -44.36 -14.79
N THR L 151 -9.34 -44.88 -13.57
CA THR L 151 -10.34 -45.92 -13.33
C THR L 151 -11.71 -45.43 -13.72
N GLN L 152 -12.07 -44.17 -13.34
CA GLN L 152 -13.36 -43.55 -13.66
C GLN L 152 -13.72 -43.50 -15.17
N GLU L 153 -12.78 -43.96 -16.02
CA GLU L 153 -12.89 -44.09 -17.48
C GLU L 153 -12.97 -45.61 -17.80
N ARG L 154 -14.21 -46.22 -17.83
CA ARG L 154 -15.52 -45.56 -17.67
C ARG L 154 -16.23 -45.92 -16.36
#